data_3W2T
#
_entry.id   3W2T
#
_cell.length_a   118.216
_cell.length_b   126.237
_cell.length_c   137.089
_cell.angle_alpha   90.00
_cell.angle_beta   90.00
_cell.angle_gamma   90.00
#
_symmetry.space_group_name_H-M   'P 21 21 21'
#
loop_
_entity.id
_entity.type
_entity.pdbx_description
1 polymer 'Dipeptidyl peptidase 4'
2 branched beta-L-fucopyranose-(1-6)-2-acetamido-2-deoxy-beta-D-glucopyranose
3 branched 2-acetamido-2-deoxy-beta-D-glucopyranose-(1-4)-2-acetamido-2-deoxy-beta-D-glucopyranose
4 non-polymer '2-{[(1r,3s,5R,7S)-3-hydroxytricyclo[3.3.1.1~3,7~]decan-1-yl]amino}-1-{(2S)-2-[(E)-iminomethyl]pyrrolidin-1-yl}ethan-1-o ne'
5 non-polymer GLYCEROL
6 non-polymer 2-acetamido-2-deoxy-beta-D-glucopyranose
7 water water
#
_entity_poly.entity_id   1
_entity_poly.type   'polypeptide(L)'
_entity_poly.pdbx_seq_one_letter_code
;DDATADSRKTYTLTDYLKNTYRLKLYSLRWISDHEYLYKQENNILVFNAEYGNSSVFLENSTFDEFGHSINDYSISPDGQ
FILLEYNYVKQWRHSYTASYDIYDLNKRQLITEERIPNNTQWVTWSPVGHKLAYVWNNDIYVKIEPNLPSYRITWTGKED
IIYNGITDWVYEEEVFSAYSALWWSPNGTFLAYAQFNDTEVPLIEYSFYSDESLQYPKTVRVPYPKAGAVNPTVKFFVVN
TDSLSSVTNATSIQITAPASMLIGDHYLCDVTWATQERISLQWLRRIQNYSVMDICDYDESSGRWNCLVARQHIEMSTTG
WVGRFRPSEPHFTLDGNSFYKIISNEEGYRHICYFQIDKKDCTFITKGTWEVIGIEALTSDYLYYISNEYKGMPGGRNLY
KIQLSDYTKVTCLSCELNPERCQYYSVSFSKEAKYYQLRCSGPGLPLYTLHSSVNDKGLRVLEDNSALDKMLQNVQMPSK
KLDFIILNETKFWYQMILPPHFDKSKKYPLLLDVYAGPCSQKADTVFRLNWATYLASTENIIVASFDGRGSGYQGDKIMH
AINRRLGTFEVEDQIEAARQFSKMGFVDNKRIAIWGWSYGGYVTSMVLGSGSGVFKCGIAVAPVSRWEYYDSVYTERYMG
LPTPEDNLDHYRNSTVMSRAENFKQVEYLLIHGTADDNVHFQQSAQISKALVDVGVDFQAMWYTDEDHGIASSTAHQHIY
THMSHFIKQCFSLPHHHHHH
;
_entity_poly.pdbx_strand_id   A,B
#
loop_
_chem_comp.id
_chem_comp.type
_chem_comp.name
_chem_comp.formula
FUL L-saccharide, beta linking beta-L-fucopyranose 'C6 H12 O5'
GOL non-polymer GLYCEROL 'C3 H8 O3'
LF7 non-polymer '2-{[(1r,3s,5R,7S)-3-hydroxytricyclo[3.3.1.1~3,7~]decan-1-yl]amino}-1-{(2S)-2-[(E)-iminomethyl]pyrrolidin-1-yl}ethan-1-o ne' 'C17 H27 N3 O2'
NAG D-saccharide, beta linking 2-acetamido-2-deoxy-beta-D-glucopyranose 'C8 H15 N O6'
#
# COMPACT_ATOMS: atom_id res chain seq x y z
N ASP A 6 -13.71 -21.36 41.77
CA ASP A 6 -14.51 -20.39 40.94
C ASP A 6 -14.84 -20.99 39.58
N SER A 7 -16.12 -20.92 39.21
CA SER A 7 -16.59 -21.47 37.95
C SER A 7 -17.47 -20.49 37.18
N ARG A 8 -17.34 -19.20 37.51
CA ARG A 8 -17.92 -18.15 36.71
C ARG A 8 -17.16 -18.04 35.38
N LYS A 9 -17.87 -17.65 34.32
CA LYS A 9 -17.24 -17.34 33.01
C LYS A 9 -16.24 -16.18 33.15
N THR A 10 -15.25 -16.19 32.26
CA THR A 10 -14.26 -15.10 32.21
C THR A 10 -14.78 -14.02 31.26
N TYR A 11 -14.10 -12.87 31.22
CA TYR A 11 -14.38 -11.85 30.22
C TYR A 11 -13.56 -12.22 28.97
N THR A 12 -14.24 -12.67 27.92
CA THR A 12 -13.58 -13.25 26.74
C THR A 12 -13.36 -12.23 25.63
N LEU A 13 -12.63 -12.67 24.59
CA LEU A 13 -12.41 -11.84 23.41
C LEU A 13 -13.73 -11.43 22.74
N THR A 14 -14.64 -12.39 22.57
CA THR A 14 -15.94 -12.07 21.97
C THR A 14 -16.70 -11.02 22.77
N ASP A 15 -16.61 -11.10 24.11
CA ASP A 15 -17.28 -10.14 24.99
C ASP A 15 -16.83 -8.72 24.67
N TYR A 16 -15.51 -8.55 24.56
CA TYR A 16 -14.94 -7.27 24.15
C TYR A 16 -15.40 -6.86 22.74
N LEU A 17 -15.15 -7.74 21.76
CA LEU A 17 -15.42 -7.43 20.34
C LEU A 17 -16.89 -7.22 20.04
N LYS A 18 -17.74 -7.89 20.84
CA LYS A 18 -19.18 -7.85 20.60
C LYS A 18 -19.95 -6.94 21.56
N ASN A 19 -19.25 -6.32 22.51
CA ASN A 19 -19.87 -5.36 23.44
C ASN A 19 -20.93 -6.02 24.30
N THR A 20 -20.66 -7.22 24.78
CA THR A 20 -21.60 -7.95 25.64
C THR A 20 -21.96 -7.10 26.88
N TYR A 21 -20.94 -6.55 27.52
CA TYR A 21 -21.13 -5.77 28.74
C TYR A 21 -20.96 -4.28 28.46
N ARG A 22 -22.09 -3.57 28.36
CA ARG A 22 -22.11 -2.18 27.90
C ARG A 22 -22.10 -1.19 29.06
N LEU A 23 -21.18 -0.23 29.01
CA LEU A 23 -21.21 0.92 29.90
C LEU A 23 -22.36 1.86 29.53
N LYS A 24 -23.26 2.08 30.49
CA LYS A 24 -24.32 3.08 30.35
C LYS A 24 -23.73 4.46 30.56
N LEU A 25 -24.16 5.41 29.72
CA LEU A 25 -23.70 6.78 29.82
C LEU A 25 -24.88 7.63 30.29
N TYR A 26 -24.63 8.90 30.55
CA TYR A 26 -25.70 9.86 30.72
C TYR A 26 -25.28 11.17 30.05
N SER A 27 -25.47 11.25 28.74
CA SER A 27 -25.05 12.42 27.97
C SER A 27 -26.18 13.41 27.88
N LEU A 28 -26.04 14.54 28.56
CA LEU A 28 -27.06 15.55 28.52
C LEU A 28 -26.51 16.79 27.81
N ARG A 29 -27.41 17.65 27.35
CA ARG A 29 -27.00 18.92 26.73
C ARG A 29 -27.78 20.05 27.37
N TRP A 30 -27.06 20.96 28.04
CA TRP A 30 -27.69 22.08 28.73
C TRP A 30 -28.18 23.08 27.69
N ILE A 31 -29.44 23.49 27.82
CA ILE A 31 -30.03 24.48 26.91
C ILE A 31 -30.27 25.80 27.60
N SER A 32 -30.09 25.81 28.93
CA SER A 32 -30.27 27.01 29.73
C SER A 32 -29.54 26.84 31.06
N ASP A 33 -29.91 27.68 32.02
CA ASP A 33 -29.40 27.52 33.36
C ASP A 33 -30.15 26.47 34.19
N HIS A 34 -31.33 26.07 33.70
CA HIS A 34 -32.29 25.26 34.46
C HIS A 34 -32.59 23.93 33.78
N GLU A 35 -32.34 23.84 32.47
CA GLU A 35 -32.81 22.70 31.68
C GLU A 35 -31.73 21.99 30.85
N TYR A 36 -31.89 20.68 30.70
CA TYR A 36 -31.04 19.94 29.78
C TYR A 36 -31.83 18.97 28.89
N LEU A 37 -31.27 18.65 27.74
CA LEU A 37 -31.88 17.65 26.86
C LEU A 37 -31.23 16.30 27.05
N TYR A 38 -32.02 15.25 26.84
CA TYR A 38 -31.53 13.88 27.00
C TYR A 38 -32.34 12.93 26.15
N LYS A 39 -31.64 12.01 25.48
CA LYS A 39 -32.25 10.95 24.65
C LYS A 39 -32.68 9.73 25.46
N GLN A 40 -33.99 9.54 25.59
CA GLN A 40 -34.59 8.33 26.17
C GLN A 40 -35.34 7.56 25.08
N GLU A 41 -34.94 6.33 24.82
CA GLU A 41 -35.52 5.47 23.75
C GLU A 41 -35.85 6.24 22.46
N ASN A 42 -34.82 6.89 21.90
CA ASN A 42 -34.90 7.73 20.69
C ASN A 42 -35.84 8.95 20.69
N ASN A 43 -36.56 9.15 21.79
CA ASN A 43 -37.23 10.41 22.04
C ASN A 43 -36.23 11.39 22.63
N ILE A 44 -36.49 12.68 22.48
CA ILE A 44 -35.68 13.68 23.13
C ILE A 44 -36.52 14.32 24.23
N LEU A 45 -36.08 14.08 25.47
CA LEU A 45 -36.74 14.68 26.63
C LEU A 45 -36.01 15.95 27.06
N VAL A 46 -36.77 16.86 27.66
CA VAL A 46 -36.21 18.03 28.32
C VAL A 46 -36.42 17.87 29.86
N PHE A 47 -35.37 18.07 30.64
CA PHE A 47 -35.43 17.89 32.09
C PHE A 47 -35.30 19.18 32.87
N ASN A 48 -36.14 19.34 33.90
CA ASN A 48 -35.93 20.38 34.90
C ASN A 48 -34.86 19.88 35.85
N ALA A 49 -33.73 20.57 35.89
CA ALA A 49 -32.64 20.24 36.80
C ALA A 49 -33.05 20.22 38.29
N GLU A 50 -33.72 21.27 38.75
CA GLU A 50 -34.13 21.41 40.17
C GLU A 50 -34.98 20.25 40.71
N TYR A 51 -35.94 19.78 39.93
CA TYR A 51 -36.90 18.79 40.40
C TYR A 51 -36.79 17.42 39.75
N GLY A 52 -36.23 17.36 38.54
CA GLY A 52 -36.01 16.09 37.85
C GLY A 52 -37.17 15.64 36.98
N ASN A 53 -38.25 16.43 36.96
CA ASN A 53 -39.38 16.16 36.05
C ASN A 53 -39.02 16.45 34.60
N SER A 54 -39.63 15.70 33.69
CA SER A 54 -39.38 15.90 32.29
C SER A 54 -40.64 16.09 31.45
N SER A 55 -40.42 16.34 30.16
CA SER A 55 -41.45 16.38 29.13
C SER A 55 -40.78 16.00 27.83
N VAL A 56 -41.58 15.61 26.85
CA VAL A 56 -41.05 15.26 25.53
C VAL A 56 -40.80 16.55 24.76
N PHE A 57 -39.54 16.75 24.37
CA PHE A 57 -39.19 17.89 23.53
C PHE A 57 -39.43 17.52 22.07
N LEU A 58 -39.06 16.30 21.71
CA LEU A 58 -39.26 15.80 20.35
C LEU A 58 -39.56 14.32 20.33
N GLU A 59 -40.79 13.97 19.95
CA GLU A 59 -41.23 12.57 19.80
C GLU A 59 -40.39 11.81 18.79
N ASN A 60 -40.05 10.57 19.14
CA ASN A 60 -39.22 9.71 18.27
C ASN A 60 -39.81 9.44 16.88
N SER A 61 -41.07 9.85 16.69
CA SER A 61 -41.81 9.54 15.48
C SER A 61 -41.83 10.68 14.46
N THR A 62 -41.43 11.88 14.88
CA THR A 62 -41.67 13.09 14.07
C THR A 62 -40.94 13.10 12.72
N PHE A 63 -39.86 12.32 12.61
CA PHE A 63 -39.08 12.28 11.36
C PHE A 63 -39.00 10.90 10.69
N ASP A 64 -40.10 10.15 10.74
CA ASP A 64 -40.24 8.91 9.98
C ASP A 64 -40.43 9.24 8.51
N GLU A 65 -41.20 10.29 8.26
CA GLU A 65 -41.48 10.80 6.92
C GLU A 65 -40.33 11.63 6.32
N PHE A 66 -39.15 11.57 6.95
CA PHE A 66 -38.02 12.42 6.55
C PHE A 66 -37.32 11.93 5.29
N GLY A 67 -37.09 10.63 5.20
CA GLY A 67 -36.51 10.03 4.00
C GLY A 67 -35.03 9.74 4.14
N HIS A 68 -34.45 10.23 5.23
CA HIS A 68 -33.04 10.06 5.52
C HIS A 68 -32.82 9.68 6.97
N SER A 69 -31.81 8.84 7.20
CA SER A 69 -31.39 8.50 8.55
C SER A 69 -30.68 9.71 9.17
N ILE A 70 -31.30 10.29 10.19
CA ILE A 70 -30.75 11.46 10.88
C ILE A 70 -29.58 11.08 11.80
N ASN A 71 -28.45 11.74 11.60
CA ASN A 71 -27.22 11.42 12.34
C ASN A 71 -27.10 12.10 13.72
N ASP A 72 -27.61 13.33 13.82
CA ASP A 72 -27.47 14.19 15.01
C ASP A 72 -28.37 15.42 14.78
N TYR A 73 -28.49 16.25 15.80
CA TYR A 73 -29.37 17.41 15.77
C TYR A 73 -28.73 18.46 16.66
N SER A 74 -29.13 19.72 16.50
CA SER A 74 -28.79 20.75 17.48
C SER A 74 -29.81 21.88 17.51
N ILE A 75 -30.13 22.32 18.70
CA ILE A 75 -31.19 23.30 18.89
C ILE A 75 -30.61 24.70 18.93
N SER A 76 -31.24 25.62 18.21
CA SER A 76 -30.84 27.02 18.29
C SER A 76 -30.95 27.43 19.76
N PRO A 77 -30.09 28.34 20.21
CA PRO A 77 -30.10 28.70 21.62
C PRO A 77 -31.41 29.29 22.14
N ASP A 78 -32.18 29.94 21.27
CA ASP A 78 -33.46 30.58 21.69
C ASP A 78 -34.63 29.58 21.67
N GLY A 79 -34.30 28.32 21.39
CA GLY A 79 -35.28 27.23 21.38
C GLY A 79 -36.19 27.19 20.16
N GLN A 80 -36.05 28.14 19.24
CA GLN A 80 -37.00 28.25 18.12
C GLN A 80 -36.77 27.29 16.94
N PHE A 81 -35.56 26.79 16.77
CA PHE A 81 -35.25 25.93 15.64
C PHE A 81 -34.39 24.73 16.04
N ILE A 82 -34.48 23.67 15.25
CA ILE A 82 -33.58 22.55 15.39
C ILE A 82 -32.88 22.22 14.07
N LEU A 83 -31.57 22.01 14.18
CA LEU A 83 -30.73 21.70 13.06
C LEU A 83 -30.57 20.19 12.99
N LEU A 84 -30.92 19.61 11.85
CA LEU A 84 -30.89 18.18 11.65
C LEU A 84 -29.77 17.87 10.70
N GLU A 85 -28.91 16.96 11.10
CA GLU A 85 -27.73 16.61 10.33
C GLU A 85 -27.87 15.18 9.78
N TYR A 86 -27.66 15.01 8.48
CA TYR A 86 -27.72 13.69 7.84
C TYR A 86 -26.71 13.62 6.71
N ASN A 87 -26.62 12.47 6.04
CA ASN A 87 -25.59 12.25 5.01
C ASN A 87 -24.19 12.50 5.58
N TYR A 88 -23.97 12.07 6.82
CA TYR A 88 -22.69 12.27 7.50
C TYR A 88 -21.60 11.47 6.81
N VAL A 89 -20.52 12.14 6.43
CA VAL A 89 -19.34 11.45 5.90
C VAL A 89 -18.07 11.85 6.65
N LYS A 90 -17.50 10.92 7.40
CA LYS A 90 -16.26 11.16 8.11
C LYS A 90 -15.15 11.73 7.21
N GLN A 91 -14.41 12.71 7.71
CA GLN A 91 -13.12 13.05 7.12
C GLN A 91 -11.95 12.63 8.03
N TRP A 92 -11.30 13.58 8.69
CA TRP A 92 -10.17 13.24 9.56
C TRP A 92 -10.63 12.99 11.01
N ARG A 93 -9.83 13.36 12.02
CA ARG A 93 -10.23 13.10 13.40
C ARG A 93 -11.51 13.82 13.83
N HIS A 94 -11.67 15.07 13.40
CA HIS A 94 -12.83 15.88 13.78
C HIS A 94 -13.70 16.29 12.58
N SER A 95 -13.09 16.41 11.39
CA SER A 95 -13.81 16.90 10.20
C SER A 95 -14.76 15.87 9.60
N TYR A 96 -15.83 16.37 8.99
CA TYR A 96 -16.78 15.56 8.24
C TYR A 96 -17.63 16.49 7.37
N THR A 97 -18.39 15.94 6.42
CA THR A 97 -19.41 16.73 5.72
C THR A 97 -20.78 16.05 5.90
N ALA A 98 -21.83 16.84 5.73
CA ALA A 98 -23.19 16.41 5.99
C ALA A 98 -24.13 17.34 5.24
N SER A 99 -25.40 16.91 5.16
CA SER A 99 -26.49 17.79 4.74
C SER A 99 -27.27 18.23 5.96
N TYR A 100 -28.03 19.30 5.81
CA TYR A 100 -28.72 19.89 6.92
C TYR A 100 -30.07 20.45 6.51
N ASP A 101 -31.07 20.17 7.33
CA ASP A 101 -32.34 20.86 7.19
C ASP A 101 -32.60 21.53 8.50
N ILE A 102 -33.38 22.60 8.46
CA ILE A 102 -33.76 23.28 9.67
C ILE A 102 -35.24 23.07 9.90
N TYR A 103 -35.58 22.63 11.11
CA TYR A 103 -36.95 22.39 11.49
C TYR A 103 -37.40 23.52 12.39
N ASP A 104 -38.49 24.17 12.00
CA ASP A 104 -39.12 25.23 12.77
C ASP A 104 -40.00 24.60 13.86
N LEU A 105 -39.56 24.68 15.11
CA LEU A 105 -40.27 24.07 16.23
C LEU A 105 -41.58 24.75 16.56
N ASN A 106 -41.75 26.00 16.13
CA ASN A 106 -42.99 26.72 16.39
C ASN A 106 -44.10 26.48 15.37
N LYS A 107 -43.75 26.50 14.08
CA LYS A 107 -44.68 26.16 13.03
C LYS A 107 -44.81 24.64 12.91
N ARG A 108 -43.95 23.93 13.64
CA ARG A 108 -43.81 22.47 13.56
C ARG A 108 -43.74 21.99 12.10
N GLN A 109 -42.87 22.65 11.34
CA GLN A 109 -42.64 22.37 9.93
C GLN A 109 -41.15 22.43 9.58
N LEU A 110 -40.76 21.66 8.57
CA LEU A 110 -39.44 21.79 7.97
C LEU A 110 -39.35 23.07 7.14
N ILE A 111 -38.14 23.59 7.00
CA ILE A 111 -37.92 24.74 6.13
C ILE A 111 -37.40 24.24 4.77
N THR A 112 -38.08 24.64 3.71
CA THR A 112 -37.79 24.14 2.36
C THR A 112 -37.20 25.22 1.46
N GLU A 113 -37.04 26.43 1.99
CA GLU A 113 -36.48 27.53 1.23
C GLU A 113 -35.08 27.91 1.69
N GLU A 114 -34.22 28.27 0.73
CA GLU A 114 -32.86 28.74 1.03
C GLU A 114 -32.14 27.77 1.95
N ARG A 115 -32.13 26.51 1.53
CA ARG A 115 -31.60 25.47 2.36
C ARG A 115 -30.08 25.52 2.43
N ILE A 116 -29.54 25.13 3.58
CA ILE A 116 -28.11 24.91 3.73
C ILE A 116 -27.73 23.94 2.63
N PRO A 117 -26.66 24.24 1.89
CA PRO A 117 -26.36 23.36 0.77
C PRO A 117 -25.85 21.99 1.20
N ASN A 118 -25.90 21.05 0.26
CA ASN A 118 -25.30 19.73 0.41
C ASN A 118 -23.78 19.91 0.47
N ASN A 119 -23.10 18.95 1.11
CA ASN A 119 -21.63 18.98 1.22
C ASN A 119 -21.13 20.17 2.04
N THR A 120 -21.90 20.56 3.03
CA THR A 120 -21.50 21.63 3.94
C THR A 120 -20.44 21.08 4.88
N GLN A 121 -19.41 21.89 5.12
CA GLN A 121 -18.24 21.44 5.87
C GLN A 121 -18.36 21.67 7.37
N TRP A 122 -19.04 22.75 7.75
CA TRP A 122 -19.28 23.07 9.14
C TRP A 122 -20.45 24.04 9.25
N VAL A 123 -21.19 23.95 10.35
CA VAL A 123 -22.28 24.88 10.61
C VAL A 123 -22.41 25.08 12.10
N THR A 124 -22.70 26.31 12.51
CA THR A 124 -22.91 26.59 13.91
C THR A 124 -23.93 27.70 14.10
N TRP A 125 -24.81 27.50 15.08
CA TRP A 125 -25.68 28.54 15.54
C TRP A 125 -24.82 29.66 16.13
N SER A 126 -25.31 30.90 16.07
CA SER A 126 -24.78 31.94 16.93
C SER A 126 -25.11 31.57 18.40
N PRO A 127 -24.39 32.14 19.37
CA PRO A 127 -24.54 31.70 20.78
C PRO A 127 -25.84 32.14 21.42
N VAL A 128 -26.50 33.12 20.81
CA VAL A 128 -27.81 33.66 21.24
C VAL A 128 -28.66 33.78 19.97
N GLY A 129 -29.98 33.61 20.12
CA GLY A 129 -30.90 33.77 18.99
C GLY A 129 -30.87 32.57 18.08
N HIS A 130 -30.86 32.82 16.77
CA HIS A 130 -30.92 31.75 15.76
C HIS A 130 -30.21 32.08 14.44
N LYS A 131 -29.14 32.90 14.51
CA LYS A 131 -28.23 33.12 13.38
C LYS A 131 -27.41 31.85 13.13
N LEU A 132 -27.03 31.65 11.87
CA LEU A 132 -26.27 30.47 11.47
C LEU A 132 -25.10 30.91 10.65
N ALA A 133 -23.95 30.29 10.91
CA ALA A 133 -22.79 30.50 10.09
C ALA A 133 -22.34 29.13 9.60
N TYR A 134 -22.05 29.03 8.32
CA TYR A 134 -21.63 27.77 7.76
C TYR A 134 -20.55 27.94 6.72
N VAL A 135 -19.82 26.87 6.49
CA VAL A 135 -18.73 26.84 5.55
C VAL A 135 -19.05 25.83 4.46
N TRP A 136 -18.94 26.27 3.20
CA TRP A 136 -19.24 25.43 2.05
C TRP A 136 -18.30 25.77 0.92
N ASN A 137 -17.75 24.75 0.27
CA ASN A 137 -16.63 24.93 -0.66
C ASN A 137 -15.57 25.92 -0.16
N ASN A 138 -15.20 25.78 1.12
CA ASN A 138 -14.11 26.53 1.76
C ASN A 138 -14.36 28.06 1.98
N ASP A 139 -15.62 28.49 1.85
CA ASP A 139 -15.98 29.89 2.09
C ASP A 139 -17.05 29.97 3.15
N ILE A 140 -17.16 31.13 3.79
CA ILE A 140 -18.05 31.32 4.92
C ILE A 140 -19.32 32.00 4.45
N TYR A 141 -20.45 31.48 4.93
CA TYR A 141 -21.75 32.07 4.71
C TYR A 141 -22.49 32.30 6.04
N VAL A 142 -23.33 33.34 6.07
CA VAL A 142 -24.14 33.65 7.25
C VAL A 142 -25.61 33.81 6.89
N LYS A 143 -26.46 33.12 7.64
CA LYS A 143 -27.91 33.31 7.58
C LYS A 143 -28.38 34.02 8.82
N ILE A 144 -29.03 35.16 8.63
CA ILE A 144 -29.62 35.90 9.74
C ILE A 144 -30.90 35.17 10.18
N GLU A 145 -31.63 34.63 9.20
CA GLU A 145 -32.86 33.88 9.45
C GLU A 145 -32.82 32.59 8.66
N PRO A 146 -33.27 31.48 9.26
CA PRO A 146 -33.22 30.14 8.69
C PRO A 146 -33.84 30.00 7.29
N ASN A 147 -34.89 30.77 7.00
CA ASN A 147 -35.59 30.65 5.71
C ASN A 147 -35.14 31.66 4.66
N LEU A 148 -34.26 32.57 5.07
CA LEU A 148 -33.81 33.68 4.23
C LEU A 148 -32.47 33.41 3.55
N PRO A 149 -32.16 34.15 2.48
CA PRO A 149 -30.92 33.86 1.76
C PRO A 149 -29.65 34.19 2.58
N SER A 150 -28.61 33.41 2.31
CA SER A 150 -27.33 33.57 2.96
C SER A 150 -26.60 34.77 2.41
N TYR A 151 -25.75 35.36 3.26
CA TYR A 151 -24.74 36.35 2.89
C TYR A 151 -23.42 35.62 2.78
N ARG A 152 -22.75 35.76 1.65
CA ARG A 152 -21.45 35.19 1.47
C ARG A 152 -20.44 36.11 2.17
N ILE A 153 -19.47 35.56 2.88
CA ILE A 153 -18.48 36.36 3.62
C ILE A 153 -17.10 36.37 2.95
N THR A 154 -16.71 35.25 2.35
CA THR A 154 -15.43 35.11 1.66
C THR A 154 -15.62 34.61 0.22
N TRP A 155 -14.74 35.04 -0.69
CA TRP A 155 -14.74 34.54 -2.07
C TRP A 155 -13.41 33.85 -2.41
N THR A 156 -12.52 33.75 -1.44
CA THR A 156 -11.21 33.18 -1.67
C THR A 156 -11.12 31.66 -1.56
N GLY A 157 -12.11 31.02 -0.98
CA GLY A 157 -12.14 29.56 -0.82
C GLY A 157 -11.60 28.77 -2.01
N LYS A 158 -10.72 27.83 -1.73
CA LYS A 158 -10.18 27.01 -2.78
C LYS A 158 -9.75 25.69 -2.22
N GLU A 159 -10.29 24.62 -2.80
CA GLU A 159 -10.06 23.25 -2.37
C GLU A 159 -8.58 22.93 -2.22
N ASP A 160 -8.18 22.48 -1.03
CA ASP A 160 -6.79 22.13 -0.69
C ASP A 160 -5.88 23.35 -0.64
N ILE A 161 -6.43 24.54 -0.80
CA ILE A 161 -5.54 25.71 -0.86
C ILE A 161 -5.88 26.82 0.12
N ILE A 162 -7.07 27.40 0.01
CA ILE A 162 -7.53 28.41 0.94
C ILE A 162 -8.69 27.83 1.70
N TYR A 163 -8.55 27.82 3.03
CA TYR A 163 -9.59 27.39 3.96
C TYR A 163 -10.03 28.58 4.79
N ASN A 164 -11.28 29.02 4.61
CA ASN A 164 -11.86 30.08 5.43
C ASN A 164 -12.82 29.51 6.48
N GLY A 165 -12.51 29.71 7.75
CA GLY A 165 -13.42 29.30 8.82
C GLY A 165 -13.39 27.81 9.14
N ILE A 166 -12.51 27.08 8.46
CA ILE A 166 -12.23 25.68 8.77
C ILE A 166 -10.73 25.50 8.79
N THR A 167 -10.27 24.49 9.50
CA THR A 167 -8.84 24.24 9.59
C THR A 167 -8.39 23.41 8.39
N ASP A 168 -7.10 23.42 8.09
CA ASP A 168 -6.50 22.42 7.19
C ASP A 168 -6.13 21.22 8.05
N TRP A 169 -5.42 20.26 7.45
CA TRP A 169 -5.17 18.98 8.12
C TRP A 169 -4.46 19.14 9.46
N VAL A 170 -3.35 19.88 9.46
CA VAL A 170 -2.47 19.95 10.62
C VAL A 170 -3.07 20.83 11.74
N TYR A 171 -3.72 21.92 11.37
CA TYR A 171 -4.40 22.76 12.35
C TYR A 171 -5.53 21.99 13.02
N GLU A 172 -6.27 21.18 12.24
CA GLU A 172 -7.31 20.34 12.81
C GLU A 172 -6.76 19.32 13.84
N GLU A 173 -5.76 18.55 13.42
CA GLU A 173 -5.21 17.49 14.26
C GLU A 173 -4.43 18.02 15.46
N GLU A 174 -3.53 18.97 15.22
CA GLU A 174 -2.52 19.38 16.21
C GLU A 174 -2.70 20.74 16.93
N VAL A 175 -3.61 21.59 16.45
CA VAL A 175 -3.69 22.92 17.02
C VAL A 175 -5.05 23.16 17.66
N PHE A 176 -6.13 22.99 16.91
CA PHE A 176 -7.46 23.32 17.43
C PHE A 176 -8.27 22.12 17.91
N SER A 177 -7.80 20.90 17.66
CA SER A 177 -8.58 19.68 17.97
C SER A 177 -10.02 19.85 17.47
N ALA A 178 -10.16 20.52 16.32
CA ALA A 178 -11.49 20.81 15.76
C ALA A 178 -11.31 21.17 14.31
N TYR A 179 -12.41 21.10 13.58
CA TYR A 179 -12.43 21.42 12.18
C TYR A 179 -12.74 22.88 12.05
N SER A 180 -13.66 23.36 12.85
CA SER A 180 -14.10 24.75 12.73
C SER A 180 -13.03 25.74 13.14
N ALA A 181 -12.98 26.82 12.39
CA ALA A 181 -12.10 27.94 12.68
C ALA A 181 -12.95 29.22 12.54
N LEU A 182 -14.11 29.21 13.18
CA LEU A 182 -14.83 30.46 13.37
C LEU A 182 -15.34 30.62 14.81
N TRP A 183 -15.55 31.87 15.24
CA TRP A 183 -15.85 32.15 16.64
C TRP A 183 -16.79 33.33 16.75
N TRP A 184 -18.05 33.04 17.05
CA TRP A 184 -19.04 34.09 17.25
C TRP A 184 -18.73 34.88 18.52
N SER A 185 -19.00 36.18 18.50
CA SER A 185 -18.89 37.01 19.69
C SER A 185 -20.05 36.65 20.63
N PRO A 186 -19.95 36.97 21.94
CA PRO A 186 -20.91 36.44 22.94
C PRO A 186 -22.41 36.65 22.64
N ASN A 187 -22.77 37.76 22.00
CA ASN A 187 -24.18 38.01 21.69
C ASN A 187 -24.46 37.93 20.17
N GLY A 188 -23.43 37.55 19.41
CA GLY A 188 -23.59 37.16 18.00
C GLY A 188 -23.44 38.27 16.98
N THR A 189 -23.09 39.46 17.46
CA THR A 189 -22.85 40.58 16.59
C THR A 189 -21.68 40.28 15.64
N PHE A 190 -20.52 39.89 16.18
CA PHE A 190 -19.35 39.67 15.32
C PHE A 190 -19.11 38.21 15.01
N LEU A 191 -18.59 37.94 13.82
CA LEU A 191 -18.11 36.59 13.55
C LEU A 191 -16.62 36.66 13.27
N ALA A 192 -15.84 36.06 14.16
CA ALA A 192 -14.42 36.01 13.97
C ALA A 192 -14.06 34.73 13.20
N TYR A 193 -13.00 34.76 12.41
CA TYR A 193 -12.57 33.52 11.72
C TYR A 193 -11.13 33.54 11.30
N ALA A 194 -10.56 32.35 11.16
CA ALA A 194 -9.20 32.22 10.68
C ALA A 194 -9.26 31.81 9.22
N GLN A 195 -8.26 32.22 8.46
CA GLN A 195 -8.10 31.78 7.07
C GLN A 195 -6.73 31.14 6.90
N PHE A 196 -6.71 29.93 6.35
CA PHE A 196 -5.48 29.17 6.18
C PHE A 196 -5.10 29.06 4.72
N ASN A 197 -3.85 29.40 4.44
CA ASN A 197 -3.28 29.31 3.09
C ASN A 197 -2.26 28.14 2.99
N ASP A 198 -2.62 27.11 2.23
CA ASP A 198 -1.75 25.93 2.09
C ASP A 198 -1.05 25.85 0.75
N THR A 199 -0.96 26.98 0.06
CA THR A 199 -0.47 27.03 -1.33
C THR A 199 0.84 26.25 -1.54
N GLU A 200 1.77 26.40 -0.62
CA GLU A 200 3.10 25.83 -0.80
C GLU A 200 3.38 24.61 0.10
N VAL A 201 2.33 24.11 0.74
CA VAL A 201 2.44 22.92 1.58
C VAL A 201 2.41 21.66 0.73
N PRO A 202 3.43 20.79 0.88
CA PRO A 202 3.51 19.57 0.05
C PRO A 202 2.36 18.62 0.37
N LEU A 203 2.06 17.75 -0.60
CA LEU A 203 0.96 16.81 -0.45
C LEU A 203 1.44 15.42 -0.05
N ILE A 204 0.77 14.83 0.94
CA ILE A 204 0.87 13.40 1.14
C ILE A 204 -0.09 12.77 0.12
N GLU A 205 0.38 11.70 -0.52
CA GLU A 205 -0.37 11.01 -1.56
C GLU A 205 -0.40 9.53 -1.22
N TYR A 206 -1.59 8.94 -1.25
CA TYR A 206 -1.72 7.51 -1.02
C TYR A 206 -2.93 6.96 -1.77
N SER A 207 -2.87 5.67 -2.08
CA SER A 207 -3.95 4.95 -2.74
C SER A 207 -5.10 4.66 -1.80
N PHE A 208 -6.31 4.73 -2.35
CA PHE A 208 -7.52 4.33 -1.69
C PHE A 208 -8.25 3.47 -2.71
N TYR A 209 -8.59 2.26 -2.30
CA TYR A 209 -9.06 1.23 -3.24
C TYR A 209 -10.57 1.19 -3.37
N SER A 210 -11.28 1.52 -2.29
CA SER A 210 -12.74 1.70 -2.32
C SER A 210 -13.44 0.35 -2.48
N ASP A 211 -14.73 0.39 -2.78
CA ASP A 211 -15.45 -0.85 -3.08
C ASP A 211 -14.77 -1.57 -4.25
N GLU A 212 -14.84 -2.89 -4.19
CA GLU A 212 -14.35 -3.80 -5.19
C GLU A 212 -14.73 -3.39 -6.64
N SER A 213 -15.85 -2.69 -6.77
CA SER A 213 -16.37 -2.27 -8.06
C SER A 213 -15.52 -1.19 -8.73
N LEU A 214 -14.72 -0.47 -7.95
CA LEU A 214 -13.86 0.58 -8.51
C LEU A 214 -12.64 0.00 -9.25
N GLN A 215 -12.54 0.30 -10.54
CA GLN A 215 -11.56 -0.35 -11.42
C GLN A 215 -10.13 0.12 -11.16
N TYR A 216 -9.96 1.45 -11.13
CA TYR A 216 -8.68 2.09 -10.86
C TYR A 216 -8.73 2.71 -9.47
N PRO A 217 -7.76 2.38 -8.60
CA PRO A 217 -7.72 2.99 -7.26
C PRO A 217 -7.60 4.50 -7.35
N LYS A 218 -8.17 5.23 -6.40
CA LYS A 218 -7.92 6.64 -6.41
C LYS A 218 -6.71 7.03 -5.55
N THR A 219 -6.07 8.12 -5.96
CA THR A 219 -5.02 8.75 -5.19
C THR A 219 -5.58 9.89 -4.34
N VAL A 220 -5.50 9.70 -3.02
CA VAL A 220 -5.85 10.72 -2.06
C VAL A 220 -4.65 11.65 -1.89
N ARG A 221 -4.91 12.95 -1.96
CA ARG A 221 -3.88 13.98 -1.91
C ARG A 221 -4.29 15.01 -0.86
N VAL A 222 -3.44 15.17 0.16
CA VAL A 222 -3.76 16.05 1.30
C VAL A 222 -2.60 16.98 1.63
N PRO A 223 -2.85 18.30 1.65
CA PRO A 223 -1.80 19.21 2.14
C PRO A 223 -1.45 18.89 3.60
N TYR A 224 -0.19 18.56 3.83
CA TYR A 224 0.26 17.95 5.06
C TYR A 224 1.73 18.30 5.12
N PRO A 225 2.11 19.19 6.05
CA PRO A 225 3.53 19.52 6.21
C PRO A 225 4.22 18.53 7.15
N LYS A 226 5.20 17.78 6.65
CA LYS A 226 6.04 16.97 7.52
C LYS A 226 7.10 17.85 8.21
N ALA A 227 7.87 17.28 9.15
CA ALA A 227 8.87 18.05 9.90
C ALA A 227 9.80 18.87 9.01
N GLY A 228 9.88 20.17 9.27
CA GLY A 228 10.81 21.03 8.56
C GLY A 228 10.34 21.55 7.20
N ALA A 229 9.18 21.08 6.74
CA ALA A 229 8.62 21.50 5.46
C ALA A 229 7.83 22.82 5.56
N VAL A 230 7.37 23.35 4.43
CA VAL A 230 6.65 24.61 4.40
C VAL A 230 5.29 24.46 5.09
N ASN A 231 5.04 25.27 6.12
CA ASN A 231 3.79 25.22 6.86
C ASN A 231 2.74 26.07 6.16
N PRO A 232 1.45 25.82 6.45
CA PRO A 232 0.42 26.79 6.08
C PRO A 232 0.67 28.11 6.81
N THR A 233 0.22 29.20 6.20
CA THR A 233 0.23 30.51 6.82
C THR A 233 -1.21 30.78 7.19
N VAL A 234 -1.43 31.78 8.03
CA VAL A 234 -2.75 31.99 8.60
C VAL A 234 -2.99 33.46 8.74
N LYS A 235 -4.25 33.85 8.59
CA LYS A 235 -4.68 35.21 8.83
C LYS A 235 -5.97 35.17 9.65
N PHE A 236 -6.22 36.25 10.36
CA PHE A 236 -7.37 36.35 11.25
C PHE A 236 -8.25 37.54 10.90
N PHE A 237 -9.56 37.35 10.85
CA PHE A 237 -10.47 38.38 10.45
C PHE A 237 -11.70 38.43 11.37
N VAL A 238 -12.35 39.58 11.41
CA VAL A 238 -13.60 39.75 12.15
C VAL A 238 -14.61 40.51 11.29
N VAL A 239 -15.80 39.94 11.08
CA VAL A 239 -16.86 40.66 10.38
C VAL A 239 -18.04 40.99 11.30
N ASN A 240 -18.65 42.14 11.10
CA ASN A 240 -19.86 42.54 11.83
C ASN A 240 -21.09 42.01 11.11
N THR A 241 -21.64 40.90 11.60
CA THR A 241 -22.79 40.28 10.95
C THR A 241 -24.06 41.13 11.02
N ASP A 242 -24.16 42.00 12.03
CA ASP A 242 -25.31 42.90 12.17
C ASP A 242 -25.38 43.91 11.02
N SER A 243 -24.26 44.15 10.36
CA SER A 243 -24.19 45.06 9.21
C SER A 243 -24.58 44.43 7.87
N LEU A 244 -24.74 43.11 7.84
CA LEU A 244 -24.93 42.36 6.59
C LEU A 244 -26.14 42.75 5.74
N SER A 245 -27.28 42.96 6.39
CA SER A 245 -28.53 43.12 5.68
C SER A 245 -28.66 44.55 5.23
N SER A 246 -27.70 45.36 5.68
CA SER A 246 -27.71 46.79 5.45
C SER A 246 -26.56 47.21 4.50
N VAL A 247 -25.62 46.30 4.30
CA VAL A 247 -24.55 46.60 3.36
C VAL A 247 -24.42 45.51 2.28
N THR A 248 -23.96 45.92 1.10
CA THR A 248 -23.80 45.03 -0.06
C THR A 248 -22.83 43.89 0.26
N ASN A 249 -21.65 44.28 0.70
CA ASN A 249 -20.55 43.38 0.94
C ASN A 249 -19.79 43.80 2.20
N ALA A 250 -20.18 43.25 3.35
CA ALA A 250 -19.57 43.59 4.66
C ALA A 250 -18.07 43.32 4.71
N THR A 251 -17.33 44.26 5.30
CA THR A 251 -15.88 44.20 5.35
C THR A 251 -15.40 43.27 6.47
N SER A 252 -14.51 42.35 6.11
CA SER A 252 -13.81 41.52 7.08
C SER A 252 -12.55 42.26 7.49
N ILE A 253 -12.52 42.72 8.74
CA ILE A 253 -11.42 43.47 9.29
C ILE A 253 -10.34 42.53 9.74
N GLN A 254 -9.12 42.75 9.26
CA GLN A 254 -8.04 41.87 9.64
C GLN A 254 -7.38 42.34 10.92
N ILE A 255 -7.06 41.38 11.78
CA ILE A 255 -6.22 41.64 12.94
C ILE A 255 -4.91 40.90 12.70
N THR A 256 -3.86 41.67 12.45
CA THR A 256 -2.56 41.10 12.14
C THR A 256 -1.84 40.61 13.41
N ALA A 257 -1.00 39.62 13.22
CA ALA A 257 -0.16 39.07 14.27
C ALA A 257 0.83 40.13 14.76
N PRO A 258 1.28 40.02 16.03
CA PRO A 258 2.32 40.94 16.52
C PRO A 258 3.65 40.84 15.77
N ALA A 259 4.44 41.92 15.83
CA ALA A 259 5.74 41.97 15.15
C ALA A 259 6.66 40.82 15.55
N SER A 260 6.64 40.45 16.84
CA SER A 260 7.49 39.39 17.35
C SER A 260 7.14 38.02 16.74
N MET A 261 5.95 37.93 16.11
CA MET A 261 5.54 36.71 15.41
C MET A 261 5.82 36.82 13.91
N LEU A 262 5.55 37.99 13.33
CA LEU A 262 5.71 38.23 11.90
C LEU A 262 7.15 38.06 11.37
N ILE A 263 8.15 38.07 12.27
CA ILE A 263 9.56 37.90 11.86
C ILE A 263 9.85 36.50 11.30
N GLY A 264 8.95 35.55 11.53
CA GLY A 264 9.19 34.18 11.14
C GLY A 264 7.91 33.38 11.03
N ASP A 265 8.05 32.06 10.88
CA ASP A 265 6.90 31.18 10.82
C ASP A 265 6.19 31.16 12.17
N HIS A 266 4.87 31.13 12.14
CA HIS A 266 4.11 31.17 13.37
C HIS A 266 2.78 30.42 13.21
N TYR A 267 2.04 30.30 14.31
CA TYR A 267 0.69 29.71 14.32
C TYR A 267 -0.29 30.58 15.09
N LEU A 268 -1.55 30.56 14.67
CA LEU A 268 -2.61 31.04 15.53
C LEU A 268 -3.02 29.87 16.42
N CYS A 269 -2.84 29.98 17.74
CA CYS A 269 -3.16 28.83 18.59
C CYS A 269 -4.35 28.97 19.53
N ASP A 270 -4.88 30.18 19.73
CA ASP A 270 -6.10 30.32 20.56
C ASP A 270 -6.90 31.55 20.19
N VAL A 271 -8.22 31.39 20.12
CA VAL A 271 -9.11 32.54 19.94
C VAL A 271 -10.16 32.47 21.04
N THR A 272 -10.33 33.56 21.77
CA THR A 272 -11.29 33.59 22.87
C THR A 272 -11.86 34.99 23.02
N TRP A 273 -13.19 35.08 22.96
CA TRP A 273 -13.84 36.37 23.12
C TRP A 273 -13.85 36.71 24.60
N ALA A 274 -13.61 37.97 24.93
CA ALA A 274 -13.64 38.45 26.32
C ALA A 274 -14.95 39.14 26.65
N THR A 275 -15.39 40.02 25.75
CA THR A 275 -16.65 40.74 25.90
C THR A 275 -17.24 40.89 24.49
N GLN A 276 -18.33 41.67 24.38
CA GLN A 276 -18.96 41.96 23.09
C GLN A 276 -18.02 42.66 22.10
N GLU A 277 -16.97 43.30 22.62
CA GLU A 277 -16.13 44.17 21.81
C GLU A 277 -14.66 43.99 22.15
N ARG A 278 -14.34 42.82 22.68
CA ARG A 278 -12.98 42.48 23.06
C ARG A 278 -12.69 41.02 22.77
N ILE A 279 -11.69 40.80 21.94
CA ILE A 279 -11.28 39.44 21.60
C ILE A 279 -9.82 39.21 21.97
N SER A 280 -9.50 38.01 22.44
CA SER A 280 -8.12 37.70 22.70
C SER A 280 -7.59 36.64 21.73
N LEU A 281 -6.36 36.85 21.28
CA LEU A 281 -5.65 35.90 20.42
C LEU A 281 -4.32 35.46 21.00
N GLN A 282 -4.03 34.17 20.93
CA GLN A 282 -2.69 33.71 21.24
C GLN A 282 -2.02 33.19 20.00
N TRP A 283 -0.78 33.62 19.82
CA TRP A 283 0.04 33.23 18.69
C TRP A 283 1.26 32.45 19.19
N LEU A 284 1.75 31.53 18.37
CA LEU A 284 2.86 30.68 18.75
C LEU A 284 3.91 30.64 17.63
N ARG A 285 5.15 30.96 17.95
CA ARG A 285 6.25 30.86 16.99
C ARG A 285 6.44 29.41 16.55
N ARG A 286 6.92 29.20 15.33
CA ARG A 286 7.20 27.84 14.87
C ARG A 286 8.13 27.10 15.83
N ILE A 287 9.11 27.82 16.40
CA ILE A 287 9.84 27.32 17.57
C ILE A 287 8.93 27.57 18.80
N GLN A 288 8.27 26.51 19.22
CA GLN A 288 7.11 26.59 20.10
C GLN A 288 7.41 26.85 21.59
N ASN A 289 8.42 27.66 21.88
CA ASN A 289 8.73 28.01 23.28
C ASN A 289 8.47 29.48 23.58
N TYR A 290 7.73 30.12 22.67
CA TYR A 290 7.43 31.53 22.76
C TYR A 290 6.04 31.80 22.17
N SER A 291 5.15 32.35 23.01
CA SER A 291 3.79 32.70 22.60
C SER A 291 3.39 34.08 23.10
N VAL A 292 2.49 34.71 22.36
CA VAL A 292 2.04 36.07 22.67
C VAL A 292 0.53 36.14 22.63
N MET A 293 -0.04 36.74 23.67
CA MET A 293 -1.46 37.02 23.68
C MET A 293 -1.71 38.48 23.39
N ASP A 294 -2.51 38.76 22.36
CA ASP A 294 -3.00 40.10 22.09
C ASP A 294 -4.42 40.18 22.64
N ILE A 295 -4.83 41.37 23.04
CA ILE A 295 -6.18 41.62 23.52
C ILE A 295 -6.71 42.86 22.79
N CYS A 296 -7.73 42.67 21.95
CA CYS A 296 -8.05 43.66 20.93
C CYS A 296 -9.45 44.20 21.13
N ASP A 297 -9.57 45.53 21.01
CA ASP A 297 -10.82 46.23 21.22
C ASP A 297 -11.38 46.81 19.92
N TYR A 298 -12.69 46.67 19.75
CA TYR A 298 -13.35 47.31 18.64
C TYR A 298 -13.33 48.82 18.82
N ASP A 299 -12.82 49.52 17.82
CA ASP A 299 -12.85 50.98 17.77
C ASP A 299 -14.06 51.40 16.93
N GLU A 300 -15.05 51.97 17.61
CA GLU A 300 -16.36 52.26 17.04
C GLU A 300 -16.35 53.36 15.99
N SER A 301 -15.32 54.21 15.99
CA SER A 301 -15.26 55.36 15.08
C SER A 301 -14.44 55.10 13.81
N SER A 302 -13.66 54.02 13.80
CA SER A 302 -12.88 53.61 12.63
C SER A 302 -13.33 52.26 12.08
N GLY A 303 -14.21 51.59 12.82
CA GLY A 303 -14.60 50.22 12.49
C GLY A 303 -13.47 49.21 12.54
N ARG A 304 -12.40 49.55 13.25
CA ARG A 304 -11.18 48.71 13.30
C ARG A 304 -10.93 48.02 14.65
N TRP A 305 -10.00 47.06 14.64
CA TRP A 305 -9.67 46.29 15.81
C TRP A 305 -8.25 46.59 16.22
N ASN A 306 -8.09 47.10 17.44
CA ASN A 306 -6.78 47.54 17.94
C ASN A 306 -6.30 46.79 19.17
N CYS A 307 -5.05 46.35 19.14
CA CYS A 307 -4.47 45.55 20.22
C CYS A 307 -3.33 46.35 20.88
N LEU A 308 -3.64 46.92 22.04
CA LEU A 308 -2.68 47.76 22.76
C LEU A 308 -1.56 46.88 23.27
N VAL A 309 -0.33 47.34 23.07
CA VAL A 309 0.83 46.59 23.50
C VAL A 309 0.87 46.48 25.04
N ALA A 310 0.29 47.47 25.72
CA ALA A 310 0.13 47.43 27.18
C ALA A 310 -0.69 46.21 27.64
N ARG A 311 -1.46 45.62 26.71
CA ARG A 311 -2.34 44.51 27.01
C ARG A 311 -1.84 43.17 26.48
N GLN A 312 -0.61 43.18 25.95
CA GLN A 312 -0.05 42.00 25.32
C GLN A 312 0.67 41.16 26.37
N HIS A 313 0.41 39.85 26.41
CA HIS A 313 1.02 38.99 27.40
C HIS A 313 1.91 37.92 26.77
N ILE A 314 3.13 37.78 27.30
CA ILE A 314 4.13 36.88 26.74
C ILE A 314 4.24 35.62 27.59
N GLU A 315 4.20 34.46 26.92
CA GLU A 315 4.36 33.21 27.63
C GLU A 315 5.46 32.40 26.96
N MET A 316 6.50 32.07 27.71
CA MET A 316 7.64 31.40 27.13
C MET A 316 8.13 30.26 28.00
N SER A 317 9.09 29.50 27.48
CA SER A 317 9.64 28.41 28.25
C SER A 317 11.12 28.24 27.97
N THR A 318 11.86 28.12 29.05
CA THR A 318 13.31 27.93 29.01
C THR A 318 13.67 26.45 28.89
N THR A 319 12.80 25.58 29.40
CA THR A 319 13.07 24.13 29.49
C THR A 319 12.38 23.26 28.43
N GLY A 320 11.30 23.75 27.83
CA GLY A 320 10.60 23.00 26.80
C GLY A 320 9.76 23.86 25.88
N TRP A 321 8.60 23.34 25.51
CA TRP A 321 7.62 24.05 24.72
C TRP A 321 6.66 24.77 25.66
N VAL A 322 5.71 25.51 25.09
CA VAL A 322 4.73 26.26 25.86
C VAL A 322 3.39 25.51 25.96
N GLY A 323 2.93 25.26 27.18
CA GLY A 323 1.64 24.60 27.37
C GLY A 323 1.82 23.10 27.38
N ARG A 324 0.74 22.38 27.66
CA ARG A 324 0.80 20.92 27.62
C ARG A 324 0.95 20.45 26.16
N PHE A 325 0.03 20.89 25.30
CA PHE A 325 0.11 20.66 23.85
C PHE A 325 0.05 21.98 23.08
N ARG A 326 -0.21 23.08 23.79
CA ARG A 326 -0.39 24.42 23.23
C ARG A 326 -0.68 25.40 24.37
N PRO A 327 -0.43 26.71 24.16
CA PRO A 327 -0.78 27.63 25.24
C PRO A 327 -2.24 27.48 25.62
N SER A 328 -2.55 27.54 26.92
CA SER A 328 -3.92 27.34 27.39
C SER A 328 -4.83 28.55 27.16
N GLU A 329 -6.13 28.34 27.29
CA GLU A 329 -7.10 29.39 27.04
C GLU A 329 -7.34 30.25 28.28
N PRO A 330 -7.53 31.56 28.07
CA PRO A 330 -7.87 32.44 29.17
C PRO A 330 -9.33 32.29 29.50
N HIS A 331 -9.69 32.51 30.77
CA HIS A 331 -11.09 32.61 31.15
C HIS A 331 -11.30 34.00 31.74
N PHE A 332 -12.09 34.82 31.04
CA PHE A 332 -12.27 36.21 31.40
C PHE A 332 -13.37 36.41 32.43
N THR A 333 -13.15 37.31 33.37
CA THR A 333 -14.24 37.74 34.24
C THR A 333 -15.24 38.52 33.38
N LEU A 334 -16.49 38.60 33.84
CA LEU A 334 -17.59 39.26 33.09
C LEU A 334 -17.23 40.59 32.41
N ASP A 335 -16.58 41.49 33.14
CA ASP A 335 -16.24 42.82 32.62
C ASP A 335 -15.08 42.79 31.60
N GLY A 336 -14.46 41.63 31.42
CA GLY A 336 -13.30 41.45 30.54
C GLY A 336 -12.03 42.23 30.89
N ASN A 337 -11.88 42.65 32.15
CA ASN A 337 -10.70 43.41 32.56
C ASN A 337 -9.65 42.54 33.26
N SER A 338 -9.98 41.29 33.49
CA SER A 338 -9.01 40.37 34.03
C SER A 338 -9.37 38.94 33.61
N PHE A 339 -8.43 38.02 33.77
CA PHE A 339 -8.64 36.66 33.33
C PHE A 339 -7.74 35.68 34.09
N TYR A 340 -8.13 34.41 34.05
CA TYR A 340 -7.44 33.31 34.70
C TYR A 340 -6.90 32.39 33.65
N LYS A 341 -5.75 31.79 33.92
CA LYS A 341 -5.06 31.02 32.92
C LYS A 341 -4.13 30.03 33.60
N ILE A 342 -4.15 28.79 33.14
CA ILE A 342 -3.24 27.77 33.63
C ILE A 342 -1.89 27.97 32.98
N ILE A 343 -0.88 28.21 33.81
CA ILE A 343 0.47 28.33 33.35
C ILE A 343 1.43 27.62 34.28
N SER A 344 2.59 27.29 33.75
CA SER A 344 3.62 26.61 34.48
C SER A 344 4.24 27.60 35.46
N ASN A 345 4.23 27.28 36.75
CA ASN A 345 4.81 28.16 37.75
C ASN A 345 6.34 28.07 37.82
N GLU A 346 6.95 28.76 38.80
CA GLU A 346 8.40 28.77 38.94
C GLU A 346 9.03 27.40 39.27
N GLU A 347 8.24 26.51 39.89
CA GLU A 347 8.69 25.15 40.22
C GLU A 347 8.38 24.14 39.10
N GLY A 348 7.78 24.62 38.01
CA GLY A 348 7.40 23.73 36.89
C GLY A 348 6.03 23.06 37.00
N TYR A 349 5.19 23.49 37.94
CA TYR A 349 3.83 22.95 38.06
C TYR A 349 2.75 23.89 37.47
N ARG A 350 1.79 23.31 36.79
CA ARG A 350 0.78 24.08 36.11
C ARG A 350 -0.32 24.49 37.09
N HIS A 351 -0.51 25.81 37.20
CA HIS A 351 -1.42 26.36 38.19
C HIS A 351 -2.17 27.56 37.63
N ILE A 352 -3.23 27.96 38.33
CA ILE A 352 -4.07 29.04 37.85
C ILE A 352 -3.46 30.39 38.21
N CYS A 353 -3.22 31.21 37.20
CA CYS A 353 -2.69 32.56 37.41
C CYS A 353 -3.77 33.56 37.04
N TYR A 354 -3.84 34.65 37.80
CA TYR A 354 -4.84 35.70 37.61
C TYR A 354 -4.18 36.96 37.06
N PHE A 355 -4.69 37.46 35.94
CA PHE A 355 -4.09 38.57 35.21
C PHE A 355 -5.07 39.76 35.18
N GLN A 356 -4.55 40.98 35.33
CA GLN A 356 -5.26 42.15 34.81
C GLN A 356 -4.78 42.32 33.37
N ILE A 357 -5.70 42.68 32.47
CA ILE A 357 -5.37 42.69 31.03
C ILE A 357 -4.22 43.63 30.65
N ASP A 358 -3.97 44.66 31.46
CA ASP A 358 -2.88 45.61 31.20
C ASP A 358 -1.73 45.58 32.21
N LYS A 359 -1.57 44.46 32.93
CA LYS A 359 -0.44 44.28 33.81
C LYS A 359 0.24 42.96 33.48
N LYS A 360 1.57 43.00 33.37
CA LYS A 360 2.32 41.86 32.85
C LYS A 360 2.49 40.72 33.84
N ASP A 361 2.68 41.05 35.11
CA ASP A 361 2.87 40.01 36.13
C ASP A 361 1.52 39.56 36.67
N CYS A 362 1.30 38.26 36.70
CA CYS A 362 0.07 37.72 37.23
C CYS A 362 0.27 37.22 38.66
N THR A 363 -0.82 36.83 39.31
CA THR A 363 -0.79 36.31 40.68
C THR A 363 -1.26 34.85 40.69
N PHE A 364 -0.45 33.91 41.19
CA PHE A 364 -0.90 32.52 41.28
C PHE A 364 -1.96 32.33 42.38
N ILE A 365 -3.05 31.67 42.05
CA ILE A 365 -4.12 31.45 43.05
C ILE A 365 -4.13 29.99 43.61
N THR A 366 -3.40 29.12 42.93
CA THR A 366 -3.19 27.75 43.38
C THR A 366 -1.69 27.49 43.33
N LYS A 367 -1.26 26.52 44.12
CA LYS A 367 0.15 26.13 44.12
C LYS A 367 0.32 24.79 44.84
N GLY A 368 1.46 24.15 44.62
CA GLY A 368 1.73 22.84 45.20
C GLY A 368 2.36 21.90 44.19
N THR A 369 2.76 20.72 44.66
CA THR A 369 3.40 19.71 43.81
C THR A 369 2.31 18.77 43.27
N TRP A 370 1.48 19.33 42.40
CA TRP A 370 0.38 18.66 41.71
C TRP A 370 -0.12 19.67 40.68
N GLU A 371 -1.06 19.30 39.82
CA GLU A 371 -1.40 20.22 38.72
C GLU A 371 -2.88 20.49 38.54
N VAL A 372 -3.20 21.72 38.12
CA VAL A 372 -4.54 22.05 37.64
C VAL A 372 -4.69 21.49 36.21
N ILE A 373 -5.71 20.65 36.01
CA ILE A 373 -5.97 20.05 34.73
C ILE A 373 -6.77 20.98 33.83
N GLY A 374 -7.80 21.64 34.36
CA GLY A 374 -8.61 22.57 33.57
C GLY A 374 -9.50 23.45 34.44
N ILE A 375 -9.77 24.65 33.95
CA ILE A 375 -10.70 25.58 34.56
C ILE A 375 -12.03 25.28 33.89
N GLU A 376 -13.05 24.96 34.71
CA GLU A 376 -14.34 24.46 34.23
C GLU A 376 -15.43 25.53 34.21
N ALA A 377 -15.39 26.45 35.18
CA ALA A 377 -16.38 27.52 35.24
C ALA A 377 -15.89 28.66 36.12
N LEU A 378 -16.50 29.82 35.90
CA LEU A 378 -16.16 31.05 36.59
C LEU A 378 -17.42 31.86 36.81
N THR A 379 -17.72 32.15 38.07
CA THR A 379 -18.83 33.05 38.42
C THR A 379 -18.21 34.27 39.09
N SER A 380 -19.02 35.27 39.41
CA SER A 380 -18.52 36.44 40.18
C SER A 380 -17.84 36.08 41.51
N ASP A 381 -18.21 34.94 42.11
CA ASP A 381 -17.71 34.59 43.43
C ASP A 381 -16.73 33.42 43.46
N TYR A 382 -16.81 32.54 42.46
CA TYR A 382 -16.12 31.27 42.49
C TYR A 382 -15.52 30.86 41.16
N LEU A 383 -14.34 30.24 41.21
CA LEU A 383 -13.79 29.57 40.06
C LEU A 383 -13.73 28.07 40.38
N TYR A 384 -14.22 27.26 39.44
CA TYR A 384 -14.25 25.81 39.56
C TYR A 384 -13.25 25.21 38.59
N TYR A 385 -12.48 24.25 39.07
CA TYR A 385 -11.41 23.66 38.28
C TYR A 385 -11.20 22.20 38.66
N ILE A 386 -10.49 21.46 37.82
CA ILE A 386 -10.17 20.09 38.10
C ILE A 386 -8.67 19.93 38.31
N SER A 387 -8.29 19.20 39.35
CA SER A 387 -6.88 18.98 39.59
C SER A 387 -6.62 17.53 39.94
N ASN A 388 -5.35 17.16 39.99
CA ASN A 388 -4.95 15.88 40.54
C ASN A 388 -4.38 15.99 41.97
N GLU A 389 -4.80 17.02 42.71
CA GLU A 389 -4.30 17.25 44.08
C GLU A 389 -4.61 16.11 45.07
N TYR A 390 -5.82 15.57 45.03
CA TYR A 390 -6.28 14.62 46.03
C TYR A 390 -5.31 13.46 46.21
N LYS A 391 -4.83 13.32 47.45
CA LYS A 391 -3.96 12.22 47.89
C LYS A 391 -2.66 12.06 47.12
N GLY A 392 -2.21 13.14 46.49
CA GLY A 392 -0.97 13.16 45.71
C GLY A 392 -0.98 12.21 44.52
N MET A 393 -2.17 11.89 44.00
CA MET A 393 -2.35 10.94 42.89
C MET A 393 -2.48 11.64 41.54
N PRO A 394 -1.39 11.70 40.75
CA PRO A 394 -1.39 12.42 39.47
C PRO A 394 -2.38 11.84 38.48
N GLY A 395 -2.77 10.58 38.71
CA GLY A 395 -3.73 9.89 37.86
C GLY A 395 -5.15 9.94 38.35
N GLY A 396 -5.43 10.76 39.37
CA GLY A 396 -6.80 11.03 39.80
C GLY A 396 -7.26 12.41 39.35
N ARG A 397 -8.56 12.67 39.43
CA ARG A 397 -9.14 13.97 39.02
C ARG A 397 -10.30 14.35 39.93
N ASN A 398 -10.26 15.54 40.51
CA ASN A 398 -11.42 16.02 41.25
C ASN A 398 -11.82 17.44 40.92
N LEU A 399 -13.09 17.75 41.11
CA LEU A 399 -13.59 19.11 40.98
C LEU A 399 -13.42 19.91 42.29
N TYR A 400 -12.86 21.11 42.15
CA TYR A 400 -12.63 22.04 43.25
C TYR A 400 -13.26 23.39 42.95
N LYS A 401 -13.54 24.11 44.05
CA LYS A 401 -14.17 25.41 44.04
C LYS A 401 -13.32 26.36 44.88
N ILE A 402 -12.77 27.39 44.25
CA ILE A 402 -11.98 28.39 44.99
C ILE A 402 -12.71 29.71 45.08
N GLN A 403 -12.73 30.27 46.29
CA GLN A 403 -13.43 31.52 46.55
C GLN A 403 -12.60 32.72 46.06
N LEU A 404 -13.18 33.48 45.15
CA LEU A 404 -12.44 34.54 44.48
C LEU A 404 -12.04 35.67 45.44
N SER A 405 -12.90 35.99 46.39
CA SER A 405 -12.57 37.01 47.41
C SER A 405 -11.64 36.51 48.55
N ASP A 406 -11.32 35.22 48.58
CA ASP A 406 -10.40 34.66 49.59
C ASP A 406 -9.79 33.32 49.13
N TYR A 407 -8.57 33.37 48.58
CA TYR A 407 -7.95 32.21 47.93
C TYR A 407 -7.61 31.04 48.87
N THR A 408 -7.69 31.25 50.19
CA THR A 408 -7.36 30.16 51.15
C THR A 408 -8.56 29.21 51.36
N LYS A 409 -9.69 29.61 50.79
CA LYS A 409 -10.94 28.88 50.91
C LYS A 409 -11.16 28.06 49.65
N VAL A 410 -10.72 26.80 49.72
CA VAL A 410 -10.81 25.85 48.63
C VAL A 410 -11.54 24.61 49.10
N THR A 411 -12.66 24.32 48.46
CA THR A 411 -13.46 23.16 48.78
C THR A 411 -13.30 22.15 47.66
N CYS A 412 -13.04 20.90 48.01
CA CYS A 412 -13.12 19.84 47.05
C CYS A 412 -14.56 19.40 46.95
N LEU A 413 -15.18 19.58 45.78
CA LEU A 413 -16.58 19.25 45.62
C LEU A 413 -16.86 17.76 45.38
N SER A 414 -15.85 17.01 44.95
CA SER A 414 -16.06 15.62 44.53
C SER A 414 -15.25 14.59 45.32
N CYS A 415 -14.15 15.02 45.93
CA CYS A 415 -13.22 14.11 46.64
C CYS A 415 -13.86 13.01 47.47
N GLU A 416 -14.81 13.37 48.34
CA GLU A 416 -15.35 12.44 49.33
C GLU A 416 -16.76 11.95 49.02
N LEU A 417 -17.29 12.28 47.86
CA LEU A 417 -18.60 11.77 47.48
C LEU A 417 -18.66 10.24 47.54
N ASN A 418 -17.67 9.56 46.95
CA ASN A 418 -17.51 8.10 47.06
C ASN A 418 -16.07 7.73 46.77
N PRO A 419 -15.22 7.83 47.78
CA PRO A 419 -13.79 7.82 47.53
C PRO A 419 -13.28 6.47 47.05
N GLU A 420 -13.97 5.39 47.40
CA GLU A 420 -13.55 4.05 47.03
C GLU A 420 -13.87 3.79 45.57
N ARG A 421 -15.04 4.27 45.15
CA ARG A 421 -15.54 4.07 43.80
C ARG A 421 -15.13 5.17 42.79
N CYS A 422 -14.89 6.39 43.28
CA CYS A 422 -14.73 7.54 42.39
C CYS A 422 -13.53 8.42 42.67
N GLN A 423 -12.51 8.28 41.84
CA GLN A 423 -11.28 9.03 41.96
C GLN A 423 -11.00 9.81 40.67
N TYR A 424 -11.90 9.71 39.70
CA TYR A 424 -11.66 10.35 38.41
C TYR A 424 -12.92 11.02 37.88
N TYR A 425 -12.95 12.35 37.98
CA TYR A 425 -14.15 13.12 37.65
C TYR A 425 -13.97 14.07 36.48
N SER A 426 -15.05 14.28 35.75
CA SER A 426 -15.17 15.46 34.89
C SER A 426 -16.53 16.03 35.17
N VAL A 427 -16.79 17.23 34.68
CA VAL A 427 -17.98 17.95 35.09
C VAL A 427 -18.61 18.66 33.89
N SER A 428 -19.92 18.89 33.98
CA SER A 428 -20.66 19.69 33.01
C SER A 428 -21.61 20.70 33.68
N PHE A 429 -21.28 21.98 33.56
CA PHE A 429 -22.08 23.04 34.18
C PHE A 429 -23.21 23.51 33.29
N SER A 430 -24.34 23.85 33.91
CA SER A 430 -25.44 24.54 33.20
C SER A 430 -24.93 25.91 32.72
N LYS A 431 -25.76 26.63 31.96
CA LYS A 431 -25.33 27.83 31.23
C LYS A 431 -24.72 28.95 32.07
N GLU A 432 -25.27 29.22 33.25
CA GLU A 432 -24.60 30.14 34.18
C GLU A 432 -24.15 29.43 35.47
N ALA A 433 -23.72 28.17 35.32
CA ALA A 433 -23.15 27.39 36.42
C ALA A 433 -24.09 27.21 37.63
N LYS A 434 -25.39 27.18 37.37
CA LYS A 434 -26.35 26.97 38.46
C LYS A 434 -26.39 25.50 38.88
N TYR A 435 -26.17 24.61 37.92
CA TYR A 435 -26.13 23.18 38.24
C TYR A 435 -24.89 22.56 37.67
N TYR A 436 -24.53 21.39 38.16
CA TYR A 436 -23.46 20.64 37.54
C TYR A 436 -23.64 19.15 37.61
N GLN A 437 -23.32 18.50 36.50
CA GLN A 437 -23.29 17.05 36.39
C GLN A 437 -21.86 16.61 36.67
N LEU A 438 -21.72 15.69 37.59
CA LEU A 438 -20.44 15.09 37.80
C LEU A 438 -20.43 13.75 37.07
N ARG A 439 -19.34 13.49 36.38
CA ARG A 439 -19.17 12.21 35.72
C ARG A 439 -17.96 11.52 36.33
N CYS A 440 -18.22 10.54 37.17
CA CYS A 440 -17.16 9.69 37.74
C CYS A 440 -16.90 8.55 36.77
N SER A 441 -15.64 8.28 36.45
CA SER A 441 -15.34 7.21 35.47
C SER A 441 -14.36 6.17 35.98
N GLY A 442 -14.12 6.13 37.29
CA GLY A 442 -13.32 5.07 37.90
C GLY A 442 -12.84 5.44 39.29
N PRO A 443 -12.24 4.48 40.01
CA PRO A 443 -11.85 3.13 39.58
C PRO A 443 -12.98 2.10 39.53
N GLY A 444 -14.14 2.43 40.10
CA GLY A 444 -15.33 1.60 39.97
C GLY A 444 -16.11 1.94 38.72
N LEU A 445 -17.32 1.41 38.60
CA LEU A 445 -18.16 1.67 37.45
C LEU A 445 -18.59 3.14 37.35
N PRO A 446 -18.64 3.70 36.13
CA PRO A 446 -19.05 5.09 35.96
C PRO A 446 -20.30 5.46 36.75
N LEU A 447 -20.28 6.68 37.29
CA LEU A 447 -21.40 7.17 38.09
C LEU A 447 -21.64 8.64 37.75
N TYR A 448 -22.86 8.93 37.31
CA TYR A 448 -23.28 10.26 36.88
C TYR A 448 -24.29 10.84 37.88
N THR A 449 -23.96 12.01 38.41
CA THR A 449 -24.81 12.65 39.43
C THR A 449 -25.04 14.11 39.09
N LEU A 450 -26.22 14.61 39.48
CA LEU A 450 -26.58 16.01 39.29
C LEU A 450 -26.53 16.76 40.62
N HIS A 451 -26.03 17.99 40.59
CA HIS A 451 -25.81 18.79 41.80
C HIS A 451 -26.26 20.23 41.58
N SER A 452 -26.58 20.93 42.67
CA SER A 452 -26.95 22.33 42.55
C SER A 452 -25.87 23.21 43.15
N SER A 453 -25.48 24.25 42.42
CA SER A 453 -24.34 25.08 42.80
C SER A 453 -24.59 26.00 44.00
N VAL A 454 -25.86 26.31 44.24
CA VAL A 454 -26.24 27.25 45.27
C VAL A 454 -25.81 26.74 46.65
N ASN A 455 -25.78 25.42 46.83
CA ASN A 455 -25.51 24.77 48.10
C ASN A 455 -24.64 23.52 47.98
N ASP A 456 -24.18 23.23 46.76
CA ASP A 456 -23.40 22.02 46.44
C ASP A 456 -24.03 20.72 46.94
N LYS A 457 -25.35 20.65 46.92
CA LYS A 457 -26.05 19.47 47.39
C LYS A 457 -26.35 18.55 46.22
N GLY A 458 -26.22 17.25 46.46
CA GLY A 458 -26.56 16.23 45.47
C GLY A 458 -28.05 16.27 45.26
N LEU A 459 -28.44 16.43 44.01
CA LEU A 459 -29.84 16.46 43.66
C LEU A 459 -30.37 15.04 43.43
N ARG A 460 -29.65 14.26 42.62
CA ARG A 460 -30.02 12.86 42.32
C ARG A 460 -28.90 12.11 41.57
N VAL A 461 -28.97 10.78 41.60
CA VAL A 461 -28.11 9.92 40.79
C VAL A 461 -28.75 9.84 39.42
N LEU A 462 -28.00 10.19 38.37
CA LEU A 462 -28.55 10.13 37.02
C LEU A 462 -28.43 8.73 36.43
N GLU A 463 -27.29 8.09 36.69
CA GLU A 463 -26.99 6.78 36.12
C GLU A 463 -25.87 6.16 36.96
N ASP A 464 -26.17 5.00 37.55
CA ASP A 464 -25.20 4.33 38.44
C ASP A 464 -24.65 2.99 37.91
N ASN A 465 -25.18 2.54 36.77
CA ASN A 465 -24.69 1.31 36.13
C ASN A 465 -24.90 0.02 36.98
N SER A 466 -26.01 -0.03 37.72
CA SER A 466 -26.28 -1.19 38.57
C SER A 466 -26.59 -2.42 37.72
N ALA A 467 -27.27 -2.23 36.59
CA ALA A 467 -27.51 -3.30 35.61
C ALA A 467 -26.22 -4.04 35.24
N LEU A 468 -25.25 -3.29 34.72
CA LEU A 468 -23.92 -3.81 34.43
C LEU A 468 -23.25 -4.46 35.65
N ASP A 469 -23.29 -3.78 36.80
CA ASP A 469 -22.68 -4.32 38.01
C ASP A 469 -23.21 -5.73 38.28
N LYS A 470 -24.52 -5.89 38.15
CA LYS A 470 -25.19 -7.17 38.35
C LYS A 470 -24.57 -8.23 37.41
N MET A 471 -24.65 -7.98 36.10
CA MET A 471 -24.05 -8.88 35.10
C MET A 471 -22.60 -9.25 35.44
N LEU A 472 -21.79 -8.24 35.78
CA LEU A 472 -20.39 -8.41 36.12
C LEU A 472 -20.07 -9.28 37.37
N GLN A 473 -21.06 -9.50 38.22
CA GLN A 473 -20.92 -10.40 39.38
C GLN A 473 -20.65 -11.85 38.94
N ASN A 474 -21.40 -12.27 37.92
CA ASN A 474 -21.27 -13.59 37.28
C ASN A 474 -19.97 -13.80 36.51
N VAL A 475 -19.09 -12.79 36.47
CA VAL A 475 -17.90 -12.83 35.61
C VAL A 475 -16.64 -12.73 36.45
N GLN A 476 -15.60 -13.46 36.05
CA GLN A 476 -14.33 -13.44 36.75
C GLN A 476 -13.52 -12.22 36.32
N MET A 477 -13.94 -11.05 36.78
CA MET A 477 -13.33 -9.79 36.36
C MET A 477 -11.91 -9.62 36.88
N PRO A 478 -11.03 -9.01 36.05
CA PRO A 478 -9.68 -8.68 36.53
C PRO A 478 -9.75 -7.50 37.49
N SER A 479 -8.68 -7.30 38.25
CA SER A 479 -8.56 -6.11 39.09
C SER A 479 -7.47 -5.20 38.56
N LYS A 480 -7.47 -3.95 39.02
CA LYS A 480 -6.43 -3.00 38.67
C LYS A 480 -5.67 -2.52 39.91
N LYS A 481 -4.34 -2.58 39.83
CA LYS A 481 -3.47 -2.00 40.82
C LYS A 481 -2.84 -0.73 40.27
N LEU A 482 -2.97 0.37 41.02
CA LEU A 482 -2.28 1.61 40.70
C LEU A 482 -1.28 1.96 41.81
N ASP A 483 0.00 2.05 41.47
CA ASP A 483 1.05 2.33 42.44
C ASP A 483 2.24 3.06 41.81
N PHE A 484 3.34 3.15 42.54
CA PHE A 484 4.53 3.83 42.05
C PHE A 484 5.78 3.06 42.47
N ILE A 485 6.86 3.30 41.72
CA ILE A 485 8.18 2.81 42.07
C ILE A 485 9.10 4.01 42.05
N ILE A 486 10.22 3.94 42.77
CA ILE A 486 11.13 5.10 42.92
C ILE A 486 12.43 4.97 42.12
N LEU A 487 12.67 5.96 41.26
CA LEU A 487 13.87 6.04 40.45
C LEU A 487 14.51 7.40 40.64
N ASN A 488 15.79 7.40 41.04
CA ASN A 488 16.56 8.63 41.30
C ASN A 488 15.75 9.64 42.11
N GLU A 489 15.25 9.19 43.26
CA GLU A 489 14.46 10.02 44.18
C GLU A 489 13.15 10.57 43.59
N THR A 490 12.73 10.05 42.43
CA THR A 490 11.46 10.49 41.82
C THR A 490 10.43 9.36 41.75
N LYS A 491 9.17 9.68 42.08
CA LYS A 491 8.05 8.75 41.94
C LYS A 491 7.62 8.61 40.47
N PHE A 492 7.54 7.37 40.01
CA PHE A 492 6.99 7.08 38.70
C PHE A 492 5.87 6.07 38.80
N TRP A 493 4.69 6.48 38.37
CA TRP A 493 3.48 5.66 38.53
C TRP A 493 3.33 4.54 37.48
N TYR A 494 2.61 3.49 37.86
CA TYR A 494 2.34 2.39 36.96
C TYR A 494 1.00 1.80 37.32
N GLN A 495 0.38 1.11 36.36
CA GLN A 495 -0.80 0.34 36.62
C GLN A 495 -0.65 -1.07 36.07
N MET A 496 -1.46 -1.97 36.62
CA MET A 496 -1.45 -3.37 36.24
C MET A 496 -2.87 -3.86 36.20
N ILE A 497 -3.25 -4.44 35.07
CA ILE A 497 -4.50 -5.17 34.98
C ILE A 497 -4.10 -6.59 35.36
N LEU A 498 -4.61 -7.02 36.51
CA LEU A 498 -4.21 -8.30 37.11
C LEU A 498 -5.28 -9.38 36.92
N PRO A 499 -4.87 -10.61 36.54
CA PRO A 499 -5.84 -11.67 36.38
C PRO A 499 -6.68 -11.89 37.65
N PRO A 500 -7.91 -12.40 37.52
CA PRO A 500 -8.70 -12.71 38.71
C PRO A 500 -7.98 -13.75 39.56
N HIS A 501 -8.18 -13.75 40.87
CA HIS A 501 -7.46 -14.68 41.77
C HIS A 501 -5.95 -14.54 41.68
N PHE A 502 -5.49 -13.30 41.48
CA PHE A 502 -4.06 -13.06 41.30
C PHE A 502 -3.25 -13.57 42.49
N ASP A 503 -2.24 -14.38 42.19
CA ASP A 503 -1.41 -15.03 43.19
C ASP A 503 0.06 -14.64 43.06
N LYS A 504 0.53 -13.81 43.98
CA LYS A 504 1.91 -13.32 44.01
C LYS A 504 2.99 -14.40 44.05
N SER A 505 2.60 -15.62 44.41
CA SER A 505 3.55 -16.73 44.53
C SER A 505 3.89 -17.30 43.16
N LYS A 506 2.97 -17.13 42.22
CA LYS A 506 3.11 -17.63 40.84
C LYS A 506 3.76 -16.62 39.88
N LYS A 507 4.27 -17.12 38.76
CA LYS A 507 4.90 -16.30 37.73
C LYS A 507 3.95 -16.14 36.55
N TYR A 508 3.76 -14.90 36.09
CA TYR A 508 2.76 -14.60 35.06
C TYR A 508 3.40 -14.00 33.82
N PRO A 509 2.88 -14.36 32.64
CA PRO A 509 3.27 -13.58 31.46
C PRO A 509 2.86 -12.13 31.63
N LEU A 510 3.73 -11.23 31.20
CA LEU A 510 3.43 -9.80 31.21
C LEU A 510 3.43 -9.15 29.80
N LEU A 511 2.37 -8.39 29.52
CA LEU A 511 2.30 -7.51 28.39
C LEU A 511 2.44 -6.05 28.85
N LEU A 512 3.43 -5.34 28.32
CA LEU A 512 3.59 -3.93 28.61
C LEU A 512 2.86 -3.12 27.54
N ASP A 513 1.74 -2.51 27.95
CA ASP A 513 0.90 -1.67 27.11
C ASP A 513 1.44 -0.24 27.15
N VAL A 514 2.01 0.21 26.04
CA VAL A 514 2.78 1.45 26.01
C VAL A 514 2.16 2.52 25.10
N TYR A 515 2.24 3.76 25.56
CA TYR A 515 2.00 4.88 24.69
C TYR A 515 3.20 5.78 24.84
N ALA A 516 3.26 6.53 25.95
CA ALA A 516 4.47 7.23 26.41
C ALA A 516 4.90 8.45 25.59
N GLY A 517 3.96 9.01 24.83
CA GLY A 517 4.20 10.30 24.20
C GLY A 517 4.30 11.41 25.24
N PRO A 518 4.75 12.60 24.83
CA PRO A 518 4.93 13.71 25.76
C PRO A 518 3.60 14.16 26.32
N CYS A 519 3.56 14.34 27.64
CA CYS A 519 2.36 14.68 28.41
C CYS A 519 1.28 13.60 28.39
N SER A 520 1.67 12.37 28.08
CA SER A 520 0.73 11.28 28.15
C SER A 520 0.66 10.79 29.59
N GLN A 521 -0.36 9.99 29.87
CA GLN A 521 -0.56 9.39 31.15
C GLN A 521 -1.28 8.08 30.91
N LYS A 522 -0.57 6.97 31.12
CA LYS A 522 -1.17 5.64 31.00
C LYS A 522 -1.45 4.96 32.35
N ALA A 523 -1.04 5.60 33.45
CA ALA A 523 -1.38 5.06 34.77
C ALA A 523 -2.37 5.98 35.47
N ASP A 524 -3.61 5.50 35.65
CA ASP A 524 -4.67 6.33 36.18
C ASP A 524 -5.77 5.51 36.82
N THR A 525 -6.83 6.18 37.27
CA THR A 525 -7.90 5.52 38.04
C THR A 525 -9.14 5.25 37.23
N VAL A 526 -9.03 5.28 35.90
CA VAL A 526 -10.19 5.11 35.05
C VAL A 526 -10.53 3.62 34.92
N PHE A 527 -11.82 3.31 34.94
CA PHE A 527 -12.32 1.96 34.72
C PHE A 527 -12.47 1.69 33.24
N ARG A 528 -11.84 0.65 32.73
CA ARG A 528 -11.96 0.34 31.31
C ARG A 528 -12.31 -1.12 31.01
N LEU A 529 -13.17 -1.30 30.01
CA LEU A 529 -13.47 -2.61 29.47
C LEU A 529 -12.85 -2.68 28.08
N ASN A 530 -11.69 -3.32 27.99
CA ASN A 530 -10.92 -3.32 26.76
C ASN A 530 -10.18 -4.65 26.50
N TRP A 531 -9.26 -4.63 25.54
CA TRP A 531 -8.52 -5.84 25.17
C TRP A 531 -7.72 -6.36 26.34
N ALA A 532 -7.12 -5.45 27.11
CA ALA A 532 -6.43 -5.81 28.34
C ALA A 532 -7.33 -6.59 29.30
N THR A 533 -8.61 -6.22 29.37
CA THR A 533 -9.57 -6.89 30.26
C THR A 533 -9.67 -8.39 29.92
N TYR A 534 -9.81 -8.68 28.62
CA TYR A 534 -9.79 -10.05 28.14
C TYR A 534 -8.46 -10.76 28.43
N LEU A 535 -7.34 -10.11 28.16
CA LEU A 535 -6.04 -10.74 28.33
C LEU A 535 -5.78 -11.13 29.80
N ALA A 536 -6.16 -10.26 30.73
CA ALA A 536 -5.97 -10.57 32.15
C ALA A 536 -7.02 -11.59 32.59
N SER A 537 -8.27 -11.40 32.17
CA SER A 537 -9.37 -12.25 32.64
C SER A 537 -9.34 -13.68 32.08
N THR A 538 -9.19 -13.82 30.76
CA THR A 538 -9.26 -15.12 30.11
C THR A 538 -7.88 -15.77 29.94
N GLU A 539 -6.86 -14.99 29.58
CA GLU A 539 -5.53 -15.53 29.25
C GLU A 539 -4.55 -15.49 30.41
N ASN A 540 -4.99 -14.91 31.53
CA ASN A 540 -4.14 -14.76 32.73
C ASN A 540 -2.83 -14.04 32.49
N ILE A 541 -2.87 -13.03 31.64
CA ILE A 541 -1.73 -12.14 31.39
C ILE A 541 -1.85 -10.90 32.26
N ILE A 542 -0.74 -10.44 32.82
CA ILE A 542 -0.74 -9.15 33.48
C ILE A 542 -0.47 -8.09 32.41
N VAL A 543 -1.36 -7.10 32.30
CA VAL A 543 -1.17 -6.00 31.37
C VAL A 543 -0.78 -4.72 32.12
N ALA A 544 0.43 -4.27 31.87
CA ALA A 544 1.00 -3.16 32.60
C ALA A 544 1.26 -1.93 31.73
N SER A 545 1.18 -0.77 32.38
CA SER A 545 1.57 0.48 31.74
C SER A 545 2.37 1.33 32.72
N PHE A 546 3.21 2.21 32.20
CA PHE A 546 4.14 2.95 33.03
C PHE A 546 4.33 4.36 32.49
N ASP A 547 4.21 5.34 33.39
CA ASP A 547 4.49 6.74 33.07
C ASP A 547 5.87 7.14 33.53
N GLY A 548 6.79 7.16 32.57
CA GLY A 548 8.18 7.52 32.80
C GLY A 548 8.45 8.95 32.44
N ARG A 549 9.71 9.27 32.16
CA ARG A 549 10.06 10.63 31.75
C ARG A 549 9.30 11.06 30.47
N GLY A 550 8.92 12.34 30.41
CA GLY A 550 8.08 12.83 29.35
C GLY A 550 6.59 12.77 29.63
N SER A 551 6.17 11.97 30.61
CA SER A 551 4.73 11.82 30.91
C SER A 551 4.20 13.10 31.59
N GLY A 552 2.88 13.29 31.58
CA GLY A 552 2.29 14.57 31.97
C GLY A 552 1.73 14.66 33.38
N TYR A 553 1.25 15.85 33.72
CA TYR A 553 0.46 16.11 34.94
C TYR A 553 1.25 15.95 36.26
N GLN A 554 2.58 16.07 36.18
CA GLN A 554 3.48 15.83 37.30
C GLN A 554 4.59 16.88 37.31
N GLY A 555 4.40 17.95 36.57
CA GLY A 555 5.43 18.98 36.51
C GLY A 555 6.31 18.86 35.30
N ASP A 556 6.98 19.97 34.98
CA ASP A 556 7.82 20.10 33.79
C ASP A 556 9.14 19.32 33.93
N LYS A 557 9.57 19.08 35.16
CA LYS A 557 10.86 18.41 35.39
C LYS A 557 10.77 17.07 34.68
N ILE A 558 9.63 16.41 34.87
CA ILE A 558 9.32 15.15 34.24
C ILE A 558 8.92 15.32 32.76
N MET A 559 7.99 16.21 32.48
CA MET A 559 7.43 16.33 31.14
C MET A 559 8.46 16.75 30.11
N HIS A 560 9.28 17.73 30.47
CA HIS A 560 10.31 18.29 29.56
C HIS A 560 11.64 17.50 29.55
N ALA A 561 11.74 16.42 30.31
CA ALA A 561 12.97 15.62 30.29
C ALA A 561 13.29 15.12 28.85
N ILE A 562 12.25 14.89 28.03
CA ILE A 562 12.47 14.49 26.63
C ILE A 562 12.59 15.62 25.61
N ASN A 563 12.58 16.86 26.09
CA ASN A 563 12.72 18.01 25.19
C ASN A 563 13.87 17.83 24.20
N ARG A 564 13.55 17.99 22.91
CA ARG A 564 14.50 17.79 21.80
C ARG A 564 15.09 16.37 21.71
N ARG A 565 14.55 15.44 22.49
CA ARG A 565 15.14 14.11 22.63
C ARG A 565 14.12 12.98 22.65
N LEU A 566 13.16 13.04 21.73
CA LEU A 566 12.20 11.95 21.52
C LEU A 566 12.93 10.68 21.12
N GLY A 567 12.46 9.55 21.63
CA GLY A 567 13.08 8.25 21.40
C GLY A 567 14.25 7.89 22.34
N THR A 568 14.32 8.54 23.49
CA THR A 568 15.40 8.28 24.44
C THR A 568 14.81 7.85 25.78
N PHE A 569 14.63 8.80 26.69
CA PHE A 569 14.28 8.49 28.08
C PHE A 569 12.94 7.78 28.22
N GLU A 570 11.98 8.16 27.39
CA GLU A 570 10.68 7.56 27.43
C GLU A 570 10.77 6.11 26.98
N VAL A 571 11.74 5.83 26.11
CA VAL A 571 11.94 4.46 25.63
C VAL A 571 12.67 3.65 26.70
N GLU A 572 13.79 4.17 27.18
CA GLU A 572 14.58 3.41 28.15
C GLU A 572 13.86 3.25 29.48
N ASP A 573 12.99 4.21 29.85
CA ASP A 573 12.20 4.06 31.08
C ASP A 573 11.14 2.96 30.99
N GLN A 574 10.63 2.67 29.79
CA GLN A 574 9.73 1.52 29.60
C GLN A 574 10.48 0.21 29.81
N ILE A 575 11.71 0.12 29.28
CA ILE A 575 12.57 -1.07 29.44
C ILE A 575 12.88 -1.27 30.93
N GLU A 576 13.23 -0.18 31.61
CA GLU A 576 13.53 -0.20 33.03
C GLU A 576 12.30 -0.61 33.83
N ALA A 577 11.12 -0.13 33.42
CA ALA A 577 9.86 -0.53 34.05
C ALA A 577 9.67 -2.05 34.04
N ALA A 578 9.93 -2.67 32.90
CA ALA A 578 9.79 -4.12 32.78
C ALA A 578 10.78 -4.85 33.69
N ARG A 579 12.00 -4.34 33.79
CA ARG A 579 13.01 -4.86 34.73
C ARG A 579 12.49 -4.84 36.16
N GLN A 580 11.95 -3.68 36.57
CA GLN A 580 11.42 -3.49 37.93
C GLN A 580 10.25 -4.41 38.22
N PHE A 581 9.44 -4.69 37.20
CA PHE A 581 8.32 -5.62 37.34
C PHE A 581 8.80 -7.07 37.53
N SER A 582 9.90 -7.43 36.85
CA SER A 582 10.62 -8.70 37.09
C SER A 582 11.05 -8.85 38.56
N LYS A 583 11.82 -7.88 39.05
CA LYS A 583 12.21 -7.84 40.48
C LYS A 583 11.05 -8.09 41.43
N MET A 584 9.83 -7.68 41.05
CA MET A 584 8.65 -7.83 41.90
C MET A 584 8.27 -9.29 42.19
N GLY A 585 8.82 -10.23 41.41
CA GLY A 585 8.73 -11.67 41.70
C GLY A 585 7.52 -12.44 41.22
N PHE A 586 6.54 -11.77 40.62
CA PHE A 586 5.39 -12.49 40.04
C PHE A 586 5.38 -12.50 38.50
N VAL A 587 6.51 -12.14 37.90
CA VAL A 587 6.59 -12.05 36.45
C VAL A 587 7.52 -13.12 35.88
N ASP A 588 6.98 -13.89 34.93
CA ASP A 588 7.77 -14.84 34.16
C ASP A 588 8.65 -14.03 33.22
N ASN A 589 9.91 -13.88 33.58
CA ASN A 589 10.80 -13.05 32.77
C ASN A 589 11.13 -13.62 31.37
N LYS A 590 10.62 -14.80 31.05
CA LYS A 590 10.78 -15.40 29.72
C LYS A 590 9.61 -15.08 28.81
N ARG A 591 8.56 -14.50 29.41
CA ARG A 591 7.33 -14.14 28.71
C ARG A 591 6.93 -12.68 28.97
N ILE A 592 7.77 -11.75 28.51
CA ILE A 592 7.45 -10.33 28.57
C ILE A 592 7.27 -9.74 27.16
N ALA A 593 6.10 -9.20 26.92
CA ALA A 593 5.74 -8.64 25.64
C ALA A 593 5.47 -7.13 25.74
N ILE A 594 5.54 -6.43 24.62
CA ILE A 594 5.30 -4.99 24.59
C ILE A 594 4.44 -4.66 23.37
N TRP A 595 3.52 -3.72 23.53
CA TRP A 595 2.72 -3.28 22.39
C TRP A 595 2.24 -1.85 22.58
N GLY A 596 1.91 -1.20 21.47
CA GLY A 596 1.35 0.13 21.48
C GLY A 596 0.90 0.59 20.10
N TRP A 597 0.15 1.67 20.10
CA TRP A 597 -0.47 2.21 18.90
C TRP A 597 0.08 3.65 18.73
N SER A 598 0.37 4.08 17.51
CA SER A 598 0.85 5.38 17.14
C SER A 598 2.09 5.71 17.91
N TYR A 599 2.07 6.60 18.88
CA TYR A 599 3.33 6.85 19.64
C TYR A 599 3.75 5.56 20.35
N GLY A 600 2.77 4.75 20.72
CA GLY A 600 3.05 3.47 21.37
C GLY A 600 3.71 2.46 20.45
N GLY A 601 3.36 2.55 19.15
CA GLY A 601 3.98 1.73 18.12
C GLY A 601 5.43 2.13 17.96
N TYR A 602 5.68 3.43 17.93
CA TYR A 602 7.05 3.92 17.86
C TYR A 602 7.87 3.39 19.04
N VAL A 603 7.35 3.56 20.25
CA VAL A 603 8.08 3.18 21.44
C VAL A 603 8.33 1.68 21.52
N THR A 604 7.28 0.90 21.30
CA THR A 604 7.38 -0.56 21.14
C THR A 604 8.49 -0.95 20.19
N SER A 605 8.47 -0.41 18.98
CA SER A 605 9.50 -0.72 17.97
C SER A 605 10.90 -0.31 18.45
N MET A 606 11.00 0.86 19.09
CA MET A 606 12.29 1.31 19.59
C MET A 606 12.79 0.36 20.70
N VAL A 607 11.87 -0.06 21.57
CA VAL A 607 12.20 -1.00 22.61
C VAL A 607 12.61 -2.35 21.99
N LEU A 608 11.82 -2.87 21.05
CA LEU A 608 12.19 -4.14 20.41
C LEU A 608 13.52 -4.08 19.65
N GLY A 609 13.89 -2.90 19.18
CA GLY A 609 15.17 -2.73 18.49
C GLY A 609 16.33 -2.31 19.38
N SER A 610 16.11 -2.23 20.69
CA SER A 610 17.16 -1.77 21.61
C SER A 610 18.27 -2.79 21.89
N GLY A 611 17.95 -4.08 21.76
CA GLY A 611 18.92 -5.12 22.09
C GLY A 611 18.95 -5.45 23.57
N SER A 612 17.92 -5.05 24.29
CA SER A 612 17.91 -5.13 25.77
C SER A 612 17.83 -6.57 26.30
N GLY A 613 17.31 -7.48 25.48
CA GLY A 613 17.08 -8.86 25.91
C GLY A 613 15.84 -9.06 26.77
N VAL A 614 15.20 -7.97 27.20
CA VAL A 614 14.06 -8.06 28.14
C VAL A 614 12.80 -8.65 27.53
N PHE A 615 12.47 -8.26 26.29
CA PHE A 615 11.18 -8.63 25.69
C PHE A 615 11.29 -9.76 24.68
N LYS A 616 10.35 -10.69 24.73
CA LYS A 616 10.33 -11.81 23.82
C LYS A 616 9.72 -11.42 22.47
N CYS A 617 8.75 -10.51 22.50
CA CYS A 617 7.95 -10.20 21.33
C CYS A 617 7.19 -8.87 21.48
N GLY A 618 6.68 -8.33 20.38
CA GLY A 618 5.91 -7.11 20.45
C GLY A 618 5.11 -6.77 19.20
N ILE A 619 4.12 -5.89 19.39
CA ILE A 619 3.20 -5.45 18.33
C ILE A 619 3.18 -3.92 18.20
N ALA A 620 3.57 -3.43 17.02
CA ALA A 620 3.45 -2.02 16.75
C ALA A 620 2.30 -1.80 15.77
N VAL A 621 1.33 -0.99 16.18
CA VAL A 621 0.22 -0.58 15.32
C VAL A 621 0.34 0.90 14.94
N ALA A 622 0.34 1.15 13.63
CA ALA A 622 0.48 2.50 13.07
C ALA A 622 1.63 3.28 13.70
N PRO A 623 2.83 2.70 13.75
CA PRO A 623 3.90 3.40 14.44
C PRO A 623 4.47 4.57 13.66
N VAL A 624 4.96 5.57 14.38
CA VAL A 624 5.92 6.48 13.79
C VAL A 624 7.22 5.66 13.65
N SER A 625 7.97 5.88 12.57
CA SER A 625 9.26 5.20 12.38
C SER A 625 10.43 6.18 12.24
N ARG A 626 10.14 7.42 11.89
CA ARG A 626 11.16 8.43 11.65
C ARG A 626 10.51 9.80 11.73
N TRP A 627 11.03 10.66 12.62
CA TRP A 627 10.35 11.91 12.93
C TRP A 627 10.14 12.85 11.75
N GLU A 628 11.03 12.78 10.77
CA GLU A 628 10.85 13.51 9.51
C GLU A 628 9.61 13.09 8.69
N TYR A 629 9.03 11.92 8.97
CA TYR A 629 7.77 11.53 8.29
C TYR A 629 6.51 12.10 8.93
N TYR A 630 6.65 12.62 10.15
CA TYR A 630 5.51 13.06 10.91
C TYR A 630 5.21 14.55 10.74
N ASP A 631 4.00 14.99 11.10
CA ASP A 631 3.63 16.39 10.88
C ASP A 631 4.52 17.43 11.64
N SER A 632 4.59 18.64 11.07
CA SER A 632 5.46 19.68 11.60
C SER A 632 5.05 20.12 13.03
N VAL A 633 3.80 20.53 13.20
CA VAL A 633 3.34 21.11 14.46
C VAL A 633 3.64 20.23 15.69
N TYR A 634 3.24 18.96 15.62
CA TYR A 634 3.49 18.03 16.69
C TYR A 634 4.98 17.76 16.85
N THR A 635 5.66 17.36 15.76
CA THR A 635 7.05 16.92 15.83
C THR A 635 7.98 18.04 16.30
N GLU A 636 7.90 19.18 15.61
CA GLU A 636 8.73 20.33 15.94
C GLU A 636 8.52 20.84 17.37
N ARG A 637 7.34 20.59 17.94
CA ARG A 637 7.08 21.05 19.30
C ARG A 637 8.14 20.45 20.22
N TYR A 638 8.50 19.19 19.97
CA TYR A 638 9.39 18.47 20.88
C TYR A 638 10.80 18.36 20.35
N MET A 639 10.97 18.47 19.03
CA MET A 639 12.22 18.12 18.37
C MET A 639 12.89 19.30 17.71
N GLY A 640 12.20 20.44 17.67
CA GLY A 640 12.67 21.59 16.91
C GLY A 640 12.77 21.25 15.43
N LEU A 641 13.67 21.93 14.70
CA LEU A 641 13.77 21.75 13.26
C LEU A 641 14.84 20.73 12.84
N PRO A 642 14.55 19.93 11.80
CA PRO A 642 15.52 18.93 11.33
C PRO A 642 16.57 19.50 10.37
N THR A 643 17.34 20.47 10.84
CA THR A 643 18.36 21.15 10.04
C THR A 643 19.70 21.01 10.76
N PRO A 644 20.83 21.11 10.02
CA PRO A 644 22.14 20.93 10.71
C PRO A 644 22.32 21.92 11.86
N GLU A 645 21.84 23.15 11.69
CA GLU A 645 21.98 24.16 12.73
C GLU A 645 21.00 24.01 13.93
N ASP A 646 19.96 23.18 13.80
CA ASP A 646 19.04 22.97 14.91
C ASP A 646 19.18 21.59 15.52
N ASN A 647 18.41 20.60 15.05
CA ASN A 647 18.39 19.30 15.73
C ASN A 647 18.42 18.06 14.80
N LEU A 648 18.85 18.23 13.55
CA LEU A 648 18.91 17.12 12.58
C LEU A 648 19.59 15.85 13.12
N ASP A 649 20.73 15.99 13.77
CA ASP A 649 21.46 14.83 14.31
C ASP A 649 20.51 13.95 15.13
N HIS A 650 19.71 14.56 16.00
CA HIS A 650 18.81 13.75 16.78
C HIS A 650 17.61 13.16 16.01
N TYR A 651 17.06 13.92 15.06
CA TYR A 651 16.07 13.40 14.11
C TYR A 651 16.58 12.12 13.43
N ARG A 652 17.84 12.15 13.01
CA ARG A 652 18.46 11.01 12.28
C ARG A 652 18.86 9.84 13.17
N ASN A 653 19.02 10.09 14.47
CA ASN A 653 19.51 9.11 15.44
C ASN A 653 18.36 8.34 16.11
N SER A 654 17.14 8.84 15.93
CA SER A 654 15.99 8.31 16.64
C SER A 654 14.99 7.58 15.74
N THR A 655 15.49 7.01 14.64
CA THR A 655 14.65 6.21 13.75
C THR A 655 14.62 4.75 14.21
N VAL A 656 13.48 4.10 13.98
CA VAL A 656 13.33 2.66 14.17
C VAL A 656 14.25 1.90 13.20
N MET A 657 14.29 2.35 11.94
CA MET A 657 15.02 1.66 10.88
C MET A 657 16.48 1.35 11.21
N SER A 658 17.16 2.31 11.85
CA SER A 658 18.58 2.14 12.20
C SER A 658 18.83 1.06 13.26
N ARG A 659 17.76 0.51 13.82
CA ARG A 659 17.84 -0.58 14.79
C ARG A 659 17.41 -1.92 14.21
N ALA A 660 17.25 -1.98 12.88
CA ALA A 660 16.77 -3.20 12.19
C ALA A 660 17.50 -4.51 12.59
N GLU A 661 18.82 -4.46 12.71
CA GLU A 661 19.61 -5.65 13.10
C GLU A 661 19.17 -6.28 14.41
N ASN A 662 18.78 -5.47 15.40
CA ASN A 662 18.41 -6.01 16.72
C ASN A 662 17.07 -6.75 16.77
N PHE A 663 16.24 -6.60 15.72
CA PHE A 663 14.96 -7.30 15.65
C PHE A 663 15.17 -8.81 15.38
N LYS A 664 16.42 -9.19 15.05
CA LYS A 664 16.80 -10.60 15.05
C LYS A 664 16.51 -11.31 16.39
N GLN A 665 16.55 -10.56 17.50
CA GLN A 665 16.37 -11.15 18.83
C GLN A 665 14.92 -11.28 19.30
N VAL A 666 13.96 -10.76 18.53
CA VAL A 666 12.57 -10.76 19.00
C VAL A 666 11.57 -11.22 17.94
N GLU A 667 10.34 -11.50 18.38
CA GLU A 667 9.22 -11.72 17.48
C GLU A 667 8.41 -10.42 17.36
N TYR A 668 8.26 -9.95 16.13
CA TYR A 668 7.65 -8.64 15.83
C TYR A 668 6.45 -8.78 14.94
N LEU A 669 5.39 -8.05 15.28
CA LEU A 669 4.21 -7.97 14.44
C LEU A 669 3.94 -6.51 14.16
N LEU A 670 3.88 -6.20 12.87
CA LEU A 670 3.72 -4.84 12.38
C LEU A 670 2.38 -4.72 11.64
N ILE A 671 1.60 -3.72 12.03
CA ILE A 671 0.24 -3.55 11.52
C ILE A 671 0.00 -2.09 11.17
N HIS A 672 -0.70 -1.82 10.05
CA HIS A 672 -0.93 -0.43 9.66
C HIS A 672 -2.10 -0.34 8.67
N GLY A 673 -2.96 0.64 8.86
CA GLY A 673 -4.03 0.90 7.87
C GLY A 673 -3.46 1.62 6.67
N THR A 674 -3.88 1.22 5.48
CA THR A 674 -3.33 1.82 4.24
C THR A 674 -3.77 3.25 4.01
N ALA A 675 -4.93 3.62 4.55
CA ALA A 675 -5.47 4.97 4.34
C ALA A 675 -5.31 5.85 5.59
N ASP A 676 -4.27 5.56 6.37
CA ASP A 676 -3.87 6.36 7.51
C ASP A 676 -3.34 7.71 7.02
N ASP A 677 -4.11 8.77 7.27
CA ASP A 677 -3.79 10.12 6.79
C ASP A 677 -2.92 10.77 7.83
N ASN A 678 -2.78 10.10 8.98
CA ASN A 678 -2.11 10.69 10.11
C ASN A 678 -0.65 10.21 10.25
N VAL A 679 -0.48 8.97 10.68
CA VAL A 679 0.81 8.30 10.61
C VAL A 679 0.76 7.54 9.30
N HIS A 680 1.51 8.01 8.31
CA HIS A 680 1.35 7.48 6.95
C HIS A 680 1.85 6.05 6.85
N PHE A 681 1.19 5.25 6.02
CA PHE A 681 1.58 3.86 5.79
C PHE A 681 3.08 3.84 5.48
N GLN A 682 3.54 4.89 4.77
CA GLN A 682 4.97 5.09 4.55
C GLN A 682 5.86 4.67 5.74
N GLN A 683 5.42 4.99 6.94
CA GLN A 683 6.24 4.87 8.12
C GLN A 683 6.54 3.41 8.43
N SER A 684 5.54 2.55 8.30
CA SER A 684 5.71 1.09 8.42
C SER A 684 6.34 0.46 7.17
N ALA A 685 6.03 1.02 6.00
CA ALA A 685 6.64 0.59 4.74
C ALA A 685 8.14 0.71 4.84
N GLN A 686 8.62 1.76 5.51
CA GLN A 686 10.08 1.90 5.70
C GLN A 686 10.65 0.96 6.77
N ILE A 687 9.85 0.62 7.79
CA ILE A 687 10.31 -0.35 8.78
C ILE A 687 10.45 -1.72 8.15
N SER A 688 9.46 -2.11 7.36
CA SER A 688 9.45 -3.44 6.78
C SER A 688 10.62 -3.56 5.81
N LYS A 689 10.87 -2.52 5.02
CA LYS A 689 11.96 -2.56 4.05
C LYS A 689 13.31 -2.73 4.74
N ALA A 690 13.50 -2.00 5.86
CA ALA A 690 14.75 -2.04 6.59
C ALA A 690 14.94 -3.41 7.22
N LEU A 691 13.84 -4.01 7.68
CA LEU A 691 13.88 -5.38 8.21
C LEU A 691 14.19 -6.45 7.14
N VAL A 692 13.54 -6.37 5.99
CA VAL A 692 13.88 -7.22 4.85
C VAL A 692 15.34 -7.02 4.46
N ASP A 693 15.79 -5.77 4.45
CA ASP A 693 17.16 -5.46 4.06
C ASP A 693 18.28 -6.11 4.89
N VAL A 694 18.01 -6.44 6.15
CA VAL A 694 19.02 -7.08 7.01
C VAL A 694 18.66 -8.52 7.33
N GLY A 695 17.65 -9.05 6.63
CA GLY A 695 17.26 -10.46 6.74
C GLY A 695 16.55 -10.84 8.04
N VAL A 696 15.69 -9.95 8.54
CA VAL A 696 14.87 -10.26 9.70
C VAL A 696 13.47 -10.75 9.31
N ASP A 697 13.10 -11.92 9.80
CA ASP A 697 11.73 -12.37 9.66
C ASP A 697 10.85 -11.73 10.74
N PHE A 698 9.61 -11.46 10.37
CA PHE A 698 8.64 -10.80 11.24
C PHE A 698 7.26 -11.07 10.67
N GLN A 699 6.23 -10.64 11.39
CA GLN A 699 4.85 -10.74 10.92
C GLN A 699 4.33 -9.36 10.55
N ALA A 700 3.44 -9.33 9.58
CA ALA A 700 2.91 -8.09 9.08
C ALA A 700 1.44 -8.26 8.77
N MET A 701 0.71 -7.15 8.91
CA MET A 701 -0.68 -7.07 8.46
C MET A 701 -1.00 -5.64 8.03
N TRP A 702 -1.54 -5.51 6.83
CA TRP A 702 -2.07 -4.23 6.38
C TRP A 702 -3.58 -4.30 6.49
N TYR A 703 -4.22 -3.15 6.68
CA TYR A 703 -5.69 -3.06 6.66
C TYR A 703 -6.15 -2.10 5.57
N THR A 704 -6.60 -2.68 4.45
CA THR A 704 -6.99 -1.93 3.26
C THR A 704 -8.03 -0.86 3.58
N ASP A 705 -7.70 0.39 3.27
CA ASP A 705 -8.63 1.53 3.36
C ASP A 705 -9.02 1.95 4.78
N GLU A 706 -8.36 1.34 5.77
CA GLU A 706 -8.50 1.76 7.18
C GLU A 706 -7.58 2.92 7.50
N ASP A 707 -8.07 3.83 8.34
CA ASP A 707 -7.26 4.97 8.71
C ASP A 707 -6.57 4.73 10.04
N HIS A 708 -6.15 5.79 10.71
CA HIS A 708 -5.39 5.65 11.94
C HIS A 708 -6.12 4.83 13.02
N GLY A 709 -7.45 4.93 13.04
CA GLY A 709 -8.26 4.25 14.05
C GLY A 709 -8.49 2.76 13.84
N ILE A 710 -8.20 2.27 12.63
CA ILE A 710 -8.53 0.89 12.27
C ILE A 710 -9.83 0.53 13.02
N ALA A 711 -10.85 1.39 12.85
CA ALA A 711 -12.02 1.41 13.72
C ALA A 711 -13.33 0.99 13.06
N SER A 712 -13.30 0.64 11.78
CA SER A 712 -14.51 0.08 11.19
C SER A 712 -14.80 -1.21 11.97
N SER A 713 -16.08 -1.50 12.10
CA SER A 713 -16.53 -2.67 12.86
C SER A 713 -15.78 -3.98 12.55
N THR A 714 -15.59 -4.28 11.27
CA THR A 714 -14.99 -5.54 10.89
C THR A 714 -13.47 -5.55 11.10
N ALA A 715 -12.83 -4.41 10.78
CA ALA A 715 -11.39 -4.29 10.91
C ALA A 715 -11.00 -4.30 12.38
N HIS A 716 -11.83 -3.65 13.21
CA HIS A 716 -11.59 -3.61 14.65
C HIS A 716 -11.56 -5.01 15.22
N GLN A 717 -12.52 -5.84 14.83
CA GLN A 717 -12.58 -7.20 15.33
C GLN A 717 -11.44 -8.02 14.77
N HIS A 718 -11.11 -7.79 13.51
CA HIS A 718 -10.08 -8.56 12.84
C HIS A 718 -8.72 -8.27 13.44
N ILE A 719 -8.41 -7.01 13.73
CA ILE A 719 -7.09 -6.67 14.24
C ILE A 719 -6.85 -7.25 15.65
N TYR A 720 -7.84 -7.13 16.52
CA TYR A 720 -7.70 -7.63 17.89
C TYR A 720 -7.68 -9.15 17.92
N THR A 721 -8.43 -9.79 17.02
CA THR A 721 -8.33 -11.23 16.82
C THR A 721 -6.91 -11.62 16.38
N HIS A 722 -6.37 -10.90 15.39
CA HIS A 722 -5.04 -11.21 14.86
C HIS A 722 -3.97 -11.05 15.93
N MET A 723 -4.10 -9.98 16.72
CA MET A 723 -3.15 -9.69 17.81
C MET A 723 -3.23 -10.68 18.96
N SER A 724 -4.45 -11.14 19.28
CA SER A 724 -4.65 -12.15 20.32
C SER A 724 -3.93 -13.45 19.96
N HIS A 725 -4.10 -13.92 18.72
CA HIS A 725 -3.40 -15.13 18.27
C HIS A 725 -1.91 -14.97 18.44
N PHE A 726 -1.39 -13.82 18.03
CA PHE A 726 0.05 -13.57 18.10
C PHE A 726 0.57 -13.58 19.53
N ILE A 727 -0.16 -12.94 20.43
CA ILE A 727 0.23 -12.89 21.84
C ILE A 727 0.22 -14.29 22.45
N LYS A 728 -0.86 -15.03 22.18
CA LYS A 728 -1.04 -16.39 22.67
C LYS A 728 0.04 -17.33 22.17
N GLN A 729 0.41 -17.18 20.90
CA GLN A 729 1.53 -17.91 20.31
C GLN A 729 2.82 -17.52 21.02
N CYS A 730 3.02 -16.22 21.22
CA CYS A 730 4.22 -15.72 21.90
C CYS A 730 4.32 -16.32 23.31
N PHE A 731 3.18 -16.55 23.94
CA PHE A 731 3.20 -16.91 25.33
C PHE A 731 3.09 -18.40 25.67
N SER A 732 2.49 -19.20 24.80
CA SER A 732 2.13 -20.56 25.21
C SER A 732 3.36 -21.49 25.35
N LEU A 733 3.25 -22.45 26.28
CA LEU A 733 4.39 -23.25 26.78
C LEU A 733 4.63 -24.60 26.08
N PRO A 734 5.90 -24.88 25.68
CA PRO A 734 6.38 -26.22 25.28
C PRO A 734 7.21 -26.90 26.38
N ASP B 6 22.62 -42.60 5.29
CA ASP B 6 23.09 -41.58 4.29
C ASP B 6 23.62 -40.36 5.01
N SER B 7 24.93 -40.18 4.96
CA SER B 7 25.59 -39.06 5.64
C SER B 7 25.65 -37.76 4.80
N ARG B 8 25.22 -37.79 3.55
CA ARG B 8 25.29 -36.59 2.68
C ARG B 8 24.33 -35.48 3.11
N LYS B 9 24.77 -34.23 2.95
CA LYS B 9 23.91 -33.06 3.08
C LYS B 9 22.71 -33.10 2.11
N THR B 10 21.60 -32.50 2.53
CA THR B 10 20.41 -32.33 1.67
C THR B 10 20.54 -31.00 0.94
N TYR B 11 19.66 -30.76 -0.04
CA TYR B 11 19.68 -29.47 -0.73
C TYR B 11 18.86 -28.51 0.13
N THR B 12 19.53 -27.54 0.75
CA THR B 12 18.87 -26.71 1.76
C THR B 12 18.28 -25.43 1.19
N LEU B 13 17.59 -24.68 2.04
CA LEU B 13 17.06 -23.37 1.70
C LEU B 13 18.17 -22.40 1.38
N THR B 14 19.25 -22.42 2.18
CA THR B 14 20.42 -21.56 1.88
C THR B 14 21.02 -21.89 0.51
N ASP B 15 21.13 -23.19 0.18
CA ASP B 15 21.66 -23.55 -1.13
C ASP B 15 20.85 -22.92 -2.27
N TYR B 16 19.53 -22.96 -2.17
CA TYR B 16 18.73 -22.34 -3.19
C TYR B 16 18.96 -20.82 -3.21
N LEU B 17 18.91 -20.20 -2.03
CA LEU B 17 18.96 -18.73 -1.91
C LEU B 17 20.32 -18.15 -2.25
N LYS B 18 21.38 -18.88 -1.90
CA LYS B 18 22.75 -18.40 -2.15
C LYS B 18 23.38 -18.98 -3.44
N ASN B 19 22.59 -19.75 -4.17
CA ASN B 19 23.03 -20.35 -5.44
C ASN B 19 24.28 -21.20 -5.32
N THR B 20 24.34 -22.03 -4.29
CA THR B 20 25.50 -22.88 -4.06
C THR B 20 25.80 -23.78 -5.26
N TYR B 21 24.76 -24.35 -5.87
CA TYR B 21 24.95 -25.22 -7.02
C TYR B 21 24.46 -24.53 -8.30
N ARG B 22 25.41 -24.20 -9.17
CA ARG B 22 25.13 -23.34 -10.32
C ARG B 22 25.14 -24.17 -11.58
N LEU B 23 24.09 -24.04 -12.39
CA LEU B 23 24.10 -24.63 -13.71
C LEU B 23 25.06 -23.85 -14.60
N LYS B 24 25.89 -24.56 -15.33
CA LYS B 24 26.75 -23.93 -16.31
C LYS B 24 26.00 -23.79 -17.62
N LEU B 25 26.21 -22.65 -18.27
CA LEU B 25 25.55 -22.34 -19.51
C LEU B 25 26.59 -22.30 -20.62
N TYR B 26 26.12 -22.06 -21.84
CA TYR B 26 27.03 -21.78 -22.95
C TYR B 26 26.24 -20.92 -23.91
N SER B 27 26.26 -19.62 -23.63
CA SER B 27 25.50 -18.65 -24.43
C SER B 27 26.39 -18.10 -25.52
N LEU B 28 26.11 -18.49 -26.75
CA LEU B 28 26.88 -17.98 -27.84
C LEU B 28 26.05 -17.00 -28.68
N ARG B 29 26.74 -16.22 -29.52
CA ARG B 29 26.07 -15.39 -30.50
C ARG B 29 26.68 -15.68 -31.86
N TRP B 30 25.88 -16.25 -32.76
CA TRP B 30 26.30 -16.42 -34.14
C TRP B 30 26.52 -15.06 -34.82
N ILE B 31 27.68 -14.88 -35.44
CA ILE B 31 27.96 -13.65 -36.21
C ILE B 31 27.98 -13.87 -37.73
N SER B 32 28.09 -15.13 -38.14
CA SER B 32 28.06 -15.48 -39.56
C SER B 32 27.53 -16.90 -39.69
N ASP B 33 27.73 -17.50 -40.85
CA ASP B 33 27.32 -18.86 -41.04
C ASP B 33 28.32 -19.84 -40.42
N HIS B 34 29.48 -19.32 -40.01
CA HIS B 34 30.65 -20.14 -39.69
C HIS B 34 31.17 -19.88 -38.29
N GLU B 35 30.85 -18.71 -37.75
CA GLU B 35 31.52 -18.25 -36.53
C GLU B 35 30.56 -17.73 -35.49
N TYR B 36 30.98 -17.84 -34.24
CA TYR B 36 30.22 -17.31 -33.12
C TYR B 36 31.09 -16.67 -32.04
N LEU B 37 30.50 -15.71 -31.35
CA LEU B 37 31.13 -15.07 -30.19
C LEU B 37 30.66 -15.74 -28.94
N TYR B 38 31.55 -15.77 -27.96
CA TYR B 38 31.30 -16.34 -26.66
C TYR B 38 32.15 -15.57 -25.64
N LYS B 39 31.51 -15.14 -24.55
CA LYS B 39 32.20 -14.44 -23.46
C LYS B 39 32.85 -15.46 -22.50
N GLN B 40 34.18 -15.43 -22.43
CA GLN B 40 34.92 -16.35 -21.56
C GLN B 40 35.96 -15.58 -20.75
N GLU B 41 35.79 -15.56 -19.41
CA GLU B 41 36.70 -14.86 -18.49
C GLU B 41 36.63 -13.34 -18.72
N ASN B 42 35.44 -12.86 -19.07
CA ASN B 42 35.19 -11.46 -19.42
C ASN B 42 35.79 -11.01 -20.77
N ASN B 43 36.64 -11.86 -21.36
CA ASN B 43 37.09 -11.72 -22.74
C ASN B 43 35.98 -12.16 -23.71
N ILE B 44 35.89 -11.52 -24.87
CA ILE B 44 35.02 -11.99 -25.94
C ILE B 44 35.88 -12.76 -26.97
N LEU B 45 35.54 -14.02 -27.20
CA LEU B 45 36.27 -14.87 -28.16
C LEU B 45 35.42 -15.13 -29.40
N VAL B 46 36.06 -15.37 -30.53
CA VAL B 46 35.38 -15.77 -31.77
C VAL B 46 35.75 -17.22 -32.05
N PHE B 47 34.73 -18.04 -32.27
CA PHE B 47 34.93 -19.46 -32.51
C PHE B 47 34.58 -19.80 -33.94
N ASN B 48 35.46 -20.60 -34.54
CA ASN B 48 35.17 -21.27 -35.76
C ASN B 48 34.40 -22.51 -35.39
N ALA B 49 33.20 -22.65 -35.96
CA ALA B 49 32.31 -23.75 -35.62
C ALA B 49 32.79 -25.13 -36.12
N GLU B 50 33.41 -25.18 -37.30
CA GLU B 50 33.82 -26.46 -37.88
C GLU B 50 34.96 -27.10 -37.07
N TYR B 51 35.92 -26.29 -36.63
CA TYR B 51 37.11 -26.85 -35.96
C TYR B 51 37.17 -26.73 -34.44
N GLY B 52 36.57 -25.68 -33.90
CA GLY B 52 36.53 -25.48 -32.47
C GLY B 52 37.57 -24.50 -31.97
N ASN B 53 38.47 -24.07 -32.86
CA ASN B 53 39.50 -23.09 -32.53
C ASN B 53 38.94 -21.68 -32.35
N SER B 54 39.64 -20.87 -31.59
CA SER B 54 39.19 -19.54 -31.29
C SER B 54 40.32 -18.51 -31.36
N SER B 55 39.93 -17.24 -31.43
CA SER B 55 40.83 -16.10 -31.26
C SER B 55 40.19 -15.14 -30.26
N VAL B 56 40.97 -14.20 -29.76
CA VAL B 56 40.43 -13.16 -28.92
C VAL B 56 39.85 -12.09 -29.82
N PHE B 57 38.64 -11.66 -29.52
CA PHE B 57 38.04 -10.59 -30.27
C PHE B 57 38.19 -9.28 -29.51
N LEU B 58 38.17 -9.37 -28.19
CA LEU B 58 38.26 -8.22 -27.31
C LEU B 58 38.75 -8.67 -25.94
N GLU B 59 39.89 -8.14 -25.51
CA GLU B 59 40.51 -8.54 -24.23
C GLU B 59 39.74 -7.96 -23.03
N ASN B 60 39.74 -8.70 -21.93
CA ASN B 60 38.97 -8.31 -20.73
C ASN B 60 39.49 -7.03 -20.05
N SER B 61 40.57 -6.47 -20.58
CA SER B 61 41.24 -5.32 -19.97
C SER B 61 41.16 -4.03 -20.82
N THR B 62 40.77 -4.14 -22.09
CA THR B 62 40.76 -2.97 -22.98
C THR B 62 39.98 -1.77 -22.42
N PHE B 63 39.04 -2.03 -21.51
CA PHE B 63 38.22 -0.96 -20.91
C PHE B 63 38.49 -0.75 -19.41
N ASP B 64 39.67 -1.18 -18.96
CA ASP B 64 40.07 -1.07 -17.56
C ASP B 64 39.99 0.35 -16.99
N GLU B 65 40.20 1.36 -17.83
CA GLU B 65 40.07 2.75 -17.37
C GLU B 65 38.84 3.46 -17.97
N PHE B 66 37.75 2.71 -18.20
CA PHE B 66 36.54 3.28 -18.76
C PHE B 66 35.81 4.21 -17.77
N GLY B 67 35.86 3.86 -16.49
CA GLY B 67 35.28 4.70 -15.44
C GLY B 67 33.82 4.42 -15.13
N HIS B 68 33.28 3.36 -15.74
CA HIS B 68 31.92 2.91 -15.50
C HIS B 68 31.93 1.38 -15.56
N SER B 69 31.00 0.74 -14.87
CA SER B 69 30.80 -0.70 -15.09
C SER B 69 29.92 -0.91 -16.33
N ILE B 70 30.50 -1.62 -17.30
CA ILE B 70 29.80 -2.02 -18.50
C ILE B 70 28.74 -3.05 -18.12
N ASN B 71 27.48 -2.72 -18.34
CA ASN B 71 26.40 -3.67 -18.13
C ASN B 71 26.40 -4.78 -19.18
N ASP B 72 26.64 -4.40 -20.44
CA ASP B 72 26.59 -5.33 -21.58
C ASP B 72 27.24 -4.68 -22.80
N TYR B 73 27.34 -5.45 -23.87
CA TYR B 73 28.02 -5.05 -25.09
C TYR B 73 27.24 -5.56 -26.29
N SER B 74 27.37 -4.90 -27.42
CA SER B 74 26.71 -5.32 -28.64
C SER B 74 27.64 -4.99 -29.82
N ILE B 75 28.22 -6.03 -30.40
CA ILE B 75 29.15 -5.87 -31.51
C ILE B 75 28.37 -5.68 -32.81
N SER B 76 28.73 -4.65 -33.58
CA SER B 76 28.06 -4.41 -34.86
C SER B 76 28.20 -5.66 -35.72
N PRO B 77 27.25 -5.89 -36.65
CA PRO B 77 27.32 -7.16 -37.42
C PRO B 77 28.59 -7.33 -38.28
N ASP B 78 29.24 -6.23 -38.68
CA ASP B 78 30.50 -6.32 -39.45
C ASP B 78 31.78 -6.42 -38.58
N GLY B 79 31.61 -6.38 -37.26
CA GLY B 79 32.70 -6.57 -36.31
C GLY B 79 33.60 -5.36 -36.11
N GLN B 80 33.18 -4.22 -36.64
CA GLN B 80 34.01 -3.00 -36.62
C GLN B 80 33.81 -2.15 -35.37
N PHE B 81 32.69 -2.32 -34.70
CA PHE B 81 32.35 -1.48 -33.57
C PHE B 81 31.73 -2.30 -32.46
N ILE B 82 31.82 -1.78 -31.24
CA ILE B 82 31.18 -2.40 -30.10
C ILE B 82 30.48 -1.33 -29.29
N LEU B 83 29.20 -1.58 -29.05
CA LEU B 83 28.35 -0.69 -28.32
C LEU B 83 28.48 -1.05 -26.85
N LEU B 84 28.89 -0.09 -26.02
CA LEU B 84 29.05 -0.33 -24.58
C LEU B 84 27.88 0.24 -23.78
N GLU B 85 27.19 -0.66 -23.07
CA GLU B 85 26.01 -0.30 -22.28
C GLU B 85 26.36 -0.13 -20.80
N TYR B 86 25.90 0.97 -20.21
CA TYR B 86 26.14 1.23 -18.80
C TYR B 86 25.10 2.21 -18.28
N ASN B 87 25.17 2.49 -16.97
CA ASN B 87 24.09 3.23 -16.26
C ASN B 87 22.72 2.58 -16.49
N TYR B 88 22.68 1.25 -16.46
CA TYR B 88 21.43 0.52 -16.66
C TYR B 88 20.45 0.83 -15.52
N VAL B 89 19.22 1.22 -15.90
CA VAL B 89 18.13 1.40 -14.96
C VAL B 89 16.89 0.66 -15.49
N LYS B 90 16.55 -0.43 -14.82
CA LYS B 90 15.37 -1.21 -15.15
C LYS B 90 14.08 -0.36 -15.17
N GLN B 91 13.23 -0.62 -16.18
CA GLN B 91 11.83 -0.18 -16.10
C GLN B 91 10.87 -1.38 -15.86
N TRP B 92 10.22 -1.90 -16.91
CA TRP B 92 9.27 -3.01 -16.71
C TRP B 92 9.94 -4.39 -16.98
N ARG B 93 9.20 -5.35 -17.51
CA ARG B 93 9.78 -6.68 -17.77
C ARG B 93 10.97 -6.67 -18.75
N HIS B 94 10.85 -5.87 -19.82
CA HIS B 94 11.89 -5.76 -20.85
C HIS B 94 12.51 -4.37 -20.94
N SER B 95 11.73 -3.32 -20.72
CA SER B 95 12.23 -1.93 -20.82
C SER B 95 13.27 -1.57 -19.76
N TYR B 96 14.18 -0.71 -20.18
CA TYR B 96 15.18 -0.08 -19.34
C TYR B 96 15.73 1.12 -20.10
N THR B 97 16.37 2.03 -19.37
CA THR B 97 17.24 3.02 -20.01
C THR B 97 18.69 2.79 -19.62
N ALA B 98 19.59 3.28 -20.47
CA ALA B 98 21.02 3.13 -20.28
C ALA B 98 21.75 4.26 -20.97
N SER B 99 23.05 4.36 -20.69
CA SER B 99 23.93 5.20 -21.46
C SER B 99 24.77 4.28 -22.33
N TYR B 100 25.21 4.82 -23.47
CA TYR B 100 25.96 4.07 -24.45
C TYR B 100 27.20 4.84 -24.91
N ASP B 101 28.28 4.11 -25.11
CA ASP B 101 29.44 4.63 -25.82
C ASP B 101 29.78 3.62 -26.90
N ILE B 102 30.34 4.09 -28.01
CA ILE B 102 30.78 3.21 -29.09
C ILE B 102 32.29 3.20 -29.21
N TYR B 103 32.87 2.00 -29.30
CA TYR B 103 34.30 1.83 -29.45
C TYR B 103 34.60 1.32 -30.85
N ASP B 104 35.50 2.02 -31.53
CA ASP B 104 35.95 1.67 -32.86
C ASP B 104 37.03 0.60 -32.76
N LEU B 105 36.81 -0.55 -33.41
CA LEU B 105 37.79 -1.62 -33.31
C LEU B 105 38.98 -1.46 -34.25
N ASN B 106 38.78 -0.72 -35.35
CA ASN B 106 39.88 -0.42 -36.29
C ASN B 106 40.83 0.63 -35.71
N LYS B 107 40.25 1.77 -35.31
CA LYS B 107 40.98 2.86 -34.65
C LYS B 107 41.48 2.49 -33.24
N ARG B 108 40.95 1.41 -32.67
CA ARG B 108 41.23 1.04 -31.28
C ARG B 108 40.96 2.20 -30.31
N GLN B 109 39.88 2.96 -30.55
CA GLN B 109 39.54 4.07 -29.66
C GLN B 109 38.03 4.35 -29.51
N LEU B 110 37.67 4.97 -28.38
CA LEU B 110 36.30 5.40 -28.13
C LEU B 110 35.90 6.59 -29.01
N ILE B 111 34.67 6.55 -29.53
CA ILE B 111 34.12 7.68 -30.27
C ILE B 111 33.60 8.71 -29.29
N THR B 112 34.00 9.97 -29.48
CA THR B 112 33.70 11.02 -28.50
C THR B 112 32.85 12.15 -29.06
N GLU B 113 32.60 12.13 -30.36
CA GLU B 113 31.66 13.10 -30.93
C GLU B 113 30.39 12.43 -31.39
N GLU B 114 29.30 13.20 -31.34
CA GLU B 114 27.99 12.71 -31.70
C GLU B 114 27.57 11.48 -30.88
N ARG B 115 27.98 11.45 -29.61
CA ARG B 115 27.64 10.35 -28.73
C ARG B 115 26.13 10.13 -28.60
N ILE B 116 25.75 8.87 -28.47
CA ILE B 116 24.39 8.48 -28.13
C ILE B 116 24.07 9.16 -26.79
N PRO B 117 22.91 9.85 -26.69
CA PRO B 117 22.54 10.56 -25.48
C PRO B 117 22.34 9.64 -24.27
N ASN B 118 22.45 10.21 -23.07
CA ASN B 118 22.10 9.51 -21.84
C ASN B 118 20.59 9.27 -21.77
N ASN B 119 20.15 8.29 -20.99
CA ASN B 119 18.71 7.99 -20.88
C ASN B 119 18.12 7.52 -22.21
N THR B 120 18.94 6.77 -22.96
CA THR B 120 18.49 6.15 -24.19
C THR B 120 17.59 4.96 -23.87
N GLN B 121 16.46 4.89 -24.57
CA GLN B 121 15.41 3.94 -24.30
C GLN B 121 15.58 2.64 -25.07
N TRP B 122 16.17 2.71 -26.26
CA TRP B 122 16.44 1.52 -27.06
C TRP B 122 17.47 1.83 -28.13
N VAL B 123 18.36 0.89 -28.36
CA VAL B 123 19.34 1.03 -29.44
C VAL B 123 19.52 -0.29 -30.13
N THR B 124 19.75 -0.24 -31.44
CA THR B 124 20.01 -1.45 -32.19
C THR B 124 20.82 -1.16 -33.43
N TRP B 125 21.80 -2.02 -33.70
CA TRP B 125 22.51 -2.00 -34.98
C TRP B 125 21.54 -2.37 -36.12
N SER B 126 21.85 -1.96 -37.35
CA SER B 126 21.18 -2.53 -38.52
C SER B 126 21.57 -4.01 -38.56
N PRO B 127 20.88 -4.84 -39.36
CA PRO B 127 21.20 -6.29 -39.36
C PRO B 127 22.51 -6.61 -40.06
N VAL B 128 22.94 -5.70 -40.92
CA VAL B 128 24.17 -5.84 -41.68
C VAL B 128 24.89 -4.49 -41.60
N GLY B 129 26.22 -4.50 -41.58
CA GLY B 129 26.98 -3.24 -41.48
C GLY B 129 27.09 -2.67 -40.06
N HIS B 130 26.87 -1.37 -39.92
CA HIS B 130 27.01 -0.68 -38.63
C HIS B 130 26.22 0.62 -38.55
N LYS B 131 25.06 0.67 -39.22
CA LYS B 131 24.10 1.73 -38.92
C LYS B 131 23.51 1.50 -37.52
N LEU B 132 23.02 2.58 -36.91
CA LEU B 132 22.38 2.54 -35.59
C LEU B 132 21.04 3.23 -35.65
N ALA B 133 20.10 2.67 -34.92
CA ALA B 133 18.82 3.33 -34.67
C ALA B 133 18.62 3.31 -33.17
N TYR B 134 18.12 4.41 -32.63
CA TYR B 134 17.90 4.50 -31.21
C TYR B 134 16.73 5.38 -30.89
N VAL B 135 16.17 5.19 -29.71
CA VAL B 135 15.04 5.97 -29.26
C VAL B 135 15.43 6.71 -28.00
N TRP B 136 15.04 7.98 -27.94
CA TRP B 136 15.41 8.86 -26.84
C TRP B 136 14.30 9.86 -26.71
N ASN B 137 13.88 10.15 -25.48
CA ASN B 137 12.66 10.94 -25.26
C ASN B 137 11.54 10.56 -26.22
N ASN B 138 11.33 9.25 -26.39
CA ASN B 138 10.23 8.71 -27.19
C ASN B 138 10.30 8.98 -28.71
N ASP B 139 11.45 9.49 -29.17
CA ASP B 139 11.65 9.73 -30.60
C ASP B 139 12.74 8.86 -31.21
N ILE B 140 12.65 8.63 -32.51
CA ILE B 140 13.60 7.76 -33.20
C ILE B 140 14.69 8.56 -33.90
N TYR B 141 15.93 8.09 -33.73
CA TYR B 141 17.10 8.66 -34.37
C TYR B 141 17.88 7.59 -35.14
N VAL B 142 18.57 8.00 -36.20
CA VAL B 142 19.38 7.09 -37.00
C VAL B 142 20.77 7.70 -37.21
N LYS B 143 21.82 6.93 -36.91
CA LYS B 143 23.21 7.26 -37.28
C LYS B 143 23.70 6.34 -38.39
N ILE B 144 24.08 6.91 -39.52
CA ILE B 144 24.65 6.12 -40.62
C ILE B 144 26.05 5.62 -40.26
N GLU B 145 26.79 6.42 -39.48
CA GLU B 145 28.12 6.07 -39.02
C GLU B 145 28.19 6.43 -37.56
N PRO B 146 28.95 5.64 -36.77
CA PRO B 146 28.98 5.83 -35.33
C PRO B 146 29.48 7.22 -34.88
N ASN B 147 30.42 7.80 -35.60
CA ASN B 147 30.94 9.15 -35.30
C ASN B 147 30.17 10.34 -35.92
N LEU B 148 29.10 10.08 -36.67
CA LEU B 148 28.42 11.17 -37.39
C LEU B 148 27.15 11.64 -36.69
N PRO B 149 26.69 12.88 -37.00
CA PRO B 149 25.41 13.36 -36.43
C PRO B 149 24.27 12.42 -36.81
N SER B 150 23.29 12.32 -35.91
CA SER B 150 22.14 11.46 -36.14
C SER B 150 21.07 12.24 -36.85
N TYR B 151 20.30 11.55 -37.70
CA TYR B 151 19.11 12.14 -38.28
C TYR B 151 17.94 11.84 -37.39
N ARG B 152 17.14 12.86 -37.12
CA ARG B 152 15.94 12.71 -36.31
C ARG B 152 14.79 12.26 -37.20
N ILE B 153 14.22 11.11 -36.88
CA ILE B 153 13.18 10.52 -37.71
C ILE B 153 11.79 10.93 -37.29
N THR B 154 11.56 11.06 -35.98
CA THR B 154 10.24 11.42 -35.45
C THR B 154 10.34 12.63 -34.51
N TRP B 155 9.27 13.40 -34.42
CA TRP B 155 9.29 14.64 -33.65
C TRP B 155 8.12 14.73 -32.70
N THR B 156 7.37 13.64 -32.60
CA THR B 156 6.14 13.65 -31.83
C THR B 156 6.26 12.99 -30.45
N GLY B 157 7.43 12.43 -30.14
CA GLY B 157 7.61 11.74 -28.86
C GLY B 157 7.12 12.59 -27.70
N LYS B 158 6.29 12.02 -26.84
CA LYS B 158 5.84 12.71 -25.63
C LYS B 158 5.64 11.69 -24.53
N GLU B 159 6.46 11.80 -23.48
CA GLU B 159 6.39 10.94 -22.31
C GLU B 159 4.97 10.58 -21.89
N ASP B 160 4.76 9.28 -21.69
CA ASP B 160 3.47 8.69 -21.33
C ASP B 160 2.36 8.93 -22.34
N ILE B 161 2.66 9.48 -23.52
CA ILE B 161 1.61 9.87 -24.47
C ILE B 161 1.85 9.34 -25.89
N ILE B 162 2.95 9.75 -26.52
CA ILE B 162 3.26 9.23 -27.85
C ILE B 162 4.55 8.44 -27.81
N TYR B 163 4.51 7.20 -28.28
CA TYR B 163 5.68 6.35 -28.25
C TYR B 163 6.15 6.00 -29.67
N ASN B 164 7.25 6.57 -30.13
CA ASN B 164 7.83 6.16 -31.43
C ASN B 164 8.94 5.11 -31.31
N GLY B 165 8.72 3.94 -31.91
CA GLY B 165 9.76 2.90 -31.97
C GLY B 165 10.04 2.16 -30.66
N ILE B 166 9.23 2.46 -29.66
CA ILE B 166 9.16 1.72 -28.39
C ILE B 166 7.71 1.46 -28.03
N THR B 167 7.47 0.42 -27.25
CA THR B 167 6.12 0.00 -26.86
C THR B 167 5.66 0.73 -25.59
N ASP B 168 4.36 0.87 -25.40
CA ASP B 168 3.85 1.37 -24.11
C ASP B 168 3.79 0.15 -23.16
N TRP B 169 3.16 0.28 -21.99
CA TRP B 169 3.20 -0.79 -21.01
C TRP B 169 2.57 -2.10 -21.49
N VAL B 170 1.34 -2.03 -22.01
CA VAL B 170 0.60 -3.25 -22.38
C VAL B 170 1.16 -3.92 -23.64
N TYR B 171 1.70 -3.12 -24.56
CA TYR B 171 2.29 -3.69 -25.76
C TYR B 171 3.62 -4.40 -25.42
N GLU B 172 4.39 -3.82 -24.49
CA GLU B 172 5.65 -4.43 -24.04
C GLU B 172 5.38 -5.78 -23.36
N GLU B 173 4.46 -5.77 -22.39
CA GLU B 173 4.15 -6.94 -21.57
C GLU B 173 3.38 -8.01 -22.37
N GLU B 174 2.32 -7.63 -23.07
CA GLU B 174 1.39 -8.63 -23.61
C GLU B 174 1.40 -8.83 -25.14
N VAL B 175 2.13 -8.01 -25.89
CA VAL B 175 2.09 -8.17 -27.35
C VAL B 175 3.43 -8.58 -27.93
N PHE B 176 4.44 -7.73 -27.77
CA PHE B 176 5.77 -7.98 -28.31
C PHE B 176 6.81 -8.61 -27.38
N SER B 177 6.52 -8.69 -26.07
CA SER B 177 7.51 -9.22 -25.11
C SER B 177 8.86 -8.52 -25.34
N ALA B 178 8.80 -7.21 -25.52
CA ALA B 178 9.98 -6.39 -25.81
C ALA B 178 9.60 -4.92 -25.73
N TYR B 179 10.59 -4.07 -25.46
CA TYR B 179 10.41 -2.61 -25.46
C TYR B 179 10.49 -2.06 -26.87
N SER B 180 11.36 -2.65 -27.69
CA SER B 180 11.55 -2.12 -29.03
C SER B 180 10.30 -2.25 -29.85
N ALA B 181 10.05 -1.23 -30.66
CA ALA B 181 9.05 -1.28 -31.73
C ALA B 181 9.73 -0.77 -33.02
N LEU B 182 10.93 -1.30 -33.29
CA LEU B 182 11.68 -0.99 -34.51
C LEU B 182 12.08 -2.27 -35.25
N TRP B 183 12.03 -2.23 -36.57
CA TRP B 183 12.36 -3.41 -37.40
C TRP B 183 13.10 -2.97 -38.67
N TRP B 184 14.40 -3.17 -38.65
CA TRP B 184 15.23 -2.98 -39.82
C TRP B 184 14.89 -3.99 -40.90
N SER B 185 14.96 -3.54 -42.16
CA SER B 185 14.86 -4.43 -43.32
C SER B 185 16.12 -5.28 -43.38
N PRO B 186 16.10 -6.41 -44.12
CA PRO B 186 17.22 -7.34 -43.96
C PRO B 186 18.60 -6.77 -44.23
N ASN B 187 18.70 -5.76 -45.09
CA ASN B 187 20.00 -5.16 -45.41
C ASN B 187 20.17 -3.74 -44.91
N GLY B 188 19.22 -3.27 -44.11
CA GLY B 188 19.30 -1.97 -43.45
C GLY B 188 18.85 -0.77 -44.26
N THR B 189 18.33 -1.00 -45.47
CA THR B 189 17.84 0.11 -46.27
C THR B 189 16.71 0.80 -45.53
N PHE B 190 15.70 0.02 -45.16
CA PHE B 190 14.52 0.56 -44.51
C PHE B 190 14.49 0.29 -43.00
N LEU B 191 13.86 1.21 -42.29
CA LEU B 191 13.58 1.07 -40.88
C LEU B 191 12.10 1.20 -40.73
N ALA B 192 11.46 0.09 -40.37
CA ALA B 192 10.07 0.12 -39.99
C ALA B 192 9.92 0.36 -38.48
N TYR B 193 8.81 0.96 -38.09
CA TYR B 193 8.53 1.27 -36.70
C TYR B 193 7.07 1.53 -36.44
N ALA B 194 6.64 1.28 -35.21
CA ALA B 194 5.29 1.53 -34.83
C ALA B 194 5.28 2.76 -33.96
N GLN B 195 4.12 3.41 -33.91
CA GLN B 195 3.90 4.53 -33.04
C GLN B 195 2.68 4.24 -32.18
N PHE B 196 2.85 4.42 -30.87
CA PHE B 196 1.75 4.20 -29.95
C PHE B 196 1.24 5.51 -29.36
N ASN B 197 -0.09 5.62 -29.28
CA ASN B 197 -0.75 6.81 -28.77
C ASN B 197 -1.63 6.41 -27.59
N ASP B 198 -1.28 6.90 -26.40
CA ASP B 198 -1.92 6.50 -25.15
C ASP B 198 -2.69 7.66 -24.51
N THR B 199 -2.97 8.69 -25.31
CA THR B 199 -3.65 9.90 -24.81
C THR B 199 -4.81 9.61 -23.84
N GLU B 200 -5.67 8.67 -24.18
CA GLU B 200 -6.87 8.45 -23.38
C GLU B 200 -6.85 7.18 -22.54
N VAL B 201 -5.71 6.52 -22.47
CA VAL B 201 -5.53 5.36 -21.63
C VAL B 201 -5.44 5.85 -20.20
N PRO B 202 -6.26 5.30 -19.29
CA PRO B 202 -6.17 5.76 -17.92
C PRO B 202 -4.83 5.33 -17.30
N LEU B 203 -4.44 5.99 -16.22
CA LEU B 203 -3.18 5.71 -15.56
C LEU B 203 -3.47 4.85 -14.33
N ILE B 204 -2.66 3.81 -14.11
CA ILE B 204 -2.60 3.20 -12.77
C ILE B 204 -1.69 4.11 -11.93
N GLU B 205 -2.08 4.34 -10.69
CA GLU B 205 -1.30 5.15 -9.77
C GLU B 205 -1.02 4.36 -8.49
N TYR B 206 0.22 4.41 -8.00
CA TYR B 206 0.58 3.79 -6.73
C TYR B 206 1.77 4.50 -6.12
N SER B 207 1.94 4.35 -4.81
CA SER B 207 3.03 4.96 -4.06
C SER B 207 4.36 4.26 -4.21
N PHE B 208 5.42 5.05 -4.27
CA PHE B 208 6.75 4.51 -4.21
C PHE B 208 7.48 5.22 -3.08
N TYR B 209 8.05 4.44 -2.17
CA TYR B 209 8.55 4.99 -0.90
C TYR B 209 10.01 5.39 -0.98
N SER B 210 10.73 4.71 -1.87
CA SER B 210 12.15 4.99 -2.12
C SER B 210 13.00 4.80 -0.87
N ASP B 211 14.20 5.39 -0.87
CA ASP B 211 15.09 5.29 0.27
C ASP B 211 14.46 6.04 1.47
N GLU B 212 14.97 5.71 2.65
CA GLU B 212 14.52 6.25 3.91
C GLU B 212 14.54 7.77 3.92
N SER B 213 15.54 8.34 3.24
CA SER B 213 15.77 9.77 3.22
C SER B 213 14.69 10.55 2.50
N LEU B 214 13.84 9.87 1.72
CA LEU B 214 12.82 10.59 0.97
C LEU B 214 11.62 10.87 1.86
N GLN B 215 11.34 12.16 2.06
CA GLN B 215 10.41 12.58 3.10
C GLN B 215 8.96 12.29 2.72
N TYR B 216 8.59 12.62 1.49
CA TYR B 216 7.27 12.35 0.95
C TYR B 216 7.37 11.24 -0.10
N PRO B 217 6.57 10.16 0.03
CA PRO B 217 6.52 9.13 -1.02
C PRO B 217 6.11 9.76 -2.37
N LYS B 218 6.63 9.22 -3.47
CA LYS B 218 6.15 9.64 -4.77
C LYS B 218 5.06 8.74 -5.29
N THR B 219 4.29 9.28 -6.21
CA THR B 219 3.26 8.56 -6.87
C THR B 219 3.76 8.25 -8.27
N VAL B 220 3.76 6.96 -8.60
CA VAL B 220 4.12 6.48 -9.92
C VAL B 220 2.84 6.44 -10.72
N ARG B 221 2.88 6.92 -11.96
CA ARG B 221 1.68 6.98 -12.81
C ARG B 221 2.01 6.32 -14.14
N VAL B 222 1.26 5.28 -14.52
CA VAL B 222 1.57 4.51 -15.72
C VAL B 222 0.32 4.29 -16.59
N PRO B 223 0.38 4.70 -17.87
CA PRO B 223 -0.72 4.42 -18.78
C PRO B 223 -0.91 2.91 -18.90
N TYR B 224 -2.04 2.42 -18.43
CA TYR B 224 -2.26 1.00 -18.26
C TYR B 224 -3.73 0.76 -18.45
N PRO B 225 -4.12 0.08 -19.54
CA PRO B 225 -5.55 -0.18 -19.71
C PRO B 225 -6.01 -1.47 -19.04
N LYS B 226 -6.90 -1.34 -18.06
CA LYS B 226 -7.53 -2.50 -17.44
C LYS B 226 -8.62 -3.06 -18.35
N ALA B 227 -9.11 -4.27 -18.08
CA ALA B 227 -10.13 -4.89 -18.95
C ALA B 227 -11.26 -3.89 -19.26
N GLY B 228 -11.56 -3.73 -20.54
CA GLY B 228 -12.68 -2.89 -20.97
C GLY B 228 -12.40 -1.41 -21.14
N ALA B 229 -11.22 -0.96 -20.73
CA ALA B 229 -10.86 0.47 -20.75
C ALA B 229 -10.36 0.90 -22.12
N VAL B 230 -10.18 2.21 -22.31
CA VAL B 230 -9.63 2.75 -23.56
C VAL B 230 -8.19 2.23 -23.77
N ASN B 231 -7.96 1.62 -24.93
CA ASN B 231 -6.64 1.08 -25.31
C ASN B 231 -5.78 2.11 -26.05
N PRO B 232 -4.45 1.88 -26.07
CA PRO B 232 -3.63 2.65 -26.99
C PRO B 232 -4.07 2.42 -28.43
N THR B 233 -3.85 3.42 -29.26
CA THR B 233 -4.02 3.27 -30.69
C THR B 233 -2.63 3.17 -31.30
N VAL B 234 -2.55 2.64 -32.51
CA VAL B 234 -1.26 2.32 -33.14
C VAL B 234 -1.20 2.71 -34.62
N LYS B 235 -0.05 3.21 -35.05
CA LYS B 235 0.21 3.44 -36.45
C LYS B 235 1.52 2.77 -36.83
N PHE B 236 1.66 2.48 -38.12
CA PHE B 236 2.87 1.84 -38.62
C PHE B 236 3.51 2.65 -39.73
N PHE B 237 4.83 2.69 -39.75
CA PHE B 237 5.59 3.53 -40.68
C PHE B 237 6.86 2.87 -41.19
N VAL B 238 7.28 3.22 -42.40
CA VAL B 238 8.56 2.79 -42.92
C VAL B 238 9.32 4.01 -43.46
N VAL B 239 10.59 4.11 -43.09
CA VAL B 239 11.45 5.17 -43.59
C VAL B 239 12.71 4.61 -44.28
N ASN B 240 13.09 5.25 -45.38
CA ASN B 240 14.29 4.86 -46.11
C ASN B 240 15.46 5.57 -45.47
N THR B 241 16.39 4.79 -44.93
CA THR B 241 17.53 5.38 -44.27
C THR B 241 18.68 5.71 -45.23
N ASP B 242 18.58 5.23 -46.47
CA ASP B 242 19.60 5.53 -47.46
C ASP B 242 19.43 6.93 -48.06
N SER B 243 18.23 7.49 -47.93
CA SER B 243 17.95 8.80 -48.52
C SER B 243 17.63 9.86 -47.46
N LEU B 244 18.41 9.87 -46.38
CA LEU B 244 18.26 10.89 -45.34
C LEU B 244 19.12 12.13 -45.64
N SER B 245 18.62 13.29 -45.25
CA SER B 245 19.32 14.55 -45.46
C SER B 245 19.43 15.34 -44.16
N SER B 246 20.54 16.08 -44.04
CA SER B 246 20.73 17.01 -42.94
C SER B 246 19.84 18.24 -43.08
N VAL B 247 19.44 18.54 -44.31
CA VAL B 247 18.67 19.73 -44.64
C VAL B 247 17.19 19.51 -44.33
N THR B 248 16.61 18.48 -44.92
CA THR B 248 15.18 18.26 -44.82
C THR B 248 14.84 17.19 -43.76
N ASN B 249 13.63 17.32 -43.18
CA ASN B 249 13.08 16.34 -42.24
C ASN B 249 12.76 15.03 -42.98
N ALA B 250 13.31 13.92 -42.49
CA ALA B 250 13.03 12.57 -43.04
C ALA B 250 11.55 12.34 -43.31
N THR B 251 11.24 11.61 -44.38
CA THR B 251 9.86 11.27 -44.69
C THR B 251 9.56 9.81 -44.29
N SER B 252 8.55 9.63 -43.44
CA SER B 252 8.07 8.30 -43.08
C SER B 252 6.81 7.99 -43.87
N ILE B 253 6.77 6.81 -44.48
CA ILE B 253 5.59 6.35 -45.19
C ILE B 253 4.72 5.47 -44.27
N GLN B 254 3.45 5.86 -44.14
CA GLN B 254 2.52 5.11 -43.32
C GLN B 254 1.95 3.95 -44.12
N ILE B 255 1.87 2.79 -43.46
CA ILE B 255 1.08 1.67 -43.94
C ILE B 255 -0.10 1.53 -43.01
N THR B 256 -1.29 1.84 -43.52
CA THR B 256 -2.50 1.82 -42.71
C THR B 256 -3.03 0.38 -42.58
N ALA B 257 -3.78 0.12 -41.51
CA ALA B 257 -4.29 -1.23 -41.24
C ALA B 257 -5.43 -1.53 -42.22
N PRO B 258 -5.74 -2.83 -42.44
CA PRO B 258 -6.86 -3.08 -43.35
C PRO B 258 -8.20 -2.62 -42.80
N ALA B 259 -9.15 -2.39 -43.71
CA ALA B 259 -10.50 -1.89 -43.38
C ALA B 259 -11.18 -2.73 -42.33
N SER B 260 -10.98 -4.05 -42.40
CA SER B 260 -11.57 -4.97 -41.44
C SER B 260 -11.04 -4.77 -40.01
N MET B 261 -9.91 -4.08 -39.85
CA MET B 261 -9.38 -3.75 -38.54
C MET B 261 -9.84 -2.37 -38.12
N LEU B 262 -9.77 -1.44 -39.06
CA LEU B 262 -10.10 -0.04 -38.81
C LEU B 262 -11.53 0.19 -38.33
N ILE B 263 -12.43 -0.75 -38.56
CA ILE B 263 -13.83 -0.61 -38.12
C ILE B 263 -14.02 -0.57 -36.59
N GLY B 264 -12.95 -0.90 -35.85
CA GLY B 264 -13.00 -0.99 -34.40
C GLY B 264 -11.62 -1.03 -33.77
N ASP B 265 -11.58 -1.24 -32.46
CA ASP B 265 -10.32 -1.36 -31.74
C ASP B 265 -9.51 -2.53 -32.31
N HIS B 266 -8.20 -2.36 -32.39
CA HIS B 266 -7.38 -3.41 -32.94
C HIS B 266 -5.98 -3.26 -32.39
N TYR B 267 -5.13 -4.23 -32.72
CA TYR B 267 -3.72 -4.22 -32.33
C TYR B 267 -2.85 -4.53 -33.54
N LEU B 268 -1.61 -4.06 -33.50
CA LEU B 268 -0.57 -4.59 -34.35
C LEU B 268 0.11 -5.69 -33.56
N CYS B 269 0.20 -6.91 -34.09
CA CYS B 269 0.73 -8.02 -33.29
C CYS B 269 1.94 -8.75 -33.88
N ASP B 270 2.24 -8.47 -35.13
CA ASP B 270 3.44 -9.00 -35.75
C ASP B 270 3.97 -8.12 -36.88
N VAL B 271 5.30 -7.97 -36.93
CA VAL B 271 6.01 -7.34 -38.05
C VAL B 271 7.15 -8.28 -38.45
N THR B 272 7.14 -8.71 -39.71
CA THR B 272 8.18 -9.63 -40.21
C THR B 272 8.50 -9.27 -41.65
N TRP B 273 9.73 -8.80 -41.86
CA TRP B 273 10.26 -8.52 -43.20
C TRP B 273 10.40 -9.81 -43.98
N ALA B 274 10.02 -9.77 -45.26
CA ALA B 274 10.09 -10.93 -46.15
C ALA B 274 11.29 -10.84 -47.06
N THR B 275 11.44 -9.67 -47.70
CA THR B 275 12.62 -9.41 -48.54
C THR B 275 13.12 -8.01 -48.28
N GLN B 276 14.02 -7.54 -49.15
CA GLN B 276 14.57 -6.20 -49.04
C GLN B 276 13.48 -5.17 -49.30
N GLU B 277 12.43 -5.57 -49.99
CA GLU B 277 11.39 -4.63 -50.41
C GLU B 277 10.00 -5.12 -50.13
N ARG B 278 9.88 -6.14 -49.27
CA ARG B 278 8.58 -6.72 -48.91
C ARG B 278 8.45 -6.96 -47.41
N ILE B 279 7.40 -6.39 -46.81
CA ILE B 279 7.16 -6.54 -45.39
C ILE B 279 5.78 -7.14 -45.12
N SER B 280 5.70 -8.07 -44.16
CA SER B 280 4.40 -8.55 -43.66
C SER B 280 4.08 -7.98 -42.28
N LEU B 281 2.80 -7.76 -42.03
CA LEU B 281 2.30 -7.29 -40.74
C LEU B 281 1.06 -8.06 -40.44
N GLN B 282 0.88 -8.44 -39.17
CA GLN B 282 -0.40 -8.99 -38.75
C GLN B 282 -1.07 -8.03 -37.77
N TRP B 283 -2.39 -7.97 -37.88
CA TRP B 283 -3.24 -7.10 -37.08
C TRP B 283 -4.23 -8.00 -36.39
N LEU B 284 -4.67 -7.59 -35.22
CA LEU B 284 -5.54 -8.44 -34.42
C LEU B 284 -6.69 -7.58 -33.93
N ARG B 285 -7.93 -8.02 -34.10
CA ARG B 285 -9.06 -7.29 -33.52
C ARG B 285 -9.02 -7.31 -31.99
N ARG B 286 -9.62 -6.29 -31.36
CA ARG B 286 -9.69 -6.26 -29.89
C ARG B 286 -10.38 -7.52 -29.39
N ILE B 287 -11.39 -7.98 -30.13
CA ILE B 287 -11.94 -9.33 -29.94
C ILE B 287 -10.99 -10.25 -30.68
N GLN B 288 -10.16 -10.95 -29.92
CA GLN B 288 -8.93 -11.56 -30.42
C GLN B 288 -9.09 -12.89 -31.12
N ASN B 289 -10.22 -13.07 -31.78
CA ASN B 289 -10.44 -14.28 -32.57
C ASN B 289 -10.42 -14.04 -34.08
N TYR B 290 -9.88 -12.91 -34.48
CA TYR B 290 -9.81 -12.55 -35.89
C TYR B 290 -8.55 -11.71 -36.10
N SER B 291 -7.64 -12.20 -36.94
CA SER B 291 -6.44 -11.45 -37.30
C SER B 291 -6.24 -11.49 -38.81
N VAL B 292 -5.50 -10.51 -39.33
CA VAL B 292 -5.18 -10.46 -40.75
C VAL B 292 -3.74 -10.08 -41.01
N MET B 293 -3.14 -10.79 -41.97
CA MET B 293 -1.80 -10.47 -42.43
C MET B 293 -1.88 -9.67 -43.73
N ASP B 294 -1.19 -8.53 -43.76
CA ASP B 294 -0.93 -7.83 -45.00
C ASP B 294 0.48 -8.08 -45.42
N ILE B 295 0.69 -8.11 -46.73
CA ILE B 295 1.99 -8.27 -47.30
C ILE B 295 2.17 -7.12 -48.27
N CYS B 296 3.15 -6.28 -47.96
CA CYS B 296 3.29 -4.97 -48.56
C CYS B 296 4.61 -4.87 -49.30
N ASP B 297 4.51 -4.47 -50.57
CA ASP B 297 5.63 -4.31 -51.47
C ASP B 297 5.97 -2.86 -51.66
N TYR B 298 7.26 -2.56 -51.59
CA TYR B 298 7.78 -1.25 -51.95
C TYR B 298 7.64 -0.98 -53.47
N ASP B 299 7.07 0.18 -53.81
CA ASP B 299 6.87 0.62 -55.20
C ASP B 299 7.84 1.76 -55.52
N GLU B 300 8.88 1.44 -56.30
CA GLU B 300 9.98 2.36 -56.57
C GLU B 300 9.60 3.72 -57.21
N SER B 301 8.60 3.75 -58.10
CA SER B 301 8.21 5.01 -58.75
C SER B 301 7.23 5.85 -57.93
N SER B 302 6.55 5.18 -57.01
CA SER B 302 5.60 5.81 -56.09
C SER B 302 6.34 6.27 -54.85
N GLY B 303 7.40 5.53 -54.51
CA GLY B 303 8.06 5.64 -53.21
C GLY B 303 7.12 5.20 -52.09
N ARG B 304 6.06 4.49 -52.44
CA ARG B 304 5.05 4.06 -51.48
C ARG B 304 5.05 2.57 -51.25
N TRP B 305 4.26 2.15 -50.26
CA TRP B 305 4.14 0.75 -49.88
C TRP B 305 2.72 0.30 -50.15
N ASN B 306 2.59 -0.71 -50.98
CA ASN B 306 1.29 -1.21 -51.39
C ASN B 306 1.07 -2.64 -50.92
N CYS B 307 -0.06 -2.86 -50.25
CA CYS B 307 -0.42 -4.17 -49.74
C CYS B 307 -1.64 -4.62 -50.52
N LEU B 308 -1.42 -5.52 -51.47
CA LEU B 308 -2.50 -6.00 -52.31
C LEU B 308 -3.47 -6.85 -51.53
N VAL B 309 -4.77 -6.58 -51.72
CA VAL B 309 -5.83 -7.39 -51.12
C VAL B 309 -5.65 -8.90 -51.44
N ALA B 310 -5.34 -9.23 -52.70
CA ALA B 310 -5.09 -10.64 -53.08
C ALA B 310 -3.95 -11.31 -52.26
N ARG B 311 -3.23 -10.51 -51.49
CA ARG B 311 -2.20 -11.05 -50.62
C ARG B 311 -2.53 -10.97 -49.13
N GLN B 312 -3.78 -10.63 -48.78
CA GLN B 312 -4.22 -10.73 -47.38
C GLN B 312 -4.43 -12.18 -46.98
N HIS B 313 -4.10 -12.49 -45.73
CA HIS B 313 -4.39 -13.81 -45.19
C HIS B 313 -5.14 -13.70 -43.88
N ILE B 314 -6.32 -14.32 -43.82
CA ILE B 314 -7.16 -14.22 -42.65
C ILE B 314 -6.95 -15.41 -41.76
N GLU B 315 -6.74 -15.13 -40.49
CA GLU B 315 -6.64 -16.20 -39.50
C GLU B 315 -7.67 -15.98 -38.38
N MET B 316 -8.57 -16.94 -38.20
CA MET B 316 -9.58 -16.85 -37.14
C MET B 316 -9.75 -18.14 -36.36
N SER B 317 -10.43 -18.02 -35.23
CA SER B 317 -10.76 -19.17 -34.40
C SER B 317 -12.23 -19.11 -34.04
N THR B 318 -12.88 -20.27 -34.09
CA THR B 318 -14.28 -20.41 -33.70
C THR B 318 -14.41 -20.85 -32.24
N THR B 319 -13.33 -21.41 -31.67
CA THR B 319 -13.39 -21.97 -30.33
C THR B 319 -12.73 -21.13 -29.24
N GLY B 320 -11.90 -20.17 -29.66
CA GLY B 320 -11.12 -19.35 -28.75
C GLY B 320 -10.50 -18.14 -29.41
N TRP B 321 -9.28 -17.80 -28.97
CA TRP B 321 -8.52 -16.68 -29.51
C TRP B 321 -7.59 -17.21 -30.61
N VAL B 322 -6.83 -16.32 -31.25
CA VAL B 322 -5.90 -16.75 -32.31
C VAL B 322 -4.47 -16.88 -31.78
N GLY B 323 -3.83 -18.01 -32.05
CA GLY B 323 -2.43 -18.23 -31.67
C GLY B 323 -2.34 -18.59 -30.19
N ARG B 324 -1.15 -18.96 -29.72
CA ARG B 324 -1.00 -19.33 -28.32
C ARG B 324 -1.23 -18.15 -27.41
N PHE B 325 -0.44 -17.10 -27.61
CA PHE B 325 -0.61 -15.84 -26.92
C PHE B 325 -0.86 -14.71 -27.92
N ARG B 326 -0.68 -15.01 -29.20
CA ARG B 326 -0.95 -14.08 -30.33
C ARG B 326 -0.69 -14.85 -31.61
N PRO B 327 -1.18 -14.33 -32.76
CA PRO B 327 -0.88 -14.99 -34.04
C PRO B 327 0.60 -15.22 -34.20
N SER B 328 0.98 -16.41 -34.68
CA SER B 328 2.39 -16.78 -34.88
C SER B 328 3.10 -16.01 -36.00
N GLU B 329 4.43 -16.02 -35.95
CA GLU B 329 5.25 -15.35 -36.94
C GLU B 329 5.40 -16.20 -38.22
N PRO B 330 5.38 -15.54 -39.38
CA PRO B 330 5.61 -16.23 -40.64
C PRO B 330 7.10 -16.46 -40.88
N HIS B 331 7.44 -17.50 -41.61
CA HIS B 331 8.84 -17.72 -42.01
C HIS B 331 8.90 -17.76 -43.52
N PHE B 332 9.42 -16.68 -44.10
CA PHE B 332 9.45 -16.52 -45.55
C PHE B 332 10.61 -17.24 -46.18
N THR B 333 10.39 -17.75 -47.38
CA THR B 333 11.46 -18.27 -48.24
C THR B 333 12.42 -17.15 -48.69
N LEU B 334 13.53 -17.55 -49.31
CA LEU B 334 14.53 -16.61 -49.82
C LEU B 334 13.93 -15.59 -50.81
N ASP B 335 13.06 -16.01 -51.72
CA ASP B 335 12.44 -15.04 -52.66
C ASP B 335 11.24 -14.28 -52.07
N GLY B 336 10.82 -14.65 -50.87
CA GLY B 336 9.68 -14.02 -50.22
C GLY B 336 8.34 -14.29 -50.88
N ASN B 337 8.29 -15.24 -51.81
CA ASN B 337 7.06 -15.58 -52.53
C ASN B 337 6.14 -16.57 -51.82
N SER B 338 6.68 -17.25 -50.81
CA SER B 338 5.89 -18.18 -50.00
C SER B 338 6.42 -18.16 -48.56
N PHE B 339 5.67 -18.73 -47.64
CA PHE B 339 6.07 -18.76 -46.23
C PHE B 339 5.40 -19.86 -45.43
N TYR B 340 6.04 -20.22 -44.32
CA TYR B 340 5.59 -21.24 -43.39
C TYR B 340 5.16 -20.61 -42.08
N LYS B 341 4.11 -21.16 -41.48
CA LYS B 341 3.48 -20.55 -40.33
C LYS B 341 2.73 -21.62 -39.52
N ILE B 342 2.93 -21.59 -38.20
CA ILE B 342 2.23 -22.46 -37.28
C ILE B 342 0.82 -21.95 -37.05
N ILE B 343 -0.17 -22.79 -37.37
CA ILE B 343 -1.58 -22.47 -37.15
C ILE B 343 -2.32 -23.71 -36.66
N SER B 344 -3.43 -23.45 -35.97
CA SER B 344 -4.26 -24.52 -35.48
C SER B 344 -4.96 -25.20 -36.65
N ASN B 345 -4.75 -26.50 -36.82
CA ASN B 345 -5.44 -27.29 -37.86
C ASN B 345 -6.91 -27.62 -37.52
N GLU B 346 -7.57 -28.38 -38.38
CA GLU B 346 -9.02 -28.67 -38.24
C GLU B 346 -9.30 -29.53 -37.02
N GLU B 347 -8.30 -30.31 -36.61
CA GLU B 347 -8.36 -31.07 -35.37
C GLU B 347 -8.04 -30.21 -34.14
N GLY B 348 -7.60 -28.97 -34.36
CA GLY B 348 -7.27 -28.08 -33.26
C GLY B 348 -5.85 -28.25 -32.75
N TYR B 349 -4.99 -28.90 -33.52
CA TYR B 349 -3.58 -29.05 -33.17
C TYR B 349 -2.69 -28.10 -33.99
N ARG B 350 -1.67 -27.55 -33.33
CA ARG B 350 -0.82 -26.54 -33.97
C ARG B 350 0.27 -27.16 -34.83
N HIS B 351 0.19 -26.85 -36.13
CA HIS B 351 1.06 -27.45 -37.13
C HIS B 351 1.52 -26.45 -38.17
N ILE B 352 2.51 -26.84 -38.96
CA ILE B 352 3.09 -25.94 -39.95
C ILE B 352 2.29 -25.97 -41.25
N CYS B 353 1.78 -24.80 -41.64
CA CYS B 353 1.06 -24.63 -42.89
C CYS B 353 1.97 -23.86 -43.87
N TYR B 354 1.99 -24.29 -45.13
CA TYR B 354 2.75 -23.61 -46.19
C TYR B 354 1.81 -22.73 -47.00
N PHE B 355 2.11 -21.43 -47.07
CA PHE B 355 1.29 -20.46 -47.80
C PHE B 355 2.04 -19.91 -49.02
N GLN B 356 1.33 -19.69 -50.13
CA GLN B 356 1.78 -18.80 -51.21
C GLN B 356 1.22 -17.43 -50.89
N ILE B 357 2.00 -16.38 -51.13
CA ILE B 357 1.56 -15.01 -50.77
C ILE B 357 0.31 -14.59 -51.55
N ASP B 358 0.19 -15.17 -52.75
CA ASP B 358 -0.87 -14.98 -53.74
C ASP B 358 -2.12 -15.88 -53.58
N LYS B 359 -2.11 -16.80 -52.63
CA LYS B 359 -3.16 -17.83 -52.58
C LYS B 359 -3.77 -18.00 -51.20
N LYS B 360 -5.09 -18.19 -51.16
CA LYS B 360 -5.82 -18.18 -49.88
C LYS B 360 -5.65 -19.48 -49.07
N ASP B 361 -5.51 -20.61 -49.76
CA ASP B 361 -5.44 -21.89 -49.05
C ASP B 361 -4.00 -22.27 -48.80
N CYS B 362 -3.68 -22.58 -47.54
CA CYS B 362 -2.38 -23.13 -47.21
C CYS B 362 -2.44 -24.65 -47.13
N THR B 363 -1.26 -25.27 -47.11
CA THR B 363 -1.14 -26.72 -47.05
C THR B 363 -0.36 -27.12 -45.79
N PHE B 364 -0.95 -27.96 -44.95
CA PHE B 364 -0.25 -28.46 -43.78
C PHE B 364 0.83 -29.44 -44.17
N ILE B 365 2.01 -29.24 -43.65
CA ILE B 365 3.12 -30.10 -43.99
C ILE B 365 3.43 -31.02 -42.83
N THR B 366 2.84 -30.71 -41.68
CA THR B 366 2.85 -31.62 -40.53
C THR B 366 1.43 -31.80 -39.98
N LYS B 367 1.23 -32.93 -39.29
CA LYS B 367 -0.06 -33.33 -38.74
C LYS B 367 0.15 -34.38 -37.64
N GLY B 368 -0.90 -34.63 -36.87
CA GLY B 368 -0.82 -35.54 -35.74
C GLY B 368 -1.32 -34.91 -34.45
N THR B 369 -1.47 -35.73 -33.41
CA THR B 369 -2.02 -35.30 -32.14
C THR B 369 -0.84 -34.94 -31.24
N TRP B 370 -0.21 -33.82 -31.54
CA TRP B 370 0.95 -33.29 -30.85
C TRP B 370 1.15 -31.96 -31.55
N GLU B 371 2.06 -31.13 -31.08
CA GLU B 371 2.16 -29.78 -31.66
C GLU B 371 3.55 -29.34 -31.97
N VAL B 372 3.66 -28.57 -33.04
CA VAL B 372 4.86 -27.83 -33.35
C VAL B 372 4.94 -26.66 -32.37
N ILE B 373 6.07 -26.54 -31.70
CA ILE B 373 6.35 -25.42 -30.79
C ILE B 373 6.81 -24.18 -31.57
N GLY B 374 7.86 -24.33 -32.37
CA GLY B 374 8.41 -23.21 -33.12
C GLY B 374 9.09 -23.68 -34.38
N ILE B 375 9.05 -22.84 -35.42
CA ILE B 375 9.89 -22.97 -36.58
C ILE B 375 11.22 -22.29 -36.24
N GLU B 376 12.32 -23.01 -36.44
CA GLU B 376 13.62 -22.57 -35.98
C GLU B 376 14.57 -22.14 -37.08
N ALA B 377 14.51 -22.82 -38.24
CA ALA B 377 15.34 -22.47 -39.40
C ALA B 377 14.73 -22.99 -40.69
N LEU B 378 15.00 -22.28 -41.78
CA LEU B 378 14.47 -22.61 -43.09
C LEU B 378 15.57 -22.51 -44.15
N THR B 379 15.79 -23.61 -44.87
CA THR B 379 16.56 -23.59 -46.14
C THR B 379 15.64 -23.97 -47.31
N SER B 380 16.18 -23.97 -48.53
CA SER B 380 15.42 -24.42 -49.70
C SER B 380 15.12 -25.92 -49.64
N ASP B 381 15.89 -26.66 -48.85
CA ASP B 381 15.68 -28.10 -48.75
C ASP B 381 14.93 -28.55 -47.51
N TYR B 382 15.14 -27.85 -46.38
CA TYR B 382 14.60 -28.29 -45.09
C TYR B 382 14.03 -27.17 -44.26
N LEU B 383 12.95 -27.49 -43.55
CA LEU B 383 12.47 -26.63 -42.52
C LEU B 383 12.80 -27.33 -41.20
N TYR B 384 13.35 -26.59 -40.24
CA TYR B 384 13.72 -27.17 -38.97
C TYR B 384 12.77 -26.65 -37.91
N TYR B 385 12.29 -27.56 -37.07
CA TYR B 385 11.38 -27.16 -36.03
C TYR B 385 11.52 -27.95 -34.72
N ILE B 386 10.96 -27.39 -33.66
CA ILE B 386 10.86 -28.09 -32.38
C ILE B 386 9.41 -28.51 -32.18
N SER B 387 9.20 -29.75 -31.75
CA SER B 387 7.85 -30.23 -31.44
C SER B 387 7.88 -31.12 -30.23
N ASN B 388 6.70 -31.42 -29.68
CA ASN B 388 6.57 -32.39 -28.59
C ASN B 388 6.02 -33.72 -29.09
N GLU B 389 6.37 -34.09 -30.33
CA GLU B 389 5.94 -35.35 -30.90
C GLU B 389 6.52 -36.59 -30.19
N TYR B 390 7.80 -36.57 -29.86
CA TYR B 390 8.47 -37.78 -29.40
C TYR B 390 7.77 -38.45 -28.22
N LYS B 391 7.56 -39.77 -28.35
CA LYS B 391 6.96 -40.62 -27.32
C LYS B 391 5.61 -40.11 -26.84
N GLY B 392 4.97 -39.26 -27.66
CA GLY B 392 3.69 -38.68 -27.29
C GLY B 392 3.72 -37.92 -25.98
N MET B 393 4.87 -37.34 -25.61
CA MET B 393 5.00 -36.57 -24.36
C MET B 393 4.92 -35.05 -24.61
N PRO B 394 3.80 -34.42 -24.19
CA PRO B 394 3.53 -32.98 -24.40
C PRO B 394 4.59 -32.08 -23.75
N GLY B 395 5.20 -32.58 -22.68
CA GLY B 395 6.20 -31.83 -21.92
C GLY B 395 7.66 -32.12 -22.27
N GLY B 396 7.89 -32.76 -23.42
CA GLY B 396 9.24 -32.96 -23.96
C GLY B 396 9.35 -32.19 -25.26
N ARG B 397 10.57 -31.87 -25.69
CA ARG B 397 10.79 -31.02 -26.87
C ARG B 397 11.99 -31.55 -27.61
N ASN B 398 11.80 -31.79 -28.91
CA ASN B 398 12.90 -32.19 -29.79
C ASN B 398 12.99 -31.42 -31.08
N LEU B 399 14.18 -31.41 -31.67
CA LEU B 399 14.43 -30.75 -32.93
C LEU B 399 14.26 -31.73 -34.08
N TYR B 400 13.45 -31.34 -35.06
CA TYR B 400 13.17 -32.14 -36.25
C TYR B 400 13.47 -31.34 -37.48
N LYS B 401 13.75 -32.03 -38.58
CA LYS B 401 13.76 -31.41 -39.90
C LYS B 401 12.81 -32.17 -40.82
N ILE B 402 12.16 -31.42 -41.70
CA ILE B 402 11.21 -31.98 -42.65
C ILE B 402 11.68 -31.61 -44.07
N GLN B 403 11.71 -32.60 -44.96
CA GLN B 403 12.15 -32.39 -46.34
C GLN B 403 11.08 -31.64 -47.09
N LEU B 404 11.40 -30.47 -47.58
CA LEU B 404 10.40 -29.66 -48.27
C LEU B 404 9.81 -30.28 -49.56
N SER B 405 10.59 -31.10 -50.26
CA SER B 405 10.12 -31.77 -51.49
C SER B 405 9.32 -33.06 -51.21
N ASP B 406 9.42 -33.60 -49.99
CA ASP B 406 8.65 -34.78 -49.61
C ASP B 406 8.31 -34.74 -48.12
N TYR B 407 7.05 -34.42 -47.80
CA TYR B 407 6.65 -34.20 -46.42
C TYR B 407 6.63 -35.49 -45.59
N THR B 408 6.72 -36.64 -46.26
CA THR B 408 6.74 -37.92 -45.56
C THR B 408 8.12 -38.18 -44.92
N LYS B 409 9.12 -37.41 -45.32
CA LYS B 409 10.49 -37.56 -44.82
C LYS B 409 10.77 -36.59 -43.66
N VAL B 410 10.46 -37.03 -42.43
CA VAL B 410 10.70 -36.25 -41.22
C VAL B 410 11.78 -36.95 -40.41
N THR B 411 12.84 -36.22 -40.05
CA THR B 411 13.92 -36.78 -39.26
C THR B 411 14.05 -36.05 -37.92
N CYS B 412 14.07 -36.82 -36.83
CA CYS B 412 14.37 -36.25 -35.52
C CYS B 412 15.86 -36.14 -35.32
N LEU B 413 16.32 -34.92 -35.05
CA LEU B 413 17.74 -34.66 -34.92
C LEU B 413 18.24 -34.74 -33.47
N SER B 414 17.32 -34.77 -32.50
CA SER B 414 17.72 -34.70 -31.09
C SER B 414 17.24 -35.88 -30.26
N CYS B 415 16.16 -36.52 -30.70
CA CYS B 415 15.48 -37.56 -29.96
C CYS B 415 16.42 -38.64 -29.39
N GLU B 416 17.32 -39.15 -30.21
CA GLU B 416 18.13 -40.31 -29.85
C GLU B 416 19.55 -39.98 -29.37
N LEU B 417 19.91 -38.70 -29.33
CA LEU B 417 21.27 -38.34 -28.90
C LEU B 417 21.61 -38.89 -27.51
N ASN B 418 20.69 -38.71 -26.56
CA ASN B 418 20.86 -39.22 -25.21
C ASN B 418 19.49 -39.20 -24.56
N PRO B 419 18.67 -40.22 -24.85
CA PRO B 419 17.26 -40.28 -24.45
C PRO B 419 17.02 -40.26 -22.93
N GLU B 420 17.98 -40.73 -22.15
CA GLU B 420 17.80 -40.83 -20.71
C GLU B 420 18.00 -39.47 -20.05
N ARG B 421 19.04 -38.76 -20.47
CA ARG B 421 19.34 -37.44 -19.93
C ARG B 421 18.58 -36.31 -20.61
N CYS B 422 18.30 -36.48 -21.91
CA CYS B 422 17.87 -35.36 -22.74
C CYS B 422 16.56 -35.60 -23.48
N GLN B 423 15.50 -34.97 -22.98
CA GLN B 423 14.16 -35.07 -23.57
C GLN B 423 13.58 -33.69 -23.82
N TYR B 424 14.36 -32.64 -23.56
CA TYR B 424 13.86 -31.29 -23.69
C TYR B 424 14.94 -30.40 -24.29
N TYR B 425 14.74 -29.99 -25.54
CA TYR B 425 15.75 -29.26 -26.27
C TYR B 425 15.27 -27.91 -26.76
N SER B 426 16.20 -26.98 -26.88
CA SER B 426 16.03 -25.80 -27.70
C SER B 426 17.27 -25.70 -28.61
N VAL B 427 17.21 -24.85 -29.62
CA VAL B 427 18.23 -24.86 -30.67
C VAL B 427 18.59 -23.45 -31.08
N SER B 428 19.85 -23.25 -31.47
CA SER B 428 20.31 -21.99 -32.06
C SER B 428 21.11 -22.23 -33.35
N PHE B 429 20.58 -21.76 -34.48
CA PHE B 429 21.18 -21.97 -35.81
C PHE B 429 22.14 -20.83 -36.25
N SER B 430 23.24 -21.18 -36.91
CA SER B 430 24.09 -20.17 -37.56
C SER B 430 23.37 -19.44 -38.70
N LYS B 431 23.99 -18.39 -39.24
CA LYS B 431 23.31 -17.49 -40.21
C LYS B 431 22.57 -18.16 -41.38
N GLU B 432 23.16 -19.18 -41.99
CA GLU B 432 22.44 -19.90 -43.07
C GLU B 432 22.14 -21.34 -42.71
N ALA B 433 22.01 -21.59 -41.41
CA ALA B 433 21.66 -22.89 -40.89
C ALA B 433 22.71 -23.94 -41.21
N LYS B 434 23.94 -23.52 -41.43
CA LYS B 434 25.03 -24.48 -41.67
C LYS B 434 25.40 -25.23 -40.37
N TYR B 435 25.29 -24.54 -39.25
CA TYR B 435 25.57 -25.16 -37.97
C TYR B 435 24.42 -24.92 -37.02
N TYR B 436 24.26 -25.82 -36.05
CA TYR B 436 23.32 -25.57 -34.96
C TYR B 436 23.85 -26.01 -33.60
N GLN B 437 23.46 -25.24 -32.59
CA GLN B 437 23.76 -25.57 -31.22
C GLN B 437 22.51 -26.19 -30.59
N LEU B 438 22.67 -27.35 -29.99
CA LEU B 438 21.59 -27.95 -29.22
C LEU B 438 21.78 -27.70 -27.71
N ARG B 439 20.71 -27.24 -27.07
CA ARG B 439 20.70 -26.99 -25.63
C ARG B 439 19.70 -27.96 -25.01
N CYS B 440 20.22 -29.01 -24.39
CA CYS B 440 19.38 -29.94 -23.65
C CYS B 440 19.20 -29.36 -22.24
N SER B 441 17.97 -29.30 -21.74
CA SER B 441 17.78 -28.77 -20.39
C SER B 441 17.12 -29.75 -19.41
N GLY B 442 16.91 -31.00 -19.84
CA GLY B 442 16.42 -32.04 -18.94
C GLY B 442 15.99 -33.31 -19.64
N PRO B 443 15.65 -34.37 -18.86
CA PRO B 443 15.51 -34.39 -17.41
C PRO B 443 16.83 -34.42 -16.62
N GLY B 444 17.94 -34.69 -17.29
CA GLY B 444 19.24 -34.66 -16.63
C GLY B 444 19.82 -33.26 -16.67
N LEU B 445 21.07 -33.14 -16.26
CA LEU B 445 21.79 -31.86 -16.27
C LEU B 445 21.98 -31.33 -17.68
N PRO B 446 21.84 -30.00 -17.83
CA PRO B 446 21.91 -29.38 -19.16
C PRO B 446 23.17 -29.77 -19.93
N LEU B 447 23.04 -29.86 -21.25
CA LEU B 447 24.10 -30.31 -22.13
C LEU B 447 24.03 -29.53 -23.43
N TYR B 448 25.12 -28.86 -23.75
CA TYR B 448 25.21 -28.02 -24.92
C TYR B 448 26.15 -28.68 -25.90
N THR B 449 25.67 -28.86 -27.12
CA THR B 449 26.44 -29.51 -28.21
C THR B 449 26.40 -28.70 -29.48
N LEU B 450 27.43 -28.85 -30.32
CA LEU B 450 27.48 -28.20 -31.62
C LEU B 450 27.36 -29.22 -32.74
N HIS B 451 26.57 -28.89 -33.75
CA HIS B 451 26.28 -29.79 -34.86
C HIS B 451 26.39 -29.09 -36.22
N SER B 452 26.64 -29.87 -37.27
CA SER B 452 26.59 -29.29 -38.62
C SER B 452 25.47 -29.90 -39.42
N SER B 453 24.79 -29.06 -40.19
CA SER B 453 23.56 -29.46 -40.89
C SER B 453 23.72 -30.40 -42.07
N VAL B 454 24.84 -30.35 -42.78
CA VAL B 454 24.94 -31.12 -44.03
C VAL B 454 24.67 -32.62 -43.82
N ASN B 455 25.30 -33.25 -42.82
CA ASN B 455 24.99 -34.63 -42.46
C ASN B 455 24.63 -34.84 -40.98
N ASP B 456 24.27 -33.76 -40.29
CA ASP B 456 23.89 -33.81 -38.89
C ASP B 456 24.93 -34.49 -38.01
N LYS B 457 26.18 -34.09 -38.21
CA LYS B 457 27.27 -34.58 -37.38
C LYS B 457 27.21 -33.87 -36.06
N GLY B 458 27.47 -34.63 -35.01
CA GLY B 458 27.67 -34.09 -33.68
C GLY B 458 29.13 -33.70 -33.66
N LEU B 459 29.43 -32.41 -33.81
CA LEU B 459 30.82 -31.97 -33.82
C LEU B 459 31.51 -32.10 -32.46
N ARG B 460 30.97 -31.46 -31.43
CA ARG B 460 31.61 -31.46 -30.11
C ARG B 460 30.71 -31.00 -28.96
N VAL B 461 31.08 -31.42 -27.75
CA VAL B 461 30.42 -31.05 -26.53
C VAL B 461 30.96 -29.71 -26.09
N LEU B 462 30.08 -28.73 -25.96
CA LEU B 462 30.47 -27.38 -25.55
C LEU B 462 30.54 -27.26 -24.02
N GLU B 463 29.57 -27.91 -23.37
CA GLU B 463 29.43 -27.81 -21.94
C GLU B 463 28.51 -28.93 -21.48
N ASP B 464 29.02 -29.80 -20.62
CA ASP B 464 28.28 -30.95 -20.15
C ASP B 464 27.91 -30.89 -18.68
N ASN B 465 28.21 -29.78 -18.02
CA ASN B 465 27.94 -29.64 -16.59
C ASN B 465 28.58 -30.74 -15.73
N SER B 466 29.72 -31.24 -16.22
CA SER B 466 30.51 -32.27 -15.55
C SER B 466 30.81 -31.97 -14.07
N ALA B 467 31.26 -30.75 -13.81
CA ALA B 467 31.58 -30.29 -12.47
C ALA B 467 30.38 -30.37 -11.54
N LEU B 468 29.26 -29.80 -11.95
CA LEU B 468 28.03 -29.79 -11.15
C LEU B 468 27.60 -31.20 -10.81
N ASP B 469 27.62 -32.09 -11.80
CA ASP B 469 27.28 -33.50 -11.58
C ASP B 469 28.06 -34.08 -10.40
N LYS B 470 29.35 -33.84 -10.38
CA LYS B 470 30.25 -34.34 -9.34
C LYS B 470 29.94 -33.73 -7.96
N MET B 471 29.49 -32.48 -7.93
CA MET B 471 29.10 -31.85 -6.66
C MET B 471 27.79 -32.45 -6.17
N LEU B 472 26.84 -32.56 -7.09
CA LEU B 472 25.50 -33.08 -6.79
C LEU B 472 25.47 -34.52 -6.26
N GLN B 473 26.44 -35.34 -6.67
CA GLN B 473 26.62 -36.70 -6.13
C GLN B 473 26.77 -36.73 -4.59
N ASN B 474 27.26 -35.64 -4.01
CA ASN B 474 27.38 -35.54 -2.56
C ASN B 474 26.20 -34.90 -1.83
N VAL B 475 25.07 -34.81 -2.54
CA VAL B 475 23.84 -34.21 -2.00
C VAL B 475 22.69 -35.19 -2.17
N GLN B 476 21.81 -35.25 -1.19
CA GLN B 476 20.61 -36.05 -1.29
C GLN B 476 19.56 -35.34 -2.16
N MET B 477 19.68 -35.48 -3.48
CA MET B 477 18.82 -34.79 -4.44
C MET B 477 17.47 -35.49 -4.64
N PRO B 478 16.38 -34.70 -4.79
CA PRO B 478 15.09 -35.30 -5.08
C PRO B 478 15.09 -35.82 -6.52
N SER B 479 14.11 -36.64 -6.85
CA SER B 479 13.89 -37.05 -8.23
C SER B 479 12.59 -36.40 -8.68
N LYS B 480 12.31 -36.57 -9.97
CA LYS B 480 11.09 -36.08 -10.59
C LYS B 480 10.38 -37.22 -11.32
N LYS B 481 9.10 -37.39 -11.00
CA LYS B 481 8.23 -38.29 -11.69
C LYS B 481 7.31 -37.48 -12.60
N LEU B 482 7.30 -37.83 -13.89
CA LEU B 482 6.36 -37.28 -14.84
C LEU B 482 5.44 -38.40 -15.27
N ASP B 483 4.14 -38.16 -15.18
CA ASP B 483 3.13 -39.17 -15.50
C ASP B 483 1.81 -38.46 -15.80
N PHE B 484 0.75 -39.25 -15.95
CA PHE B 484 -0.56 -38.72 -16.31
C PHE B 484 -1.69 -39.39 -15.55
N ILE B 485 -2.82 -38.69 -15.46
CA ILE B 485 -4.08 -39.27 -15.03
C ILE B 485 -5.11 -39.05 -16.12
N ILE B 486 -6.21 -39.81 -16.05
CA ILE B 486 -7.27 -39.74 -17.05
C ILE B 486 -8.54 -39.13 -16.45
N LEU B 487 -9.11 -38.14 -17.14
CA LEU B 487 -10.39 -37.52 -16.78
C LEU B 487 -11.27 -37.47 -18.02
N ASN B 488 -12.51 -37.96 -17.92
CA ASN B 488 -13.41 -38.04 -19.08
C ASN B 488 -12.65 -38.46 -20.33
N GLU B 489 -11.87 -39.54 -20.22
CA GLU B 489 -11.15 -40.13 -21.36
C GLU B 489 -9.93 -39.35 -21.89
N THR B 490 -9.55 -38.27 -21.22
CA THR B 490 -8.42 -37.45 -21.65
C THR B 490 -7.22 -37.63 -20.72
N LYS B 491 -6.04 -37.78 -21.31
CA LYS B 491 -4.79 -37.72 -20.57
C LYS B 491 -4.50 -36.30 -20.07
N PHE B 492 -4.27 -36.16 -18.77
CA PHE B 492 -3.72 -34.91 -18.22
C PHE B 492 -2.48 -35.25 -17.42
N TRP B 493 -1.40 -34.50 -17.69
CA TRP B 493 -0.09 -34.81 -17.15
C TRP B 493 0.17 -34.09 -15.84
N TYR B 494 1.01 -34.69 -15.00
CA TYR B 494 1.45 -34.07 -13.79
C TYR B 494 2.91 -34.44 -13.53
N GLN B 495 3.55 -33.68 -12.67
CA GLN B 495 4.86 -34.04 -12.19
C GLN B 495 4.87 -33.98 -10.67
N MET B 496 5.75 -34.78 -10.07
CA MET B 496 5.98 -34.74 -8.64
C MET B 496 7.48 -34.67 -8.39
N ILE B 497 7.89 -33.67 -7.63
CA ILE B 497 9.25 -33.62 -7.10
C ILE B 497 9.23 -34.50 -5.84
N LEU B 498 9.98 -35.59 -5.89
CA LEU B 498 9.90 -36.60 -4.86
C LEU B 498 11.12 -36.55 -3.99
N PRO B 499 10.91 -36.57 -2.66
CA PRO B 499 12.03 -36.58 -1.71
C PRO B 499 13.04 -37.72 -1.99
N PRO B 500 14.33 -37.51 -1.69
CA PRO B 500 15.32 -38.58 -1.74
C PRO B 500 14.87 -39.80 -0.92
N HIS B 501 15.22 -41.01 -1.36
CA HIS B 501 14.81 -42.25 -0.66
C HIS B 501 13.29 -42.36 -0.50
N PHE B 502 12.57 -41.81 -1.49
CA PHE B 502 11.12 -41.87 -1.51
C PHE B 502 10.64 -43.28 -1.24
N ASP B 503 9.70 -43.41 -0.31
CA ASP B 503 9.17 -44.70 0.12
C ASP B 503 7.65 -44.77 -0.05
N LYS B 504 7.22 -45.56 -1.03
CA LYS B 504 5.80 -45.65 -1.43
C LYS B 504 4.86 -46.11 -0.33
N SER B 505 5.45 -46.61 0.76
CA SER B 505 4.71 -47.06 1.94
C SER B 505 4.62 -46.00 3.04
N LYS B 506 5.45 -44.96 2.97
CA LYS B 506 5.32 -43.83 3.89
C LYS B 506 4.29 -42.82 3.35
N LYS B 507 3.73 -42.01 4.24
CA LYS B 507 2.81 -40.95 3.82
C LYS B 507 3.51 -39.58 3.91
N TYR B 508 3.56 -38.87 2.77
CA TYR B 508 4.24 -37.58 2.69
C TYR B 508 3.24 -36.44 2.60
N PRO B 509 3.54 -35.30 3.24
CA PRO B 509 2.69 -34.14 2.97
C PRO B 509 2.92 -33.71 1.51
N LEU B 510 1.98 -32.98 0.92
CA LEU B 510 2.09 -32.62 -0.49
C LEU B 510 1.73 -31.15 -0.76
N LEU B 511 2.63 -30.46 -1.48
CA LEU B 511 2.44 -29.08 -1.93
C LEU B 511 2.11 -29.00 -3.43
N LEU B 512 0.96 -28.45 -3.74
CA LEU B 512 0.60 -28.28 -5.14
C LEU B 512 1.15 -26.92 -5.64
N ASP B 513 2.16 -27.00 -6.49
CA ASP B 513 2.73 -25.83 -7.11
C ASP B 513 1.90 -25.58 -8.36
N VAL B 514 1.17 -24.47 -8.38
CA VAL B 514 0.23 -24.23 -9.45
C VAL B 514 0.56 -22.94 -10.19
N TYR B 515 0.35 -22.98 -11.51
CA TYR B 515 0.27 -21.75 -12.29
C TYR B 515 -1.04 -21.76 -13.06
N ALA B 516 -1.12 -22.60 -14.09
CA ALA B 516 -2.36 -23.01 -14.71
C ALA B 516 -3.03 -21.91 -15.53
N GLY B 517 -2.26 -20.90 -15.91
CA GLY B 517 -2.75 -19.91 -16.86
C GLY B 517 -2.94 -20.58 -18.22
N PRO B 518 -3.77 -19.98 -19.10
CA PRO B 518 -4.01 -20.50 -20.43
C PRO B 518 -2.73 -20.65 -21.24
N CYS B 519 -2.61 -21.81 -21.88
CA CYS B 519 -1.43 -22.24 -22.61
C CYS B 519 -0.20 -22.49 -21.72
N SER B 520 -0.41 -22.66 -20.42
CA SER B 520 0.71 -22.95 -19.53
C SER B 520 1.11 -24.42 -19.54
N GLN B 521 2.33 -24.70 -19.09
CA GLN B 521 2.75 -26.07 -18.90
C GLN B 521 3.64 -26.18 -17.66
N LYS B 522 3.16 -26.90 -16.64
CA LYS B 522 3.88 -27.06 -15.38
C LYS B 522 4.38 -28.50 -15.19
N ALA B 523 3.99 -29.38 -16.10
CA ALA B 523 4.43 -30.77 -16.11
C ALA B 523 5.36 -30.93 -17.27
N ASP B 524 6.66 -30.98 -17.01
CA ASP B 524 7.66 -31.10 -18.10
C ASP B 524 8.92 -31.89 -17.72
N THR B 525 9.82 -32.05 -18.69
CA THR B 525 11.04 -32.84 -18.49
C THR B 525 12.23 -31.93 -18.17
N VAL B 526 11.97 -30.67 -17.81
CA VAL B 526 13.07 -29.75 -17.53
C VAL B 526 13.67 -29.96 -16.12
N PHE B 527 15.00 -29.95 -16.03
CA PHE B 527 15.71 -30.03 -14.75
C PHE B 527 15.79 -28.63 -14.11
N ARG B 528 15.40 -28.54 -12.83
CA ARG B 528 15.33 -27.26 -12.12
C ARG B 528 15.85 -27.37 -10.69
N LEU B 529 16.55 -26.33 -10.25
CA LEU B 529 16.96 -26.16 -8.87
C LEU B 529 16.25 -24.91 -8.34
N ASN B 530 15.20 -25.14 -7.58
CA ASN B 530 14.38 -24.05 -7.10
C ASN B 530 13.90 -24.35 -5.67
N TRP B 531 12.91 -23.59 -5.22
CA TRP B 531 12.30 -23.79 -3.91
C TRP B 531 11.80 -25.20 -3.72
N ALA B 532 11.14 -25.75 -4.75
CA ALA B 532 10.63 -27.13 -4.69
C ALA B 532 11.73 -28.14 -4.38
N THR B 533 12.93 -27.93 -4.93
CA THR B 533 14.05 -28.83 -4.69
C THR B 533 14.38 -28.93 -3.19
N TYR B 534 14.43 -27.78 -2.52
CA TYR B 534 14.71 -27.73 -1.08
C TYR B 534 13.57 -28.38 -0.30
N LEU B 535 12.33 -28.03 -0.66
CA LEU B 535 11.18 -28.61 0.00
C LEU B 535 11.20 -30.14 -0.05
N ALA B 536 11.57 -30.71 -1.19
CA ALA B 536 11.60 -32.16 -1.30
C ALA B 536 12.82 -32.75 -0.57
N SER B 537 13.99 -32.16 -0.79
CA SER B 537 15.24 -32.74 -0.32
C SER B 537 15.41 -32.64 1.21
N THR B 538 15.09 -31.49 1.78
CA THR B 538 15.27 -31.25 3.21
C THR B 538 13.99 -31.49 4.02
N GLU B 539 12.85 -31.01 3.52
CA GLU B 539 11.62 -31.09 4.30
C GLU B 539 10.79 -32.35 4.02
N ASN B 540 11.22 -33.15 3.04
CA ASN B 540 10.50 -34.35 2.64
C ASN B 540 9.04 -34.09 2.29
N ILE B 541 8.81 -33.00 1.56
CA ILE B 541 7.50 -32.65 1.02
C ILE B 541 7.47 -33.00 -0.46
N ILE B 542 6.43 -33.68 -0.92
CA ILE B 542 6.27 -33.89 -2.35
C ILE B 542 5.69 -32.63 -2.95
N VAL B 543 6.29 -32.17 -4.05
CA VAL B 543 5.82 -30.96 -4.71
C VAL B 543 5.29 -31.34 -6.09
N ALA B 544 3.98 -31.20 -6.26
CA ALA B 544 3.33 -31.69 -7.44
C ALA B 544 2.86 -30.49 -8.26
N SER B 545 2.76 -30.68 -9.57
CA SER B 545 2.14 -29.69 -10.45
C SER B 545 1.34 -30.48 -11.46
N PHE B 546 0.27 -29.88 -11.97
CA PHE B 546 -0.66 -30.57 -12.81
C PHE B 546 -1.14 -29.65 -13.92
N ASP B 547 -1.21 -30.18 -15.14
CA ASP B 547 -1.67 -29.45 -16.32
C ASP B 547 -3.06 -29.91 -16.72
N GLY B 548 -4.06 -29.14 -16.31
CA GLY B 548 -5.45 -29.46 -16.58
C GLY B 548 -5.99 -28.69 -17.76
N ARG B 549 -7.31 -28.56 -17.81
CA ARG B 549 -7.93 -27.80 -18.89
C ARG B 549 -7.39 -26.39 -18.95
N GLY B 550 -7.20 -25.91 -20.19
CA GLY B 550 -6.58 -24.62 -20.39
C GLY B 550 -5.09 -24.69 -20.63
N SER B 551 -4.46 -25.81 -20.30
CA SER B 551 -3.01 -25.91 -20.42
C SER B 551 -2.62 -26.02 -21.90
N GLY B 552 -1.37 -25.70 -22.23
CA GLY B 552 -0.96 -25.59 -23.63
C GLY B 552 -0.31 -26.83 -24.23
N TYR B 553 -0.08 -26.80 -25.54
CA TYR B 553 0.71 -27.82 -26.28
C TYR B 553 0.03 -29.18 -26.44
N GLN B 554 -1.29 -29.22 -26.27
CA GLN B 554 -2.06 -30.46 -26.38
C GLN B 554 -3.28 -30.33 -27.29
N GLY B 555 -3.33 -29.26 -28.07
CA GLY B 555 -4.49 -29.00 -28.93
C GLY B 555 -5.45 -28.03 -28.27
N ASP B 556 -6.25 -27.37 -29.10
CA ASP B 556 -7.27 -26.42 -28.67
C ASP B 556 -8.43 -27.00 -27.85
N LYS B 557 -8.73 -28.27 -28.00
CA LYS B 557 -9.82 -28.82 -27.23
C LYS B 557 -9.51 -28.66 -25.74
N ILE B 558 -8.28 -28.93 -25.36
CA ILE B 558 -7.83 -28.69 -24.00
C ILE B 558 -7.57 -27.20 -23.75
N MET B 559 -6.79 -26.56 -24.62
CA MET B 559 -6.39 -25.18 -24.37
C MET B 559 -7.60 -24.22 -24.33
N HIS B 560 -8.56 -24.41 -25.22
CA HIS B 560 -9.72 -23.50 -25.33
C HIS B 560 -10.87 -23.81 -24.36
N ALA B 561 -10.72 -24.89 -23.58
CA ALA B 561 -11.75 -25.27 -22.62
C ALA B 561 -12.12 -24.11 -21.69
N ILE B 562 -11.14 -23.28 -21.32
CA ILE B 562 -11.44 -22.14 -20.44
C ILE B 562 -11.82 -20.84 -21.18
N ASN B 563 -12.12 -20.95 -22.47
CA ASN B 563 -12.51 -19.76 -23.22
C ASN B 563 -13.74 -19.08 -22.62
N ARG B 564 -13.59 -17.79 -22.32
CA ARG B 564 -14.66 -16.96 -21.75
C ARG B 564 -15.00 -17.39 -20.33
N ARG B 565 -14.17 -18.28 -19.78
CA ARG B 565 -14.52 -18.94 -18.52
C ARG B 565 -13.33 -19.14 -17.58
N LEU B 566 -12.52 -18.10 -17.45
CA LEU B 566 -11.38 -18.12 -16.53
C LEU B 566 -11.88 -18.31 -15.09
N GLY B 567 -11.10 -19.00 -14.28
CA GLY B 567 -11.51 -19.30 -12.91
C GLY B 567 -12.58 -20.38 -12.83
N THR B 568 -12.66 -21.23 -13.84
CA THR B 568 -13.57 -22.38 -13.78
C THR B 568 -12.82 -23.70 -13.88
N PHE B 569 -12.74 -24.27 -15.08
CA PHE B 569 -12.24 -25.64 -15.27
C PHE B 569 -10.81 -25.86 -14.81
N GLU B 570 -9.97 -24.83 -14.91
CA GLU B 570 -8.57 -24.94 -14.53
C GLU B 570 -8.39 -24.94 -13.00
N VAL B 571 -9.31 -24.26 -12.29
CA VAL B 571 -9.39 -24.33 -10.82
C VAL B 571 -9.94 -25.70 -10.37
N GLU B 572 -11.09 -26.09 -10.93
CA GLU B 572 -11.66 -27.43 -10.72
C GLU B 572 -10.68 -28.57 -10.97
N ASP B 573 -9.92 -28.51 -12.07
CA ASP B 573 -8.99 -29.60 -12.41
C ASP B 573 -7.85 -29.77 -11.42
N GLN B 574 -7.38 -28.66 -10.84
CA GLN B 574 -6.38 -28.65 -9.77
C GLN B 574 -6.93 -29.36 -8.52
N ILE B 575 -8.14 -28.99 -8.12
CA ILE B 575 -8.77 -29.61 -6.96
C ILE B 575 -8.87 -31.11 -7.22
N GLU B 576 -9.36 -31.47 -8.40
CA GLU B 576 -9.52 -32.87 -8.81
C GLU B 576 -8.18 -33.65 -8.82
N ALA B 577 -7.11 -33.01 -9.29
CA ALA B 577 -5.80 -33.65 -9.26
C ALA B 577 -5.38 -33.89 -7.82
N ALA B 578 -5.56 -32.88 -6.97
CA ALA B 578 -5.17 -33.02 -5.56
C ALA B 578 -5.99 -34.12 -4.89
N ARG B 579 -7.26 -34.19 -5.27
CA ARG B 579 -8.17 -35.23 -4.80
C ARG B 579 -7.61 -36.60 -5.16
N GLN B 580 -7.12 -36.74 -6.40
CA GLN B 580 -6.58 -38.01 -6.85
C GLN B 580 -5.23 -38.33 -6.23
N PHE B 581 -4.41 -37.31 -6.02
CA PHE B 581 -3.15 -37.46 -5.33
C PHE B 581 -3.39 -37.92 -3.90
N SER B 582 -4.41 -37.32 -3.26
CA SER B 582 -4.74 -37.60 -1.87
C SER B 582 -5.17 -39.04 -1.62
N LYS B 583 -5.60 -39.73 -2.67
CA LYS B 583 -5.98 -41.14 -2.57
C LYS B 583 -4.85 -42.08 -2.90
N MET B 584 -3.70 -41.53 -3.27
CA MET B 584 -2.53 -42.37 -3.47
C MET B 584 -1.98 -42.75 -2.09
N GLY B 585 -1.30 -43.89 -2.02
CA GLY B 585 -0.85 -44.46 -0.77
C GLY B 585 0.19 -43.64 -0.03
N PHE B 586 1.04 -42.93 -0.78
CA PHE B 586 2.16 -42.18 -0.21
C PHE B 586 1.85 -40.68 0.11
N VAL B 587 0.60 -40.26 -0.09
CA VAL B 587 0.21 -38.88 0.21
C VAL B 587 -0.60 -38.76 1.50
N ASP B 588 -0.14 -37.90 2.41
CA ASP B 588 -0.89 -37.60 3.62
C ASP B 588 -2.04 -36.63 3.33
N ASN B 589 -3.26 -37.15 3.32
CA ASN B 589 -4.44 -36.34 3.00
C ASN B 589 -4.81 -35.26 4.05
N LYS B 590 -4.15 -35.29 5.21
CA LYS B 590 -4.34 -34.25 6.25
C LYS B 590 -3.39 -33.08 6.02
N ARG B 591 -2.44 -33.26 5.09
CA ARG B 591 -1.43 -32.25 4.82
C ARG B 591 -1.22 -32.03 3.31
N ILE B 592 -2.22 -31.43 2.69
CA ILE B 592 -2.08 -30.99 1.31
C ILE B 592 -2.21 -29.48 1.25
N ALA B 593 -1.20 -28.85 0.65
CA ALA B 593 -1.14 -27.43 0.48
C ALA B 593 -1.12 -27.03 -0.99
N ILE B 594 -1.29 -25.75 -1.24
CA ILE B 594 -1.30 -25.23 -2.59
C ILE B 594 -0.63 -23.85 -2.60
N TRP B 595 0.12 -23.53 -3.64
CA TRP B 595 0.70 -22.19 -3.81
C TRP B 595 0.95 -21.85 -5.27
N GLY B 596 1.06 -20.56 -5.53
CA GLY B 596 1.26 -20.06 -6.89
C GLY B 596 1.53 -18.58 -6.91
N TRP B 597 2.04 -18.12 -8.05
CA TRP B 597 2.45 -16.73 -8.23
C TRP B 597 1.72 -16.22 -9.44
N SER B 598 1.21 -14.97 -9.38
CA SER B 598 0.49 -14.28 -10.30
C SER B 598 -0.74 -15.09 -10.78
N TYR B 599 -0.83 -15.69 -11.93
CA TYR B 599 -1.98 -16.55 -12.29
C TYR B 599 -2.09 -17.72 -11.31
N GLY B 600 -0.96 -18.26 -10.89
CA GLY B 600 -1.00 -19.29 -9.82
C GLY B 600 -1.56 -18.80 -8.48
N GLY B 601 -1.33 -17.53 -8.14
CA GLY B 601 -1.90 -16.92 -6.93
C GLY B 601 -3.41 -16.83 -7.04
N TYR B 602 -3.89 -16.42 -8.21
CA TYR B 602 -5.32 -16.43 -8.49
C TYR B 602 -5.92 -17.84 -8.26
N VAL B 603 -5.38 -18.83 -8.97
CA VAL B 603 -5.88 -20.20 -8.89
C VAL B 603 -5.80 -20.76 -7.47
N THR B 604 -4.65 -20.56 -6.81
CA THR B 604 -4.49 -20.91 -5.42
C THR B 604 -5.62 -20.30 -4.56
N SER B 605 -5.88 -19.00 -4.75
CA SER B 605 -6.93 -18.32 -4.01
C SER B 605 -8.33 -18.88 -4.29
N MET B 606 -8.63 -19.11 -5.56
CA MET B 606 -9.93 -19.67 -5.97
C MET B 606 -10.11 -21.07 -5.41
N VAL B 607 -9.02 -21.85 -5.38
CA VAL B 607 -9.04 -23.19 -4.81
C VAL B 607 -9.29 -23.14 -3.29
N LEU B 608 -8.58 -22.27 -2.59
CA LEU B 608 -8.75 -22.18 -1.15
C LEU B 608 -10.15 -21.70 -0.80
N GLY B 609 -10.75 -20.91 -1.67
CA GLY B 609 -12.09 -20.38 -1.45
C GLY B 609 -13.19 -21.22 -2.08
N SER B 610 -12.86 -22.44 -2.52
CA SER B 610 -13.79 -23.28 -3.25
C SER B 610 -14.73 -24.10 -2.35
N GLY B 611 -14.36 -24.21 -1.08
CA GLY B 611 -15.06 -25.07 -0.12
C GLY B 611 -14.83 -26.56 -0.31
N SER B 612 -13.82 -26.93 -1.09
CA SER B 612 -13.58 -28.34 -1.42
C SER B 612 -13.15 -29.19 -0.22
N GLY B 613 -12.50 -28.58 0.77
CA GLY B 613 -12.00 -29.31 1.95
C GLY B 613 -10.73 -30.12 1.73
N VAL B 614 -10.22 -30.12 0.50
CA VAL B 614 -9.00 -30.89 0.19
C VAL B 614 -7.71 -30.25 0.73
N PHE B 615 -7.68 -28.93 0.80
CA PHE B 615 -6.44 -28.24 1.15
C PHE B 615 -6.48 -27.69 2.56
N LYS B 616 -5.38 -27.87 3.29
CA LYS B 616 -5.27 -27.36 4.64
C LYS B 616 -4.80 -25.90 4.65
N CYS B 617 -3.96 -25.54 3.69
CA CYS B 617 -3.33 -24.23 3.65
C CYS B 617 -2.81 -23.88 2.26
N GLY B 618 -2.52 -22.60 2.03
CA GLY B 618 -1.92 -22.20 0.78
C GLY B 618 -1.35 -20.81 0.80
N ILE B 619 -0.53 -20.51 -0.22
CA ILE B 619 0.11 -19.21 -0.35
C ILE B 619 -0.12 -18.59 -1.74
N ALA B 620 -0.67 -17.39 -1.74
CA ALA B 620 -0.83 -16.65 -2.99
C ALA B 620 0.16 -15.49 -3.06
N VAL B 621 1.00 -15.47 -4.10
CA VAL B 621 1.94 -14.35 -4.31
C VAL B 621 1.49 -13.55 -5.52
N ALA B 622 1.32 -12.23 -5.35
CA ALA B 622 0.80 -11.32 -6.39
C ALA B 622 -0.36 -11.89 -7.20
N PRO B 623 -1.45 -12.32 -6.54
CA PRO B 623 -2.50 -12.95 -7.33
C PRO B 623 -3.33 -11.92 -8.05
N VAL B 624 -3.90 -12.32 -9.18
CA VAL B 624 -5.07 -11.65 -9.70
C VAL B 624 -6.21 -12.03 -8.77
N SER B 625 -7.15 -11.11 -8.56
CA SER B 625 -8.33 -11.36 -7.74
C SER B 625 -9.63 -11.10 -8.48
N ARG B 626 -9.57 -10.23 -9.47
CA ARG B 626 -10.77 -9.79 -10.19
C ARG B 626 -10.31 -9.38 -11.58
N TRP B 627 -10.85 -10.03 -12.60
CA TRP B 627 -10.32 -9.81 -13.96
C TRP B 627 -10.41 -8.37 -14.47
N GLU B 628 -11.33 -7.59 -13.93
CA GLU B 628 -11.41 -6.17 -14.30
C GLU B 628 -10.23 -5.33 -13.81
N TYR B 629 -9.43 -5.85 -12.87
CA TYR B 629 -8.25 -5.12 -12.39
C TYR B 629 -7.07 -5.37 -13.30
N TYR B 630 -7.11 -6.45 -14.09
CA TYR B 630 -5.97 -6.81 -14.92
C TYR B 630 -6.03 -6.17 -16.32
N ASP B 631 -4.93 -6.30 -17.07
CA ASP B 631 -4.76 -5.50 -18.29
C ASP B 631 -5.62 -6.01 -19.42
N SER B 632 -5.97 -5.10 -20.33
CA SER B 632 -6.92 -5.41 -21.40
C SER B 632 -6.47 -6.54 -22.33
N VAL B 633 -5.26 -6.41 -22.85
CA VAL B 633 -4.78 -7.35 -23.91
C VAL B 633 -4.81 -8.82 -23.48
N TYR B 634 -4.31 -9.10 -22.29
CA TYR B 634 -4.34 -10.46 -21.74
C TYR B 634 -5.74 -10.87 -21.32
N THR B 635 -6.40 -10.02 -20.53
CA THR B 635 -7.66 -10.44 -19.94
C THR B 635 -8.70 -10.72 -21.02
N GLU B 636 -8.85 -9.77 -21.94
CA GLU B 636 -9.89 -9.86 -22.99
C GLU B 636 -9.61 -10.99 -23.99
N ARG B 637 -8.34 -11.33 -24.17
CA ARG B 637 -8.00 -12.44 -25.04
C ARG B 637 -8.83 -13.67 -24.66
N TYR B 638 -8.98 -13.87 -23.36
CA TYR B 638 -9.60 -15.08 -22.79
C TYR B 638 -11.03 -14.82 -22.35
N MET B 639 -11.33 -13.58 -21.99
CA MET B 639 -12.60 -13.25 -21.34
C MET B 639 -13.58 -12.42 -22.18
N GLY B 640 -13.13 -11.89 -23.32
CA GLY B 640 -13.92 -10.88 -24.02
C GLY B 640 -14.06 -9.61 -23.16
N LEU B 641 -15.11 -8.83 -23.42
CA LEU B 641 -15.26 -7.53 -22.78
C LEU B 641 -16.20 -7.63 -21.60
N PRO B 642 -15.92 -6.88 -20.52
CA PRO B 642 -16.78 -6.89 -19.35
C PRO B 642 -17.95 -5.90 -19.48
N THR B 643 -18.77 -6.12 -20.49
CA THR B 643 -20.00 -5.36 -20.74
C THR B 643 -21.17 -6.34 -20.62
N PRO B 644 -22.38 -5.83 -20.30
CA PRO B 644 -23.52 -6.74 -20.10
C PRO B 644 -23.85 -7.51 -21.38
N GLU B 645 -23.59 -6.91 -22.53
CA GLU B 645 -23.88 -7.58 -23.78
C GLU B 645 -22.75 -8.52 -24.26
N ASP B 646 -21.66 -8.63 -23.51
CA ASP B 646 -20.61 -9.58 -23.85
C ASP B 646 -20.41 -10.59 -22.73
N ASN B 647 -19.53 -10.30 -21.77
CA ASN B 647 -19.17 -11.32 -20.79
C ASN B 647 -19.07 -10.84 -19.34
N LEU B 648 -19.73 -9.71 -19.05
CA LEU B 648 -19.69 -9.14 -17.70
C LEU B 648 -20.12 -10.08 -16.58
N ASP B 649 -21.21 -10.83 -16.77
CA ASP B 649 -21.64 -11.80 -15.75
C ASP B 649 -20.50 -12.74 -15.31
N HIS B 650 -19.74 -13.28 -16.26
CA HIS B 650 -18.64 -14.14 -15.84
C HIS B 650 -17.43 -13.40 -15.25
N TYR B 651 -17.16 -12.19 -15.71
CA TYR B 651 -16.18 -11.34 -15.03
C TYR B 651 -16.51 -11.22 -13.53
N ARG B 652 -17.79 -11.09 -13.20
CA ARG B 652 -18.25 -10.85 -11.83
C ARG B 652 -18.40 -12.12 -11.00
N ASN B 653 -18.61 -13.24 -11.69
CA ASN B 653 -18.71 -14.54 -11.04
C ASN B 653 -17.36 -15.19 -10.73
N SER B 654 -16.26 -14.57 -11.15
CA SER B 654 -14.98 -15.24 -11.12
C SER B 654 -13.95 -14.52 -10.27
N THR B 655 -14.43 -13.78 -9.28
CA THR B 655 -13.55 -13.04 -8.40
C THR B 655 -13.20 -13.93 -7.20
N VAL B 656 -12.03 -13.68 -6.63
CA VAL B 656 -11.64 -14.31 -5.38
C VAL B 656 -12.53 -13.81 -4.24
N MET B 657 -12.79 -12.49 -4.26
CA MET B 657 -13.57 -11.80 -3.22
C MET B 657 -14.90 -12.47 -2.87
N SER B 658 -15.67 -12.87 -3.89
CA SER B 658 -16.94 -13.57 -3.70
C SER B 658 -16.87 -14.86 -2.89
N ARG B 659 -15.67 -15.42 -2.74
CA ARG B 659 -15.48 -16.70 -2.04
C ARG B 659 -14.88 -16.55 -0.65
N ALA B 660 -14.81 -15.31 -0.15
CA ALA B 660 -14.13 -15.03 1.12
C ALA B 660 -14.58 -15.94 2.29
N GLU B 661 -15.89 -16.07 2.45
CA GLU B 661 -16.51 -16.98 3.43
C GLU B 661 -15.83 -18.35 3.51
N ASN B 662 -15.54 -18.94 2.35
CA ASN B 662 -14.96 -20.27 2.31
C ASN B 662 -13.53 -20.40 2.84
N PHE B 663 -12.84 -19.28 3.03
CA PHE B 663 -11.50 -19.30 3.61
C PHE B 663 -11.50 -19.62 5.12
N LYS B 664 -12.69 -19.64 5.71
CA LYS B 664 -12.85 -19.86 7.14
C LYS B 664 -12.17 -21.16 7.56
N GLN B 665 -12.11 -22.13 6.65
CA GLN B 665 -11.59 -23.44 7.02
C GLN B 665 -10.19 -23.78 6.50
N VAL B 666 -9.41 -22.77 6.15
CA VAL B 666 -8.05 -22.96 5.63
C VAL B 666 -7.11 -21.93 6.25
N GLU B 667 -5.81 -22.20 6.19
CA GLU B 667 -4.79 -21.21 6.52
C GLU B 667 -4.20 -20.61 5.22
N TYR B 668 -4.18 -19.29 5.16
CA TYR B 668 -3.88 -18.55 3.95
C TYR B 668 -2.81 -17.55 4.22
N LEU B 669 -1.77 -17.55 3.38
CA LEU B 669 -0.77 -16.49 3.38
C LEU B 669 -0.85 -15.75 2.04
N LEU B 670 -1.04 -14.43 2.14
CA LEU B 670 -1.24 -13.52 1.02
C LEU B 670 -0.06 -12.52 0.98
N ILE B 671 0.68 -12.52 -0.14
CA ILE B 671 1.91 -11.75 -0.28
C ILE B 671 1.90 -10.94 -1.59
N HIS B 672 2.43 -9.71 -1.57
CA HIS B 672 2.37 -8.84 -2.76
C HIS B 672 3.35 -7.69 -2.62
N GLY B 673 4.01 -7.31 -3.72
CA GLY B 673 4.89 -6.15 -3.71
C GLY B 673 4.09 -4.87 -3.94
N THR B 674 4.40 -3.83 -3.16
CA THR B 674 3.64 -2.57 -3.26
C THR B 674 3.87 -1.81 -4.57
N ALA B 675 5.02 -2.05 -5.21
CA ALA B 675 5.30 -1.41 -6.49
C ALA B 675 5.13 -2.36 -7.68
N ASP B 676 4.21 -3.32 -7.56
CA ASP B 676 3.87 -4.20 -8.66
C ASP B 676 3.05 -3.42 -9.71
N ASP B 677 3.68 -3.20 -10.86
CA ASP B 677 3.07 -2.47 -11.97
C ASP B 677 2.23 -3.38 -12.85
N ASN B 678 2.34 -4.67 -12.62
CA ASN B 678 1.75 -5.67 -13.50
C ASN B 678 0.40 -6.10 -12.91
N VAL B 679 0.49 -6.92 -11.87
CA VAL B 679 -0.68 -7.24 -11.04
C VAL B 679 -0.65 -6.25 -9.86
N HIS B 680 -1.51 -5.26 -9.93
CA HIS B 680 -1.44 -4.15 -8.97
C HIS B 680 -1.67 -4.59 -7.53
N PHE B 681 -1.01 -3.93 -6.58
CA PHE B 681 -1.22 -4.24 -5.17
C PHE B 681 -2.72 -4.24 -4.85
N GLN B 682 -3.46 -3.29 -5.43
CA GLN B 682 -4.93 -3.27 -5.42
C GLN B 682 -5.58 -4.66 -5.34
N GLN B 683 -5.10 -5.60 -6.15
CA GLN B 683 -5.73 -6.91 -6.25
C GLN B 683 -5.69 -7.66 -4.90
N SER B 684 -4.55 -7.60 -4.21
CA SER B 684 -4.45 -8.20 -2.87
C SER B 684 -5.16 -7.36 -1.81
N ALA B 685 -5.09 -6.03 -1.95
CA ALA B 685 -5.82 -5.12 -1.07
C ALA B 685 -7.30 -5.45 -1.00
N GLN B 686 -7.87 -5.82 -2.12
CA GLN B 686 -9.28 -6.13 -2.16
C GLN B 686 -9.57 -7.52 -1.58
N ILE B 687 -8.60 -8.44 -1.69
CA ILE B 687 -8.75 -9.77 -1.11
C ILE B 687 -8.76 -9.64 0.40
N SER B 688 -7.74 -8.96 0.96
CA SER B 688 -7.64 -8.79 2.40
C SER B 688 -8.92 -8.14 2.94
N LYS B 689 -9.40 -7.09 2.27
CA LYS B 689 -10.59 -6.37 2.70
C LYS B 689 -11.84 -7.27 2.70
N ALA B 690 -11.97 -8.14 1.70
CA ALA B 690 -13.09 -9.08 1.69
C ALA B 690 -12.96 -10.12 2.81
N LEU B 691 -11.73 -10.52 3.14
CA LEU B 691 -11.53 -11.49 4.21
C LEU B 691 -11.85 -10.86 5.57
N VAL B 692 -11.40 -9.62 5.77
CA VAL B 692 -11.74 -8.85 6.98
C VAL B 692 -13.25 -8.71 7.15
N ASP B 693 -13.94 -8.42 6.05
CA ASP B 693 -15.39 -8.21 6.08
C ASP B 693 -16.21 -9.42 6.52
N VAL B 694 -15.72 -10.64 6.26
CA VAL B 694 -16.43 -11.87 6.71
C VAL B 694 -15.82 -12.51 7.96
N GLY B 695 -14.85 -11.86 8.61
CA GLY B 695 -14.29 -12.40 9.85
C GLY B 695 -13.27 -13.52 9.73
N VAL B 696 -12.52 -13.55 8.61
CA VAL B 696 -11.55 -14.61 8.39
C VAL B 696 -10.14 -14.17 8.76
N ASP B 697 -9.49 -14.91 9.64
CA ASP B 697 -8.11 -14.60 9.94
C ASP B 697 -7.19 -15.23 8.91
N PHE B 698 -6.09 -14.54 8.59
CA PHE B 698 -5.11 -15.01 7.59
C PHE B 698 -3.78 -14.32 7.87
N GLN B 699 -2.76 -14.71 7.09
CA GLN B 699 -1.41 -14.20 7.19
C GLN B 699 -1.13 -13.37 5.94
N ALA B 700 -0.36 -12.29 6.11
CA ALA B 700 -0.08 -11.35 5.03
C ALA B 700 1.35 -10.90 5.11
N MET B 701 1.88 -10.50 3.95
CA MET B 701 3.15 -9.81 3.86
C MET B 701 3.17 -8.92 2.63
N TRP B 702 3.45 -7.64 2.83
CA TRP B 702 3.68 -6.72 1.74
C TRP B 702 5.19 -6.56 1.58
N TYR B 703 5.64 -6.28 0.35
CA TYR B 703 7.05 -5.98 0.11
C TYR B 703 7.17 -4.57 -0.44
N THR B 704 7.61 -3.67 0.43
CA THR B 704 7.75 -2.27 0.13
C THR B 704 8.66 -2.11 -1.09
N ASP B 705 8.13 -1.48 -2.14
CA ASP B 705 8.85 -1.09 -3.35
C ASP B 705 9.32 -2.26 -4.24
N GLU B 706 8.89 -3.47 -3.91
CA GLU B 706 9.13 -4.60 -4.80
C GLU B 706 8.08 -4.60 -5.91
N ASP B 707 8.50 -4.93 -7.14
CA ASP B 707 7.55 -5.12 -8.21
C ASP B 707 7.02 -6.58 -8.26
N HIS B 708 6.59 -7.02 -9.44
CA HIS B 708 5.97 -8.32 -9.61
C HIS B 708 6.93 -9.48 -9.34
N GLY B 709 8.22 -9.26 -9.58
CA GLY B 709 9.18 -10.36 -9.45
C GLY B 709 9.64 -10.59 -8.02
N ILE B 710 9.39 -9.62 -7.13
CA ILE B 710 9.93 -9.64 -5.75
C ILE B 710 11.36 -10.23 -5.77
N ALA B 711 12.21 -9.58 -6.55
CA ALA B 711 13.45 -10.17 -7.01
C ALA B 711 14.70 -9.52 -6.49
N SER B 712 14.59 -8.37 -5.82
CA SER B 712 15.80 -7.81 -5.23
C SER B 712 16.39 -8.92 -4.34
N SER B 713 17.71 -8.94 -4.21
CA SER B 713 18.33 -10.08 -3.55
C SER B 713 17.83 -10.26 -2.10
N THR B 714 17.68 -9.17 -1.35
CA THR B 714 17.19 -9.27 0.03
C THR B 714 15.70 -9.70 0.13
N ALA B 715 14.83 -9.11 -0.72
CA ALA B 715 13.42 -9.48 -0.74
C ALA B 715 13.17 -10.92 -1.14
N HIS B 716 13.86 -11.35 -2.21
CA HIS B 716 13.84 -12.75 -2.66
C HIS B 716 14.18 -13.74 -1.54
N GLN B 717 15.25 -13.48 -0.80
CA GLN B 717 15.55 -14.33 0.37
C GLN B 717 14.45 -14.25 1.43
N HIS B 718 13.93 -13.04 1.64
CA HIS B 718 12.93 -12.83 2.68
C HIS B 718 11.61 -13.54 2.38
N ILE B 719 11.09 -13.37 1.16
CA ILE B 719 9.84 -14.05 0.79
C ILE B 719 9.94 -15.56 0.92
N TYR B 720 10.97 -16.16 0.35
CA TYR B 720 11.12 -17.63 0.47
C TYR B 720 11.34 -18.11 1.89
N THR B 721 12.05 -17.34 2.69
CA THR B 721 12.22 -17.68 4.10
C THR B 721 10.85 -17.67 4.82
N HIS B 722 10.05 -16.64 4.57
CA HIS B 722 8.75 -16.48 5.20
C HIS B 722 7.79 -17.59 4.77
N MET B 723 7.80 -17.92 3.47
CA MET B 723 6.95 -18.98 2.95
C MET B 723 7.34 -20.36 3.48
N SER B 724 8.65 -20.58 3.63
CA SER B 724 9.16 -21.80 4.21
C SER B 724 8.64 -21.98 5.65
N HIS B 725 8.74 -20.93 6.47
CA HIS B 725 8.18 -21.00 7.83
C HIS B 725 6.70 -21.39 7.80
N PHE B 726 5.94 -20.76 6.88
CA PHE B 726 4.50 -21.02 6.77
C PHE B 726 4.13 -22.45 6.40
N ILE B 727 4.82 -23.00 5.39
CA ILE B 727 4.62 -24.39 4.96
C ILE B 727 5.03 -25.36 6.09
N LYS B 728 6.19 -25.12 6.68
CA LYS B 728 6.68 -25.97 7.80
C LYS B 728 5.69 -25.99 8.97
N GLN B 729 5.16 -24.83 9.34
CA GLN B 729 4.14 -24.75 10.38
C GLN B 729 2.85 -25.46 9.95
N CYS B 730 2.41 -25.23 8.72
CA CYS B 730 1.23 -25.94 8.21
C CYS B 730 1.39 -27.47 8.27
N PHE B 731 2.59 -27.98 8.02
CA PHE B 731 2.83 -29.42 7.95
C PHE B 731 3.34 -30.06 9.24
N SER B 732 3.47 -29.27 10.30
CA SER B 732 3.96 -29.77 11.59
C SER B 732 2.89 -30.62 12.26
N LEU B 733 3.31 -31.79 12.73
CA LEU B 733 2.39 -32.83 13.21
C LEU B 733 2.05 -32.69 14.70
N PRO B 734 0.73 -32.63 15.01
CA PRO B 734 0.17 -32.64 16.37
C PRO B 734 0.89 -33.62 17.32
C1 NAG C . -41.61 20.56 35.82
C2 NAG C . -42.00 21.17 34.46
C3 NAG C . -42.28 22.68 34.58
C4 NAG C . -43.27 23.00 35.69
C5 NAG C . -42.80 22.34 36.98
C6 NAG C . -43.91 22.46 38.03
C7 NAG C . -40.96 19.90 32.66
C8 NAG C . -39.76 19.80 31.75
N2 NAG C . -40.94 20.92 33.52
O3 NAG C . -42.82 23.17 33.37
O4 NAG C . -43.44 24.40 35.83
O5 NAG C . -42.53 20.96 36.82
O6 NAG C . -43.42 23.23 39.12
O7 NAG C . -41.86 19.07 32.58
C1 FUL C . -43.64 22.50 40.35
C2 FUL C . -42.95 23.21 41.52
O2 FUL C . -43.30 24.58 41.54
C3 FUL C . -43.34 22.53 42.82
O3 FUL C . -42.57 23.08 43.88
C4 FUL C . -43.17 21.00 42.77
O4 FUL C . -41.83 20.66 42.98
C5 FUL C . -43.67 20.41 41.43
C6 FUL C . -43.32 18.93 41.26
O5 FUL C . -43.16 21.17 40.34
C1 NAG D . -24.28 42.92 21.16
C2 NAG D . -25.50 43.81 21.23
C3 NAG D . -25.35 44.99 20.27
C4 NAG D . -24.00 45.68 20.44
C5 NAG D . -22.89 44.60 20.37
C6 NAG D . -21.49 45.17 20.43
C7 NAG D . -27.71 42.82 21.68
C8 NAG D . -28.81 42.01 21.06
N2 NAG D . -26.68 43.06 20.85
O3 NAG D . -26.40 45.92 20.45
O4 NAG D . -23.87 46.62 19.40
O5 NAG D . -23.08 43.62 21.38
O6 NAG D . -21.34 45.91 21.63
O7 NAG D . -27.80 43.20 22.86
C1 NAG D . -23.67 47.96 19.88
C2 NAG D . -23.42 48.85 18.66
C3 NAG D . -23.42 50.35 18.97
C4 NAG D . -24.54 50.77 19.91
C5 NAG D . -24.76 49.76 21.06
C6 NAG D . -26.11 50.03 21.71
C7 NAG D . -22.10 47.67 16.96
C8 NAG D . -20.73 47.38 16.44
N2 NAG D . -22.17 48.47 18.02
O3 NAG D . -23.55 51.07 17.75
O4 NAG D . -24.25 52.03 20.47
O5 NAG D . -24.78 48.42 20.61
O6 NAG D . -25.96 50.09 23.11
O7 NAG D . -23.07 47.15 16.41
C1 NAG E . -16.62 41.46 -1.46
C2 NAG E . -16.69 41.12 -2.95
C3 NAG E . -15.50 40.26 -3.33
C4 NAG E . -14.17 40.94 -2.95
C5 NAG E . -14.23 41.34 -1.47
C6 NAG E . -13.04 42.18 -0.96
C7 NAG E . -18.89 40.97 -4.04
C8 NAG E . -20.12 40.15 -4.27
N2 NAG E . -17.93 40.44 -3.26
O3 NAG E . -15.54 39.97 -4.70
O4 NAG E . -13.09 40.05 -3.18
O5 NAG E . -15.39 42.10 -1.22
O6 NAG E . -12.72 43.29 -1.78
O7 NAG E . -18.78 42.07 -4.56
C1 NAG E . -12.11 40.61 -4.08
C2 NAG E . -10.80 39.88 -3.83
C3 NAG E . -9.73 40.32 -4.82
C4 NAG E . -10.22 40.17 -6.27
C5 NAG E . -11.53 40.96 -6.42
C6 NAG E . -12.09 40.86 -7.84
C7 NAG E . -10.48 39.26 -1.47
C8 NAG E . -9.96 39.71 -0.13
N2 NAG E . -10.35 40.14 -2.47
O3 NAG E . -8.56 39.56 -4.60
O4 NAG E . -9.24 40.62 -7.18
O5 NAG E . -12.49 40.51 -5.46
O6 NAG E . -13.04 39.82 -7.98
O7 NAG E . -10.99 38.15 -1.61
C1 NAG F . 13.60 28.34 22.30
C2 NAG F . 14.54 29.13 23.19
C3 NAG F . 15.78 29.55 22.39
C4 NAG F . 16.48 28.27 21.90
C5 NAG F . 15.51 27.32 21.17
C6 NAG F . 16.10 25.91 21.02
C7 NAG F . 13.83 30.27 25.16
C8 NAG F . 13.11 31.41 25.80
N2 NAG F . 13.85 30.24 23.83
O3 NAG F . 16.65 30.32 23.21
O4 NAG F . 17.55 28.60 21.03
O5 NAG F . 14.27 27.17 21.86
O6 NAG F . 16.20 25.26 22.26
O7 NAG F . 14.35 29.41 25.88
C1 NAG F . 18.83 28.34 21.64
C2 NAG F . 19.85 28.21 20.51
C3 NAG F . 21.29 28.03 21.03
C4 NAG F . 21.63 29.10 22.09
C5 NAG F . 20.51 29.22 23.15
C6 NAG F . 20.74 30.45 24.04
C7 NAG F . 18.88 27.22 18.43
C8 NAG F . 18.60 28.59 17.87
N2 NAG F . 19.47 27.11 19.64
O3 NAG F . 22.23 28.12 19.99
O4 NAG F . 22.87 28.81 22.69
O5 NAG F . 19.22 29.35 22.57
O6 NAG F . 20.71 31.62 23.26
O7 NAG F . 18.59 26.20 17.78
C1 NAG G . 40.71 -21.61 -37.04
C2 NAG G . 41.23 -20.19 -37.16
C3 NAG G . 40.99 -19.71 -38.59
C4 NAG G . 42.00 -20.48 -39.43
C5 NAG G . 41.89 -22.01 -39.23
C6 NAG G . 43.23 -22.74 -39.35
C7 NAG G . 39.75 -18.66 -35.67
C8 NAG G . 38.52 -18.73 -36.51
N2 NAG G . 40.87 -19.31 -36.04
O3 NAG G . 41.18 -18.32 -38.69
O4 NAG G . 41.87 -20.10 -40.79
O5 NAG G . 41.42 -22.45 -37.95
O6 NAG G . 43.30 -23.80 -40.29
O7 NAG G . 39.73 -18.00 -34.64
C1 FUL G . 42.92 -25.14 -39.86
C2 FUL G . 43.92 -25.85 -38.92
O2 FUL G . 44.19 -25.08 -37.75
C3 FUL G . 43.35 -27.22 -38.50
O3 FUL G . 44.28 -27.95 -37.71
C4 FUL G . 42.89 -28.07 -39.71
O4 FUL G . 43.97 -28.76 -40.32
C5 FUL G . 42.10 -27.23 -40.74
C6 FUL G . 41.90 -28.01 -42.05
O5 FUL G . 42.72 -25.97 -40.99
C1 NAG H . 19.40 -3.20 -49.93
C2 NAG H . 20.58 -2.88 -50.85
C3 NAG H . 20.23 -1.72 -51.78
C4 NAG H . 18.82 -1.81 -52.36
C5 NAG H . 17.81 -2.22 -51.28
C6 NAG H . 16.38 -2.35 -51.79
C7 NAG H . 22.86 -3.25 -50.04
C8 NAG H . 23.95 -2.76 -49.12
N2 NAG H . 21.73 -2.55 -50.03
O3 NAG H . 21.20 -1.70 -52.81
O4 NAG H . 18.46 -0.55 -52.89
O5 NAG H . 18.21 -3.43 -50.65
O6 NAG H . 16.34 -3.29 -52.84
O7 NAG H . 23.04 -4.24 -50.75
C1 NAG H . 18.07 -0.61 -54.28
C2 NAG H . 17.50 0.77 -54.66
C3 NAG H . 17.29 0.93 -56.17
C4 NAG H . 18.52 0.47 -56.94
C5 NAG H . 18.76 -0.99 -56.54
C6 NAG H . 19.79 -1.74 -57.38
C7 NAG H . 16.09 1.80 -52.90
C8 NAG H . 14.70 1.83 -52.34
N2 NAG H . 16.25 0.98 -53.94
O3 NAG H . 17.00 2.27 -56.50
O4 NAG H . 18.36 0.64 -58.34
O5 NAG H . 19.12 -1.01 -55.17
O6 NAG H . 21.06 -1.14 -57.24
O7 NAG H . 16.98 2.50 -52.40
C1 NAG I . -3.28 10.87 -30.17
C2 NAG I . -3.11 11.91 -31.28
C3 NAG I . -3.94 13.17 -31.03
C4 NAG I . -5.41 12.85 -30.74
C5 NAG I . -5.48 11.75 -29.67
C6 NAG I . -6.90 11.25 -29.44
C7 NAG I . -0.99 11.87 -32.52
C8 NAG I . 0.42 12.39 -32.59
N2 NAG I . -1.72 12.30 -31.49
O3 NAG I . -3.86 14.02 -32.16
O4 NAG I . -6.05 14.03 -30.30
O5 NAG I . -4.67 10.63 -30.01
O6 NAG I . -6.84 10.12 -28.60
O7 NAG I . -1.40 11.07 -33.38
C1 NAG I . -7.17 14.38 -31.12
C2 NAG I . -8.14 15.22 -30.28
C3 NAG I . -9.26 15.85 -31.11
C4 NAG I . -8.72 16.57 -32.34
C5 NAG I . -7.80 15.61 -33.13
C6 NAG I . -7.13 16.33 -34.30
C7 NAG I . -8.32 14.44 -27.96
C8 NAG I . -9.05 13.55 -26.99
N2 NAG I . -8.74 14.41 -29.24
O3 NAG I . -9.99 16.78 -30.34
O4 NAG I . -9.80 17.06 -33.12
O5 NAG I . -6.77 15.08 -32.29
O6 NAG I . -5.96 17.00 -33.85
O7 NAG I . -7.40 15.15 -27.58
C1 NAG J . -15.35 -13.98 -31.77
C2 NAG J . -16.29 -14.70 -32.74
C3 NAG J . -17.67 -14.05 -32.72
C4 NAG J . -18.23 -14.06 -31.31
C5 NAG J . -17.21 -13.42 -30.34
C6 NAG J . -17.65 -13.54 -28.87
C7 NAG J . -15.56 -16.00 -34.65
C8 NAG J . -14.98 -16.02 -36.03
N2 NAG J . -15.74 -14.80 -34.09
O3 NAG J . -18.55 -14.73 -33.59
O4 NAG J . -19.46 -13.34 -31.30
O5 NAG J . -15.92 -14.02 -30.48
O6 NAG J . -17.78 -14.90 -28.49
O7 NAG J . -15.85 -17.07 -34.10
C1 NAG J . -20.57 -14.20 -30.98
C2 NAG J . -21.62 -13.36 -30.25
C3 NAG J . -22.96 -14.08 -30.10
C4 NAG J . -23.42 -14.62 -31.46
C5 NAG J . -22.31 -15.53 -32.01
C6 NAG J . -22.67 -16.14 -33.37
C7 NAG J . -20.75 -11.74 -28.67
C8 NAG J . -20.25 -11.53 -27.28
N2 NAG J . -21.11 -12.98 -28.95
O3 NAG J . -23.94 -13.20 -29.56
O4 NAG J . -24.66 -15.30 -31.33
O5 NAG J . -21.10 -14.80 -32.15
O6 NAG J . -22.38 -15.22 -34.40
O7 NAG J . -20.80 -10.80 -29.49
O20 LF7 K . -1.61 11.54 16.46
C14 LF7 K . -0.62 12.01 17.01
N15 LF7 K . 0.47 11.19 17.30
C19 LF7 K . 1.76 11.87 17.47
C18 LF7 K . 2.79 10.78 17.25
C17 LF7 K . 2.15 9.86 16.23
C16 LF7 K . 0.66 10.00 16.44
C20 LF7 K . 0.23 8.81 17.26
N2 LF7 K . 0.04 8.96 18.51
C13 LF7 K . -0.60 13.47 17.46
N12 LF7 K . -1.93 14.06 17.59
C7 LF7 K . -2.73 14.03 18.83
C8 LF7 K . -2.77 12.60 19.41
C1 LF7 K . -3.57 12.54 20.71
C2 LF7 K . -3.00 13.54 21.74
C10 LF7 K . -3.02 14.97 21.18
C9 LF7 K . -2.16 14.98 19.90
C5 LF7 K . -4.47 15.36 20.83
C21 LF7 K . -5.00 12.95 20.36
C3 LF7 K . -5.03 14.36 19.79
O4 LF7 K . -6.40 14.63 19.49
C6 LF7 K . -4.18 14.47 18.52
C1 GOL L . 12.29 23.06 20.51
O1 GOL L . 13.66 22.90 20.23
C2 GOL L . 12.09 23.10 22.03
O2 GOL L . 12.84 24.16 22.59
C3 GOL L . 10.63 23.24 22.42
O3 GOL L . 9.92 24.09 21.53
C1 NAG M . -40.81 5.55 20.73
C2 NAG M . -39.91 4.30 20.70
C3 NAG M . -40.61 3.12 21.38
C4 NAG M . -41.13 3.47 22.78
C5 NAG M . -41.84 4.84 22.84
C6 NAG M . -41.94 5.28 24.30
C7 NAG M . -38.30 3.93 18.83
C8 NAG M . -38.18 3.52 17.40
N2 NAG M . -39.56 3.94 19.33
O3 NAG M . -39.74 2.00 21.50
O4 NAG M . -41.96 2.42 23.25
O5 NAG M . -41.20 5.85 22.08
O6 NAG M . -42.80 6.39 24.48
O7 NAG M . -37.31 4.24 19.47
C1 NAG N . -29.01 17.26 -1.98
C2 NAG N . -30.13 18.25 -2.31
C3 NAG N . -31.43 17.53 -2.66
C4 NAG N . -31.18 16.58 -3.84
C5 NAG N . -30.10 15.54 -3.48
C6 NAG N . -29.64 14.80 -4.74
C7 NAG N . -30.06 20.48 -1.33
C8 NAG N . -30.29 21.36 -0.12
N2 NAG N . -30.33 19.18 -1.21
O3 NAG N . -32.41 18.47 -3.01
O4 NAG N . -32.41 15.99 -4.26
O5 NAG N . -28.94 16.12 -2.84
O6 NAG N . -28.84 13.66 -4.45
O7 NAG N . -29.64 21.00 -2.37
C1 NAG O . -1.69 32.18 -0.65
C2 NAG O . -2.26 33.46 -1.25
C3 NAG O . -1.77 33.70 -2.68
C4 NAG O . -0.25 33.70 -2.71
C5 NAG O . 0.28 32.46 -1.98
C6 NAG O . 1.80 32.45 -1.82
C7 NAG O . -4.52 34.15 -0.52
C8 NAG O . -3.91 34.81 0.67
N2 NAG O . -3.71 33.50 -1.36
O3 NAG O . -2.30 34.92 -3.13
O4 NAG O . 0.23 33.85 -4.04
O5 NAG O . -0.28 32.35 -0.68
O6 NAG O . 2.17 31.28 -1.13
O7 NAG O . -5.75 34.17 -0.70
O20 LF7 P . 1.93 -11.33 -16.25
C14 LF7 P . 0.94 -11.84 -16.75
N15 LF7 P . 0.08 -12.58 -15.95
C19 LF7 P . -1.28 -12.86 -16.47
C18 LF7 P . -2.18 -13.03 -15.25
C17 LF7 P . -1.50 -12.20 -14.17
C16 LF7 P . -0.03 -12.20 -14.52
C20 LF7 P . 0.61 -13.31 -13.72
N2 LF7 P . 0.82 -14.42 -14.29
C13 LF7 P . 0.73 -11.76 -18.25
N12 LF7 P . 1.96 -11.53 -18.99
C7 LF7 P . 2.80 -12.64 -19.45
C8 LF7 P . 3.10 -13.61 -18.29
C1 LF7 P . 3.97 -14.77 -18.77
C2 LF7 P . 3.20 -15.50 -19.89
C10 LF7 P . 2.96 -14.54 -21.06
C9 LF7 P . 2.09 -13.37 -20.59
C5 LF7 P . 4.30 -13.98 -21.62
C21 LF7 P . 5.28 -14.23 -19.33
C3 LF7 P . 5.01 -13.24 -20.49
O4 LF7 P . 6.25 -12.70 -20.96
C6 LF7 P . 4.12 -12.09 -19.98
C1 GOL Q . -13.23 -13.36 -26.91
O1 GOL Q . -14.34 -13.69 -26.10
C2 GOL Q . -12.95 -14.48 -27.90
O2 GOL Q . -13.81 -15.58 -27.72
C3 GOL Q . -11.50 -14.96 -27.78
O3 GOL Q . -10.64 -13.85 -27.86
C1 NAG R . 26.06 11.68 -19.78
C2 NAG R . 26.51 12.73 -20.82
C3 NAG R . 27.85 13.40 -20.44
C4 NAG R . 27.85 13.87 -18.98
C5 NAG R . 27.53 12.66 -18.09
C6 NAG R . 27.58 12.97 -16.59
C7 NAG R . 26.03 12.71 -23.23
C8 NAG R . 26.22 12.01 -24.55
N2 NAG R . 26.61 12.16 -22.15
O3 NAG R . 28.08 14.48 -21.31
O4 NAG R . 29.08 14.49 -18.63
O5 NAG R . 26.25 12.15 -18.46
O6 NAG R . 26.64 13.98 -16.24
O7 NAG R . 25.36 13.73 -23.19
C1 NAG S . 11.03 19.38 -38.73
C2 NAG S . 11.48 20.85 -38.79
C3 NAG S . 11.46 21.53 -37.41
C4 NAG S . 10.09 21.36 -36.76
C5 NAG S . 9.74 19.87 -36.70
C6 NAG S . 8.39 19.63 -36.02
C7 NAG S . 13.01 21.20 -40.68
C8 NAG S . 14.44 21.34 -41.09
N2 NAG S . 12.81 20.99 -39.37
O3 NAG S . 11.76 22.90 -37.55
O4 NAG S . 10.07 21.99 -35.48
O5 NAG S . 9.79 19.28 -38.01
O6 NAG S . 7.30 19.66 -36.91
O7 NAG S . 12.11 21.28 -41.52
#